data_9EKW
#
_entry.id   9EKW
#
_cell.length_a   1.00
_cell.length_b   1.00
_cell.length_c   1.00
_cell.angle_alpha   90.00
_cell.angle_beta   90.00
_cell.angle_gamma   90.00
#
_symmetry.space_group_name_H-M   'P 1'
#
_entity_poly.entity_id   1
_entity_poly.type   'polypeptide(L)'
_entity_poly.pdbx_seq_one_letter_code
;MARQPYRFPQARIPERGSGVFRLTVRNAMAHRDSEMKEECLREDLKFYFMSPCEKYRARRQIPWKLGLQILKIVMVTTQL
VRFGLSNQLVVAFKEDNTVAFKHLFLKGYSGTDEDDYSCSVYTQEDAYESIFFAINQYHQLKDITLGTLGYGENEDNRIG
LKVCKQHYKKGTMFPSNETLNIDNDVELDCVQLDLQDLSKKPPDWKNSSFFRLEFYRLLQVEISFHLKGIDLQTIHSREL
PDCYVFQNTIIFDNKAHSGKIKIYFDSDAKIEECKDLNIFGSTQKNAQYVLVFDAFVIVICLASLILCTRSIVLALRLRK
RFLNFFLEKYKRPVCDTDQWEFINGWYVLVIISDLMTIIGSILKMEIKAKNLTNYDLCSIFLGTSTLLVWVGVIRYLGYF
QAYNVLILTMQASLPKVLRFCACAGMIYLGYTFCGWIVLGPYHDKFENLNTVAECLFSLVNGDDMFATFAQIQQKSILVW
LFSRLYLYSFISLFIYMILSLFIALITDSYDTIKKFQQNGFPETDLQEFLKECSSKEEYQKESSAFLSCICCRRRKRSDD
HLIPIS
;
_entity_poly.pdbx_strand_id   A,B,C,D
#
# COMPACT_ATOMS: atom_id res chain seq x y z
N LEU A 41 -51.20 37.34 13.78
CA LEU A 41 -49.73 37.57 13.82
C LEU A 41 -49.04 36.34 14.44
N ARG A 42 -49.62 35.77 15.50
CA ARG A 42 -49.06 34.54 16.10
C ARG A 42 -49.14 33.43 15.04
N GLU A 43 -50.28 33.29 14.37
CA GLU A 43 -50.43 32.27 13.30
C GLU A 43 -49.42 32.56 12.19
N ASP A 44 -49.22 33.85 11.86
CA ASP A 44 -48.24 34.23 10.80
C ASP A 44 -46.86 33.69 11.19
N LEU A 45 -46.43 33.97 12.42
CA LEU A 45 -45.08 33.53 12.87
C LEU A 45 -45.03 32.00 12.84
N LYS A 46 -46.13 31.37 13.27
CA LYS A 46 -46.19 29.89 13.26
C LYS A 46 -46.05 29.42 11.81
N PHE A 47 -46.81 30.01 10.90
CA PHE A 47 -46.70 29.64 9.48
C PHE A 47 -45.26 29.87 9.02
N TYR A 48 -44.71 31.06 9.30
CA TYR A 48 -43.35 31.40 8.81
C TYR A 48 -42.30 30.42 9.34
N PHE A 49 -42.51 29.90 10.55
CA PHE A 49 -41.46 29.04 11.16
C PHE A 49 -41.73 27.54 10.94
N MET A 50 -42.88 27.16 10.37
CA MET A 50 -43.14 25.69 10.30
C MET A 50 -42.47 24.99 9.11
N SER A 51 -43.08 23.90 8.65
CA SER A 51 -42.59 23.18 7.47
C SER A 51 -43.62 23.20 6.36
N PRO A 52 -43.19 22.92 5.11
CA PRO A 52 -44.16 22.89 4.00
C PRO A 52 -45.18 21.77 4.11
N CYS A 53 -44.85 20.66 4.75
CA CYS A 53 -45.84 19.59 4.91
C CYS A 53 -47.01 20.05 5.77
N GLU A 54 -46.72 20.84 6.80
CA GLU A 54 -47.79 21.42 7.61
C GLU A 54 -48.37 22.67 6.96
N LYS A 55 -47.53 23.46 6.29
CA LYS A 55 -48.00 24.68 5.65
C LYS A 55 -48.97 24.39 4.51
N TYR A 56 -48.87 23.20 3.90
CA TYR A 56 -49.74 22.85 2.78
C TYR A 56 -51.21 22.83 3.17
N ARG A 57 -51.52 22.69 4.46
CA ARG A 57 -52.91 22.56 4.88
C ARG A 57 -53.66 23.90 4.82
N ALA A 58 -52.95 25.00 4.60
CA ALA A 58 -53.64 26.25 4.28
C ALA A 58 -54.28 26.13 2.90
N ARG A 59 -55.46 26.74 2.75
CA ARG A 59 -56.32 26.45 1.60
C ARG A 59 -55.74 26.92 0.26
N ARG A 60 -54.66 27.70 0.24
CA ARG A 60 -54.09 28.15 -1.02
C ARG A 60 -52.58 27.96 -1.11
N GLN A 61 -51.97 27.28 -0.14
CA GLN A 61 -50.51 27.26 -0.01
C GLN A 61 -49.91 26.01 -0.67
N ILE A 62 -49.86 26.04 -2.00
CA ILE A 62 -49.21 24.95 -2.74
C ILE A 62 -47.70 25.13 -2.68
N PRO A 63 -46.92 24.04 -2.60
CA PRO A 63 -45.46 24.16 -2.44
C PRO A 63 -44.67 24.37 -3.73
N TRP A 64 -45.05 25.36 -4.54
CA TRP A 64 -44.32 25.66 -5.76
C TRP A 64 -42.91 26.18 -5.50
N LYS A 65 -42.71 26.89 -4.39
CA LYS A 65 -41.38 27.37 -4.04
C LYS A 65 -40.41 26.23 -3.80
N LEU A 66 -40.93 25.06 -3.39
CA LEU A 66 -40.09 23.87 -3.27
C LEU A 66 -39.95 23.14 -4.61
N GLY A 67 -41.00 23.18 -5.43
CA GLY A 67 -40.92 22.58 -6.76
C GLY A 67 -39.82 23.18 -7.60
N LEU A 68 -39.60 24.49 -7.47
CA LEU A 68 -38.50 25.11 -8.21
C LEU A 68 -37.16 24.50 -7.83
N GLN A 69 -36.92 24.29 -6.53
CA GLN A 69 -35.68 23.67 -6.10
C GLN A 69 -35.58 22.23 -6.59
N ILE A 70 -36.69 21.49 -6.55
CA ILE A 70 -36.66 20.10 -6.99
C ILE A 70 -36.31 20.02 -8.46
N LEU A 71 -36.77 20.99 -9.26
CA LEU A 71 -36.32 21.10 -10.64
C LEU A 71 -34.83 21.45 -10.70
N LYS A 72 -34.38 22.36 -9.82
CA LYS A 72 -33.04 22.91 -9.92
C LYS A 72 -31.97 21.85 -9.69
N ILE A 73 -32.17 20.98 -8.69
CA ILE A 73 -31.17 19.93 -8.45
C ILE A 73 -30.95 19.11 -9.71
N VAL A 74 -32.04 18.67 -10.34
CA VAL A 74 -31.94 17.81 -11.52
C VAL A 74 -31.25 18.57 -12.66
N MET A 75 -31.67 19.81 -12.90
CA MET A 75 -31.10 20.56 -14.02
C MET A 75 -29.60 20.80 -13.83
N VAL A 76 -29.19 21.19 -12.62
CA VAL A 76 -27.77 21.44 -12.37
C VAL A 76 -26.96 20.15 -12.47
N THR A 77 -27.48 19.05 -11.90
CA THR A 77 -26.74 17.80 -11.94
C THR A 77 -26.57 17.30 -13.37
N THR A 78 -27.62 17.42 -14.19
CA THR A 78 -27.49 16.99 -15.58
C THR A 78 -26.55 17.91 -16.37
N GLN A 79 -26.55 19.21 -16.06
CA GLN A 79 -25.56 20.10 -16.68
C GLN A 79 -24.14 19.63 -16.35
N LEU A 80 -23.90 19.30 -15.09
CA LEU A 80 -22.57 18.83 -14.70
C LEU A 80 -22.22 17.53 -15.41
N VAL A 81 -23.17 16.60 -15.48
CA VAL A 81 -22.88 15.30 -16.09
C VAL A 81 -22.57 15.45 -17.57
N ARG A 82 -23.36 16.25 -18.29
CA ARG A 82 -23.12 16.44 -19.71
C ARG A 82 -21.79 17.16 -19.95
N PHE A 83 -21.49 18.16 -19.11
CA PHE A 83 -20.22 18.86 -19.23
C PHE A 83 -19.04 17.91 -19.02
N GLY A 84 -19.12 17.07 -17.99
CA GLY A 84 -18.03 16.14 -17.72
C GLY A 84 -17.85 15.11 -18.81
N LEU A 85 -18.95 14.57 -19.33
CA LEU A 85 -18.84 13.57 -20.37
C LEU A 85 -18.31 14.18 -21.66
N SER A 86 -18.59 15.46 -21.92
CA SER A 86 -18.00 16.11 -23.08
C SER A 86 -16.51 16.39 -22.86
N ASN A 87 -16.16 16.93 -21.70
CA ASN A 87 -14.77 17.30 -21.38
C ASN A 87 -13.86 16.08 -21.44
N GLN A 88 -14.34 14.93 -20.95
CA GLN A 88 -13.51 13.75 -20.84
C GLN A 88 -12.95 13.30 -22.19
N LEU A 89 -13.75 13.40 -23.25
CA LEU A 89 -13.30 12.92 -24.56
C LEU A 89 -12.16 13.77 -25.11
N VAL A 90 -12.29 15.09 -25.02
CA VAL A 90 -11.23 15.99 -25.48
C VAL A 90 -9.96 15.77 -24.68
N VAL A 91 -10.08 15.64 -23.37
CA VAL A 91 -8.91 15.38 -22.53
C VAL A 91 -8.25 14.07 -22.93
N ALA A 92 -9.05 13.02 -23.17
CA ALA A 92 -8.50 11.73 -23.53
C ALA A 92 -7.76 11.79 -24.87
N PHE A 93 -8.32 12.48 -25.87
CA PHE A 93 -7.63 12.58 -27.14
C PHE A 93 -6.30 13.32 -26.99
N LYS A 94 -6.31 14.46 -26.29
CA LYS A 94 -5.10 15.24 -26.14
C LYS A 94 -4.01 14.45 -25.41
N GLU A 95 -4.38 13.74 -24.36
CA GLU A 95 -3.38 13.02 -23.59
C GLU A 95 -2.88 11.76 -24.31
N ASP A 96 -3.75 11.09 -25.07
CA ASP A 96 -3.30 9.97 -25.88
C ASP A 96 -2.28 10.44 -26.91
N ASN A 97 -2.54 11.57 -27.55
CA ASN A 97 -1.57 12.12 -28.50
C ASN A 97 -0.27 12.51 -27.81
N THR A 98 -0.35 13.06 -26.60
CA THR A 98 0.88 13.39 -25.86
C THR A 98 1.72 12.14 -25.60
N VAL A 99 1.07 11.05 -25.18
CA VAL A 99 1.82 9.81 -24.92
C VAL A 99 2.43 9.26 -26.20
N ALA A 100 1.68 9.30 -27.30
CA ALA A 100 2.22 8.84 -28.58
C ALA A 100 3.43 9.68 -29.00
N PHE A 101 3.37 11.00 -28.80
CA PHE A 101 4.51 11.86 -29.12
C PHE A 101 5.72 11.52 -28.26
N LYS A 102 5.51 11.26 -26.97
CA LYS A 102 6.61 10.86 -26.11
C LYS A 102 7.27 9.59 -26.61
N HIS A 103 6.47 8.60 -26.99
CA HIS A 103 7.05 7.36 -27.52
C HIS A 103 7.78 7.60 -28.84
N LEU A 104 7.26 8.51 -29.68
CA LEU A 104 7.87 8.71 -31.00
C LEU A 104 9.20 9.44 -30.89
N PHE A 105 9.27 10.52 -30.10
CA PHE A 105 10.39 11.43 -30.18
C PHE A 105 11.40 11.32 -29.05
N LEU A 106 11.14 10.55 -28.01
CA LEU A 106 12.08 10.37 -26.91
C LEU A 106 12.74 9.00 -27.02
N LYS A 107 14.07 8.99 -27.06
CA LYS A 107 14.81 7.74 -27.21
C LYS A 107 14.71 6.91 -25.93
N GLY A 108 14.33 5.65 -26.10
CA GLY A 108 14.28 4.74 -24.97
C GLY A 108 13.23 5.06 -23.93
N TYR A 109 12.17 5.77 -24.31
CA TYR A 109 11.12 6.11 -23.36
C TYR A 109 10.38 4.84 -22.93
N SER A 110 10.22 4.68 -21.61
CA SER A 110 9.69 3.45 -21.04
C SER A 110 8.18 3.46 -20.87
N GLY A 111 7.50 4.57 -21.16
CA GLY A 111 6.07 4.66 -21.03
C GLY A 111 5.59 5.34 -19.76
N THR A 112 6.47 5.55 -18.78
CA THR A 112 6.13 6.28 -17.56
C THR A 112 7.18 7.35 -17.33
N ASP A 113 6.73 8.56 -16.98
CA ASP A 113 7.62 9.67 -16.72
C ASP A 113 8.35 9.47 -15.39
N GLU A 114 9.41 10.25 -15.21
CA GLU A 114 9.96 10.46 -13.87
C GLU A 114 9.10 11.52 -13.18
N ASP A 115 9.53 11.97 -12.00
CA ASP A 115 8.63 12.68 -11.10
C ASP A 115 8.08 13.97 -11.70
N ASP A 116 8.86 14.68 -12.52
CA ASP A 116 8.32 15.82 -13.23
C ASP A 116 8.81 15.92 -14.67
N TYR A 117 9.57 14.94 -15.16
CA TYR A 117 10.16 14.99 -16.49
C TYR A 117 10.19 13.59 -17.08
N SER A 118 10.15 13.52 -18.41
CA SER A 118 9.92 12.25 -19.08
C SER A 118 11.09 11.28 -18.87
N CYS A 119 12.32 11.73 -19.13
CA CYS A 119 13.47 10.85 -18.99
C CYS A 119 14.71 11.72 -18.80
N SER A 120 15.80 11.06 -18.42
CA SER A 120 17.05 11.75 -18.14
C SER A 120 18.21 10.96 -18.72
N VAL A 121 19.32 11.66 -18.96
CA VAL A 121 20.55 11.07 -19.47
C VAL A 121 21.72 11.56 -18.62
N TYR A 122 22.67 10.68 -18.37
CA TYR A 122 23.81 11.00 -17.51
C TYR A 122 25.15 11.00 -18.23
N THR A 123 25.18 10.79 -19.54
CA THR A 123 26.41 10.61 -20.28
C THR A 123 26.43 11.54 -21.48
N GLN A 124 27.61 12.07 -21.80
CA GLN A 124 27.74 13.05 -22.87
C GLN A 124 27.29 12.49 -24.21
N GLU A 125 27.50 11.19 -24.46
CA GLU A 125 27.06 10.60 -25.72
C GLU A 125 25.55 10.36 -25.76
N ASP A 126 24.95 10.04 -24.63
CA ASP A 126 23.51 9.81 -24.60
C ASP A 126 22.74 11.07 -24.96
N ALA A 127 23.23 12.24 -24.53
CA ALA A 127 22.57 13.49 -24.87
C ALA A 127 22.56 13.73 -26.38
N TYR A 128 23.71 13.52 -27.03
CA TYR A 128 23.77 13.65 -28.48
C TYR A 128 22.84 12.66 -29.16
N GLU A 129 22.82 11.41 -28.68
CA GLU A 129 21.98 10.41 -29.31
C GLU A 129 20.50 10.78 -29.20
N SER A 130 20.08 11.25 -28.03
CA SER A 130 18.67 11.65 -27.88
C SER A 130 18.34 12.86 -28.75
N ILE A 131 19.25 13.85 -28.79
CA ILE A 131 19.00 15.07 -29.55
C ILE A 131 18.86 14.74 -31.03
N PHE A 132 19.76 13.91 -31.56
CA PHE A 132 19.67 13.53 -32.97
C PHE A 132 18.51 12.60 -33.25
N PHE A 133 18.14 11.77 -32.26
CA PHE A 133 17.00 10.88 -32.44
C PHE A 133 15.71 11.66 -32.62
N ALA A 134 15.52 12.71 -31.82
CA ALA A 134 14.31 13.51 -31.95
C ALA A 134 14.19 14.11 -33.35
N ILE A 135 15.29 14.65 -33.87
CA ILE A 135 15.26 15.26 -35.19
C ILE A 135 15.03 14.22 -36.27
N ASN A 136 15.69 13.06 -36.18
CA ASN A 136 15.52 12.03 -37.19
C ASN A 136 14.10 11.49 -37.18
N GLN A 137 13.49 11.34 -36.00
CA GLN A 137 12.10 10.89 -35.95
C GLN A 137 11.16 11.95 -36.50
N TYR A 138 11.46 13.23 -36.28
CA TYR A 138 10.64 14.26 -36.92
C TYR A 138 10.76 14.19 -38.44
N HIS A 139 11.97 13.92 -38.95
CA HIS A 139 12.17 13.85 -40.40
C HIS A 139 11.33 12.73 -41.03
N GLN A 140 11.19 11.61 -40.33
CA GLN A 140 10.57 10.41 -40.86
C GLN A 140 9.11 10.25 -40.44
N LEU A 141 8.49 11.30 -39.91
CA LEU A 141 7.18 11.16 -39.25
C LEU A 141 6.14 10.49 -40.14
N LYS A 142 6.10 10.85 -41.43
CA LYS A 142 5.07 10.31 -42.31
C LYS A 142 5.15 8.79 -42.42
N ASP A 143 6.31 8.21 -42.20
CA ASP A 143 6.52 6.78 -42.38
C ASP A 143 6.41 5.97 -41.10
N ILE A 144 6.27 6.60 -39.94
CA ILE A 144 6.30 5.89 -38.68
C ILE A 144 5.08 6.13 -37.81
N THR A 145 4.27 7.16 -38.08
CA THR A 145 3.12 7.46 -37.23
C THR A 145 1.93 6.56 -37.56
N LEU A 146 1.20 6.16 -36.53
CA LEU A 146 -0.02 5.39 -36.69
C LEU A 146 -1.28 6.26 -36.73
N GLY A 147 -1.14 7.57 -36.54
CA GLY A 147 -2.28 8.46 -36.47
C GLY A 147 -2.57 9.15 -37.78
N THR A 148 -3.43 10.17 -37.70
CA THR A 148 -3.80 11.02 -38.83
C THR A 148 -2.90 12.25 -38.93
N LEU A 149 -1.67 12.17 -38.43
CA LEU A 149 -0.84 13.34 -38.21
C LEU A 149 -0.34 13.94 -39.51
N GLY A 150 0.15 15.17 -39.41
CA GLY A 150 0.78 15.89 -40.50
C GLY A 150 1.59 17.04 -39.95
N TYR A 151 2.39 17.65 -40.81
CA TYR A 151 3.24 18.76 -40.40
C TYR A 151 2.46 20.06 -40.33
N GLY A 152 2.80 20.89 -39.35
CA GLY A 152 2.21 22.20 -39.17
C GLY A 152 3.21 23.32 -39.38
N GLU A 153 2.72 24.47 -39.85
CA GLU A 153 3.57 25.62 -40.09
C GLU A 153 4.11 26.18 -38.76
N ASN A 154 5.35 26.64 -38.79
CA ASN A 154 6.02 27.14 -37.60
C ASN A 154 5.87 28.67 -37.50
N GLU A 155 6.62 29.27 -36.57
CA GLU A 155 6.50 30.70 -36.31
C GLU A 155 6.90 31.54 -37.52
N ASP A 156 7.88 31.10 -38.29
CA ASP A 156 8.30 31.79 -39.51
C ASP A 156 7.42 31.44 -40.70
N ASN A 157 6.28 30.78 -40.48
CA ASN A 157 5.38 30.28 -41.50
C ASN A 157 6.02 29.21 -42.38
N ARG A 158 7.25 28.80 -42.06
CA ARG A 158 7.86 27.64 -42.70
C ARG A 158 7.31 26.36 -42.10
N ILE A 159 7.35 25.29 -42.89
CA ILE A 159 7.21 23.94 -42.37
C ILE A 159 8.62 23.48 -42.03
N GLY A 160 8.94 23.40 -40.73
CA GLY A 160 10.31 23.16 -40.36
C GLY A 160 10.44 23.02 -38.85
N LEU A 161 11.66 22.67 -38.45
CA LEU A 161 12.00 22.35 -37.06
C LEU A 161 13.00 23.38 -36.56
N LYS A 162 12.70 23.98 -35.41
CA LYS A 162 13.58 24.97 -34.79
C LYS A 162 14.19 24.41 -33.52
N VAL A 163 15.51 24.52 -33.40
CA VAL A 163 16.25 24.06 -32.23
C VAL A 163 17.17 25.19 -31.76
N CYS A 164 17.26 25.38 -30.44
CA CYS A 164 17.97 26.50 -29.87
C CYS A 164 18.84 26.05 -28.69
N LYS A 165 19.95 26.77 -28.47
CA LYS A 165 20.89 26.49 -27.40
C LYS A 165 21.02 27.68 -26.46
N GLN A 166 21.42 27.43 -25.22
CA GLN A 166 21.64 28.53 -24.26
C GLN A 166 22.92 28.23 -23.48
N HIS A 167 24.02 28.90 -23.82
CA HIS A 167 25.33 28.61 -23.17
C HIS A 167 25.80 29.78 -22.32
N TYR A 168 26.39 29.53 -21.14
CA TYR A 168 26.98 30.65 -20.37
C TYR A 168 28.03 31.27 -21.27
N LYS A 169 28.11 32.60 -21.33
CA LYS A 169 29.00 33.25 -22.33
C LYS A 169 30.49 33.13 -22.00
N LYS A 170 31.35 33.43 -22.97
CA LYS A 170 32.83 33.43 -22.79
C LYS A 170 33.38 32.00 -22.67
N GLY A 171 33.54 31.32 -23.81
CA GLY A 171 34.17 30.01 -23.80
C GLY A 171 35.48 30.02 -23.04
N PRO A 175 40.41 24.43 -20.39
CA PRO A 175 39.96 23.23 -19.69
C PRO A 175 38.50 23.29 -19.25
N SER A 176 38.04 22.27 -18.52
CA SER A 176 36.64 22.25 -18.03
C SER A 176 36.61 22.73 -16.57
N ASN A 177 37.74 23.25 -16.09
CA ASN A 177 37.77 23.79 -14.71
C ASN A 177 39.12 24.40 -14.35
N GLU A 178 39.33 24.74 -13.08
CA GLU A 178 40.54 25.32 -12.51
C GLU A 178 40.82 26.72 -13.06
N THR A 179 40.21 27.08 -14.21
CA THR A 179 40.47 28.37 -14.83
C THR A 179 39.23 28.96 -15.53
N LEU A 180 38.03 28.68 -15.03
CA LEU A 180 36.82 29.00 -15.80
C LEU A 180 36.73 30.49 -16.11
N ASN A 181 36.61 30.81 -17.41
CA ASN A 181 36.55 32.18 -17.90
C ASN A 181 35.13 32.60 -18.26
N ILE A 182 34.14 32.12 -17.51
CA ILE A 182 32.73 32.39 -17.79
C ILE A 182 32.40 33.84 -17.41
N ASP A 183 31.31 34.36 -17.98
CA ASP A 183 30.90 35.74 -17.74
C ASP A 183 29.40 35.91 -17.55
N ASN A 184 28.74 34.89 -16.98
CA ASN A 184 27.53 35.06 -16.19
C ASN A 184 26.27 35.37 -17.00
N ASP A 185 26.36 35.72 -18.28
CA ASP A 185 25.14 35.83 -19.06
C ASP A 185 25.14 34.83 -20.22
N VAL A 186 24.00 34.72 -20.90
CA VAL A 186 23.68 33.57 -21.75
C VAL A 186 23.82 33.93 -23.22
N GLU A 187 24.57 33.10 -23.95
CA GLU A 187 24.49 33.11 -25.41
C GLU A 187 23.23 32.38 -25.87
N LEU A 188 22.50 32.99 -26.79
CA LEU A 188 21.33 32.36 -27.39
C LEU A 188 21.65 32.10 -28.86
N ASP A 189 21.54 30.85 -29.28
CA ASP A 189 21.70 30.47 -30.68
C ASP A 189 20.51 29.64 -31.12
N CYS A 190 20.06 29.86 -32.34
CA CYS A 190 18.97 29.11 -32.92
C CYS A 190 19.28 28.80 -34.37
N VAL A 191 18.67 27.73 -34.89
CA VAL A 191 18.80 27.36 -36.28
C VAL A 191 17.51 26.67 -36.72
N GLN A 192 17.14 26.89 -37.99
CA GLN A 192 15.94 26.30 -38.55
C GLN A 192 16.33 25.13 -39.45
N LEU A 193 15.73 23.97 -39.20
CA LEU A 193 15.92 22.77 -40.01
C LEU A 193 14.63 22.49 -40.75
N ASP A 194 14.64 22.72 -42.06
CA ASP A 194 13.48 22.48 -42.92
C ASP A 194 13.55 21.08 -43.52
N LEU A 195 12.42 20.62 -44.07
CA LEU A 195 12.35 19.26 -44.60
C LEU A 195 13.31 19.06 -45.76
N GLN A 196 13.42 20.04 -46.66
CA GLN A 196 14.37 19.93 -47.77
C GLN A 196 15.81 20.12 -47.33
N ASP A 197 16.05 20.50 -46.08
CA ASP A 197 17.37 20.41 -45.48
C ASP A 197 17.59 19.07 -44.81
N LEU A 198 16.63 18.68 -43.96
CA LEU A 198 16.79 17.44 -43.15
C LEU A 198 16.68 16.23 -44.05
N SER A 199 16.51 16.43 -45.35
CA SER A 199 16.30 15.27 -46.24
C SER A 199 17.50 15.10 -47.18
N LYS A 200 18.22 16.18 -47.45
CA LYS A 200 19.34 16.06 -48.42
C LYS A 200 19.98 14.73 -48.06
N LYS A 201 20.14 13.84 -49.03
CA LYS A 201 20.69 12.48 -48.77
C LYS A 201 21.87 12.62 -47.81
N PRO A 202 22.85 13.52 -48.03
CA PRO A 202 23.92 13.72 -47.06
C PRO A 202 23.42 14.71 -46.01
N PRO A 203 22.97 14.25 -44.82
CA PRO A 203 22.38 15.14 -43.83
C PRO A 203 23.47 15.99 -43.15
N ASP A 204 24.11 16.87 -43.91
CA ASP A 204 25.19 17.68 -43.35
C ASP A 204 24.81 18.40 -42.07
N TRP A 205 23.52 18.43 -41.72
CA TRP A 205 23.10 19.15 -40.52
C TRP A 205 23.66 18.53 -39.25
N LYS A 206 23.95 17.22 -39.25
CA LYS A 206 24.60 16.62 -38.10
C LYS A 206 26.05 17.08 -37.96
N ASN A 207 26.71 17.38 -39.07
CA ASN A 207 28.11 17.79 -39.06
C ASN A 207 28.27 19.30 -38.87
N SER A 208 27.18 20.04 -38.74
CA SER A 208 27.25 21.49 -38.61
C SER A 208 27.96 21.89 -37.33
N SER A 209 28.55 23.08 -37.35
CA SER A 209 29.20 23.66 -36.18
C SER A 209 28.23 24.03 -35.08
N PHE A 210 26.93 24.00 -35.35
CA PHE A 210 25.93 24.35 -34.35
C PHE A 210 25.98 23.40 -33.15
N PHE A 211 26.14 22.11 -33.41
CA PHE A 211 25.97 21.08 -32.40
C PHE A 211 27.23 20.79 -31.58
N ARG A 212 28.17 21.73 -31.53
CA ARG A 212 29.35 21.61 -30.68
C ARG A 212 28.98 22.20 -29.32
N LEU A 213 28.39 21.35 -28.48
CA LEU A 213 27.56 21.84 -27.37
C LEU A 213 28.36 22.37 -26.17
N GLU A 214 29.55 21.86 -25.88
CA GLU A 214 30.33 22.29 -24.72
C GLU A 214 29.49 22.25 -23.44
N PHE A 215 29.15 21.03 -23.03
CA PHE A 215 28.20 20.80 -21.95
C PHE A 215 28.58 21.47 -20.63
N TYR A 216 29.82 21.92 -20.45
CA TYR A 216 30.16 22.61 -19.20
C TYR A 216 29.57 24.01 -19.15
N ARG A 217 29.37 24.65 -20.31
CA ARG A 217 28.68 25.93 -20.38
C ARG A 217 27.19 25.81 -20.63
N LEU A 218 26.73 24.64 -21.08
CA LEU A 218 25.37 24.49 -21.60
C LEU A 218 24.33 24.61 -20.49
N LEU A 219 23.32 25.44 -20.72
CA LEU A 219 22.15 25.49 -19.85
C LEU A 219 21.00 24.65 -20.38
N GLN A 220 20.73 24.73 -21.69
CA GLN A 220 19.48 24.20 -22.23
C GLN A 220 19.61 24.02 -23.73
N VAL A 221 18.97 22.96 -24.24
CA VAL A 221 18.72 22.78 -25.68
C VAL A 221 17.24 22.52 -25.85
N GLU A 222 16.62 23.27 -26.77
CA GLU A 222 15.16 23.22 -26.97
C GLU A 222 14.84 22.91 -28.41
N ILE A 223 13.96 21.93 -28.63
CA ILE A 223 13.51 21.52 -29.95
C ILE A 223 12.01 21.72 -30.03
N SER A 224 11.55 22.43 -31.07
CA SER A 224 10.17 22.84 -31.17
C SER A 224 9.63 22.62 -32.58
N PHE A 225 8.37 22.18 -32.67
CA PHE A 225 7.75 21.92 -33.96
C PHE A 225 6.23 21.88 -33.79
N HIS A 226 5.54 21.99 -34.93
CA HIS A 226 4.08 21.99 -34.99
C HIS A 226 3.59 20.76 -35.72
N LEU A 227 2.47 20.21 -35.26
CA LEU A 227 1.81 19.07 -35.90
C LEU A 227 0.31 19.33 -36.00
N LYS A 228 -0.31 18.73 -37.00
CA LYS A 228 -1.76 18.77 -37.19
C LYS A 228 -2.33 17.38 -36.96
N GLY A 229 -3.51 17.32 -36.32
CA GLY A 229 -4.17 16.06 -36.08
C GLY A 229 -5.67 16.21 -36.22
N ILE A 230 -6.35 15.05 -36.28
CA ILE A 230 -7.80 14.99 -36.35
C ILE A 230 -8.30 13.91 -35.41
N ASP A 231 -9.31 14.23 -34.61
CA ASP A 231 -9.99 13.25 -33.77
C ASP A 231 -11.04 12.46 -34.58
N LEU A 232 -10.53 11.79 -35.63
CA LEU A 232 -11.37 11.10 -36.59
C LEU A 232 -12.29 10.07 -35.95
N GLN A 233 -12.06 9.72 -34.68
CA GLN A 233 -12.93 8.77 -33.98
C GLN A 233 -14.39 9.21 -34.02
N THR A 234 -14.62 10.53 -34.00
CA THR A 234 -15.99 11.06 -33.93
C THR A 234 -16.78 10.86 -35.22
N ILE A 235 -16.13 10.43 -36.31
CA ILE A 235 -16.77 10.44 -37.62
C ILE A 235 -18.00 9.54 -37.66
N HIS A 236 -18.06 8.52 -36.79
CA HIS A 236 -19.20 7.60 -36.81
C HIS A 236 -20.51 8.27 -36.43
N SER A 237 -20.46 9.43 -35.78
CA SER A 237 -21.65 10.20 -35.47
C SER A 237 -22.09 11.09 -36.62
N ARG A 238 -21.32 11.14 -37.72
CA ARG A 238 -21.58 12.01 -38.86
C ARG A 238 -21.45 13.49 -38.51
N GLU A 239 -20.98 13.79 -37.30
CA GLU A 239 -20.51 15.14 -37.00
C GLU A 239 -19.24 15.42 -37.78
N LEU A 240 -19.05 16.67 -38.16
CA LEU A 240 -17.83 17.06 -38.86
C LEU A 240 -16.66 16.89 -37.90
N PRO A 241 -15.65 16.09 -38.24
CA PRO A 241 -14.50 15.93 -37.33
C PRO A 241 -13.75 17.23 -37.15
N ASP A 242 -13.25 17.44 -35.93
CA ASP A 242 -12.49 18.63 -35.61
C ASP A 242 -10.99 18.37 -35.71
N CYS A 243 -10.26 19.38 -36.16
CA CYS A 243 -8.80 19.29 -36.20
C CYS A 243 -8.18 19.75 -34.89
N TYR A 244 -6.92 19.38 -34.70
CA TYR A 244 -6.06 19.93 -33.66
C TYR A 244 -4.75 20.39 -34.26
N VAL A 245 -4.15 21.40 -33.63
CA VAL A 245 -2.78 21.82 -33.90
C VAL A 245 -1.98 21.64 -32.63
N PHE A 246 -0.93 20.82 -32.69
CA PHE A 246 -0.09 20.55 -31.53
C PHE A 246 1.20 21.38 -31.64
N GLN A 247 1.47 22.18 -30.61
CA GLN A 247 2.73 22.88 -30.48
C GLN A 247 3.60 22.12 -29.49
N ASN A 248 4.72 21.59 -29.96
CA ASN A 248 5.56 20.70 -29.17
C ASN A 248 6.91 21.34 -28.89
N THR A 249 7.41 21.14 -27.68
CA THR A 249 8.75 21.56 -27.29
C THR A 249 9.42 20.44 -26.50
N ILE A 250 10.65 20.11 -26.86
CA ILE A 250 11.47 19.17 -26.11
C ILE A 250 12.62 19.94 -25.48
N ILE A 251 12.73 19.90 -24.16
CA ILE A 251 13.70 20.68 -23.41
C ILE A 251 14.72 19.73 -22.80
N PHE A 252 15.97 19.87 -23.22
CA PHE A 252 17.08 19.13 -22.61
C PHE A 252 17.70 20.06 -21.56
N ASP A 253 17.25 19.93 -20.33
CA ASP A 253 17.46 20.92 -19.29
C ASP A 253 18.49 20.42 -18.27
N ASN A 254 19.54 21.22 -18.06
CA ASN A 254 20.53 20.94 -17.03
C ASN A 254 20.94 22.23 -16.31
N LYS A 255 19.96 23.06 -15.92
CA LYS A 255 20.28 24.23 -15.11
C LYS A 255 21.10 23.86 -13.89
N ALA A 256 20.83 22.70 -13.29
CA ALA A 256 21.52 22.32 -12.06
C ALA A 256 23.01 22.07 -12.29
N HIS A 257 23.41 21.70 -13.50
CA HIS A 257 24.80 21.31 -13.80
C HIS A 257 25.29 20.20 -12.88
N SER A 258 24.36 19.38 -12.38
CA SER A 258 24.67 18.35 -11.39
C SER A 258 24.90 16.99 -12.03
N GLY A 259 25.40 16.94 -13.26
CA GLY A 259 25.72 15.69 -13.90
C GLY A 259 24.58 14.97 -14.56
N LYS A 260 23.38 15.57 -14.57
CA LYS A 260 22.22 14.97 -15.21
C LYS A 260 21.52 15.99 -16.09
N ILE A 261 21.11 15.56 -17.28
CA ILE A 261 20.25 16.33 -18.16
C ILE A 261 18.83 15.81 -18.03
N LYS A 262 17.89 16.70 -17.78
CA LYS A 262 16.48 16.34 -17.68
C LYS A 262 15.78 16.68 -18.99
N ILE A 263 14.98 15.74 -19.50
CA ILE A 263 14.31 15.89 -20.78
C ILE A 263 12.82 16.09 -20.51
N TYR A 264 12.34 17.30 -20.80
CA TYR A 264 10.94 17.65 -20.63
C TYR A 264 10.25 17.61 -22.00
N PHE A 265 9.04 17.06 -22.05
CA PHE A 265 8.22 17.10 -23.24
C PHE A 265 6.91 17.79 -22.92
N ASP A 266 6.57 18.82 -23.68
CA ASP A 266 5.36 19.59 -23.48
C ASP A 266 4.62 19.74 -24.81
N SER A 267 3.30 19.64 -24.76
CA SER A 267 2.47 19.66 -25.97
C SER A 267 1.22 20.48 -25.71
N ASP A 268 1.02 21.53 -26.49
CA ASP A 268 -0.11 22.45 -26.36
C ASP A 268 -0.99 22.33 -27.60
N ALA A 269 -2.26 21.99 -27.41
CA ALA A 269 -3.18 21.70 -28.51
C ALA A 269 -4.23 22.80 -28.65
N LYS A 270 -4.42 23.28 -29.89
CA LYS A 270 -5.48 24.21 -30.24
C LYS A 270 -6.43 23.54 -31.22
N ILE A 271 -7.68 23.99 -31.23
CA ILE A 271 -8.69 23.37 -32.09
C ILE A 271 -8.61 23.85 -33.54
N GLU A 272 -8.07 25.05 -33.77
CA GLU A 272 -7.92 25.62 -35.11
C GLU A 272 -9.24 25.55 -35.88
N GLU A 273 -9.23 24.88 -37.03
CA GLU A 273 -10.45 24.75 -37.86
C GLU A 273 -10.17 23.78 -39.01
N CYS A 274 -10.99 22.73 -39.15
CA CYS A 274 -10.81 21.76 -40.26
C CYS A 274 -10.36 22.63 -41.44
N LYS A 275 -9.15 22.41 -41.92
CA LYS A 275 -8.63 23.20 -43.06
C LYS A 275 -9.37 22.76 -44.32
N ASP A 276 -9.19 21.49 -44.72
CA ASP A 276 -9.85 20.96 -45.95
C ASP A 276 -10.14 19.47 -45.78
N LEU A 277 -11.13 19.12 -44.96
CA LEU A 277 -11.53 17.69 -44.81
C LEU A 277 -12.73 17.43 -45.72
N ASN A 278 -12.53 16.66 -46.79
CA ASN A 278 -13.62 16.40 -47.78
C ASN A 278 -14.43 15.19 -47.29
N ILE A 279 -14.29 14.83 -46.00
CA ILE A 279 -15.00 13.64 -45.45
C ILE A 279 -16.50 13.95 -45.55
N PHE A 280 -17.28 13.04 -46.15
CA PHE A 280 -18.74 13.28 -46.33
C PHE A 280 -19.46 13.11 -44.99
N GLY A 281 -20.54 13.87 -44.78
CA GLY A 281 -21.28 13.81 -43.51
C GLY A 281 -22.00 15.12 -43.22
N SER A 282 -21.92 15.61 -41.99
CA SER A 282 -22.59 16.88 -41.59
C SER A 282 -21.70 17.68 -40.64
N THR A 283 -21.93 18.99 -40.53
CA THR A 283 -21.11 19.86 -39.64
C THR A 283 -21.66 19.77 -38.22
N GLN A 284 -21.06 20.49 -37.27
CA GLN A 284 -21.50 20.44 -35.85
C GLN A 284 -22.30 21.70 -35.49
N LYS A 285 -23.52 21.52 -34.97
CA LYS A 285 -24.37 22.67 -34.57
C LYS A 285 -24.97 22.41 -33.18
N ASN A 286 -24.86 21.18 -32.68
CA ASN A 286 -25.40 20.83 -31.34
C ASN A 286 -25.03 21.95 -30.35
N ALA A 287 -23.95 22.68 -30.64
CA ALA A 287 -23.51 23.77 -29.77
C ALA A 287 -24.69 24.65 -29.35
N GLN A 288 -25.66 24.84 -30.24
CA GLN A 288 -26.84 25.63 -29.90
C GLN A 288 -27.64 24.95 -28.78
N TYR A 289 -27.73 23.61 -28.83
CA TYR A 289 -28.43 22.88 -27.78
C TYR A 289 -27.73 23.02 -26.44
N VAL A 290 -26.41 23.21 -26.45
CA VAL A 290 -25.68 23.48 -25.21
C VAL A 290 -25.95 24.90 -24.72
N LEU A 291 -25.89 25.87 -25.64
CA LEU A 291 -26.06 27.28 -25.26
C LEU A 291 -27.45 27.53 -24.68
N VAL A 292 -28.50 27.00 -25.33
CA VAL A 292 -29.86 27.25 -24.86
C VAL A 292 -30.10 26.56 -23.52
N PHE A 293 -29.52 25.37 -23.32
CA PHE A 293 -29.69 24.68 -22.05
C PHE A 293 -28.99 25.45 -20.93
N ASP A 294 -27.80 25.99 -21.20
CA ASP A 294 -27.13 26.82 -20.22
C ASP A 294 -27.94 28.07 -19.91
N ALA A 295 -28.59 28.64 -20.92
CA ALA A 295 -29.46 29.78 -20.68
C ALA A 295 -30.61 29.41 -19.74
N PHE A 296 -31.23 28.26 -19.96
CA PHE A 296 -32.29 27.83 -19.06
C PHE A 296 -31.78 27.62 -17.63
N VAL A 297 -30.60 27.03 -17.49
CA VAL A 297 -30.04 26.80 -16.15
C VAL A 297 -29.79 28.14 -15.46
N ILE A 298 -29.24 29.11 -16.18
CA ILE A 298 -29.01 30.43 -15.61
C ILE A 298 -30.32 31.06 -15.17
N VAL A 299 -31.35 30.94 -16.01
CA VAL A 299 -32.64 31.56 -15.70
C VAL A 299 -33.23 30.96 -14.43
N ILE A 300 -33.22 29.63 -14.31
CA ILE A 300 -33.83 29.03 -13.13
C ILE A 300 -33.00 29.33 -11.88
N CYS A 301 -31.67 29.41 -12.00
CA CYS A 301 -30.87 29.75 -10.84
C CYS A 301 -31.12 31.18 -10.38
N LEU A 302 -31.28 32.10 -11.33
CA LEU A 302 -31.65 33.46 -10.98
C LEU A 302 -33.01 33.51 -10.29
N ALA A 303 -33.96 32.72 -10.79
CA ALA A 303 -35.29 32.69 -10.16
C ALA A 303 -35.19 32.18 -8.72
N SER A 304 -34.41 31.13 -8.50
CA SER A 304 -34.24 30.60 -7.14
C SER A 304 -33.58 31.64 -6.23
N LEU A 305 -32.57 32.35 -6.74
CA LEU A 305 -31.92 33.39 -5.96
C LEU A 305 -32.90 34.51 -5.61
N ILE A 306 -33.75 34.89 -6.57
CA ILE A 306 -34.75 35.93 -6.31
C ILE A 306 -35.69 35.49 -5.19
N LEU A 307 -36.17 34.24 -5.28
CA LEU A 307 -37.07 33.72 -4.26
C LEU A 307 -36.41 33.72 -2.88
N CYS A 308 -35.15 33.28 -2.81
CA CYS A 308 -34.48 33.19 -1.51
C CYS A 308 -34.22 34.57 -0.91
N THR A 309 -33.79 35.52 -1.73
CA THR A 309 -33.58 36.87 -1.23
C THR A 309 -34.90 37.49 -0.77
N ARG A 310 -35.97 37.26 -1.52
CA ARG A 310 -37.29 37.74 -1.10
C ARG A 310 -37.69 37.15 0.24
N SER A 311 -37.45 35.84 0.42
CA SER A 311 -37.81 35.20 1.68
C SER A 311 -36.99 35.75 2.84
N ILE A 312 -35.70 36.04 2.60
CA ILE A 312 -34.87 36.63 3.65
C ILE A 312 -35.39 38.00 4.03
N VAL A 313 -35.89 38.75 3.05
CA VAL A 313 -36.40 40.14 3.32
C VAL A 313 -37.67 40.06 4.17
N LEU A 314 -38.69 39.37 3.68
CA LEU A 314 -39.98 39.27 4.40
C LEU A 314 -39.74 38.82 5.84
N ALA A 315 -38.93 37.78 6.03
CA ALA A 315 -38.73 37.23 7.39
C ALA A 315 -37.98 38.21 8.29
N LEU A 316 -36.96 38.87 7.76
CA LEU A 316 -36.24 39.90 8.56
C LEU A 316 -37.24 41.00 8.97
N ARG A 317 -38.15 41.39 8.06
CA ARG A 317 -39.18 42.40 8.43
C ARG A 317 -40.04 41.85 9.57
N LEU A 318 -40.54 40.63 9.41
CA LEU A 318 -41.34 40.00 10.50
C LEU A 318 -40.57 40.13 11.82
N ARG A 319 -39.27 39.84 11.81
CA ARG A 319 -38.47 40.03 13.04
C ARG A 319 -38.58 41.49 13.47
N LYS A 320 -38.44 42.44 12.53
CA LYS A 320 -38.63 43.82 12.97
C LYS A 320 -40.00 44.01 13.60
N ARG A 321 -41.04 43.43 12.98
CA ARG A 321 -42.38 43.48 13.55
C ARG A 321 -42.41 42.85 14.94
N PHE A 322 -41.76 41.70 15.09
CA PHE A 322 -41.71 41.02 16.39
C PHE A 322 -40.99 41.88 17.42
N LEU A 323 -39.92 42.55 17.01
CA LEU A 323 -39.21 43.44 17.93
C LEU A 323 -40.11 44.59 18.37
N ASN A 324 -40.87 45.16 17.43
CA ASN A 324 -41.75 46.29 17.78
C ASN A 324 -43.01 45.85 18.53
N PHE A 325 -43.36 44.57 18.50
CA PHE A 325 -44.67 44.15 19.01
C PHE A 325 -44.78 44.34 20.52
N PHE A 326 -43.80 43.85 21.28
CA PHE A 326 -43.93 43.84 22.73
C PHE A 326 -42.54 43.89 23.36
N LEU A 327 -42.51 44.30 24.62
CA LEU A 327 -41.28 44.31 25.42
C LEU A 327 -40.72 42.90 25.58
N ASP A 338 -38.23 32.25 21.43
CA ASP A 338 -37.96 33.19 20.35
C ASP A 338 -36.49 33.61 20.35
N GLN A 339 -35.96 33.90 19.18
CA GLN A 339 -34.54 34.20 19.04
C GLN A 339 -34.36 35.27 17.97
N TRP A 340 -33.23 35.99 18.06
CA TRP A 340 -32.96 37.06 17.12
C TRP A 340 -32.82 36.55 15.69
N GLU A 341 -32.40 35.30 15.51
CA GLU A 341 -32.09 34.77 14.18
C GLU A 341 -33.35 34.19 13.53
N PHE A 342 -34.09 35.08 12.87
CA PHE A 342 -35.22 34.66 12.06
C PHE A 342 -34.81 34.07 10.72
N ILE A 343 -33.63 34.43 10.22
CA ILE A 343 -33.19 33.97 8.90
C ILE A 343 -32.91 32.49 8.94
N ASN A 344 -33.46 31.76 7.97
CA ASN A 344 -33.15 30.35 7.80
C ASN A 344 -31.75 30.22 7.20
N GLY A 345 -30.87 29.47 7.87
CA GLY A 345 -29.49 29.38 7.43
C GLY A 345 -29.31 28.75 6.06
N TRP A 346 -30.23 27.87 5.66
CA TRP A 346 -30.11 27.18 4.37
C TRP A 346 -30.20 28.15 3.20
N TYR A 347 -30.87 29.30 3.38
CA TYR A 347 -30.96 30.27 2.29
C TYR A 347 -29.60 30.84 1.90
N VAL A 348 -28.70 31.00 2.87
CA VAL A 348 -27.36 31.49 2.53
C VAL A 348 -26.64 30.49 1.63
N LEU A 349 -26.72 29.21 1.98
CA LEU A 349 -26.13 28.16 1.16
C LEU A 349 -26.74 28.14 -0.24
N VAL A 350 -28.06 28.29 -0.32
CA VAL A 350 -28.73 28.24 -1.61
C VAL A 350 -28.31 29.43 -2.48
N ILE A 351 -28.23 30.62 -1.88
CA ILE A 351 -27.81 31.81 -2.62
C ILE A 351 -26.39 31.65 -3.16
N ILE A 352 -25.48 31.15 -2.30
CA ILE A 352 -24.10 30.95 -2.75
C ILE A 352 -24.06 29.94 -3.89
N SER A 353 -24.81 28.84 -3.74
CA SER A 353 -24.86 27.81 -4.78
C SER A 353 -25.32 28.40 -6.11
N ASP A 354 -26.40 29.19 -6.07
CA ASP A 354 -26.93 29.74 -7.31
C ASP A 354 -26.00 30.76 -7.94
N LEU A 355 -25.34 31.60 -7.13
CA LEU A 355 -24.38 32.55 -7.69
C LEU A 355 -23.23 31.82 -8.38
N MET A 356 -22.70 30.79 -7.73
CA MET A 356 -21.59 30.04 -8.33
C MET A 356 -22.04 29.31 -9.59
N THR A 357 -23.26 28.76 -9.59
CA THR A 357 -23.77 28.10 -10.79
C THR A 357 -23.91 29.10 -11.93
N ILE A 358 -24.42 30.30 -11.64
CA ILE A 358 -24.59 31.31 -12.68
C ILE A 358 -23.25 31.67 -13.30
N ILE A 359 -22.26 31.99 -12.48
CA ILE A 359 -20.98 32.44 -13.03
C ILE A 359 -20.27 31.28 -13.73
N GLY A 360 -20.39 30.06 -13.20
CA GLY A 360 -19.79 28.91 -13.86
C GLY A 360 -20.42 28.62 -15.21
N SER A 361 -21.74 28.75 -15.31
CA SER A 361 -22.39 28.55 -16.60
C SER A 361 -22.01 29.66 -17.59
N ILE A 362 -21.83 30.89 -17.10
CA ILE A 362 -21.33 31.96 -17.96
C ILE A 362 -19.95 31.60 -18.50
N LEU A 363 -19.08 31.10 -17.64
CA LEU A 363 -17.75 30.69 -18.07
C LEU A 363 -17.82 29.54 -19.08
N LYS A 364 -18.72 28.58 -18.86
CA LYS A 364 -18.84 27.46 -19.79
C LYS A 364 -19.30 27.93 -21.17
N MET A 365 -20.28 28.83 -21.19
CA MET A 365 -20.74 29.39 -22.46
C MET A 365 -19.62 30.18 -23.13
N GLU A 366 -18.84 30.92 -22.35
CA GLU A 366 -17.70 31.64 -22.91
C GLU A 366 -16.68 30.68 -23.52
N ILE A 367 -16.39 29.58 -22.83
CA ILE A 367 -15.42 28.61 -23.33
C ILE A 367 -15.90 27.99 -24.64
N LYS A 368 -17.17 27.57 -24.66
CA LYS A 368 -17.69 26.93 -25.87
C LYS A 368 -17.77 27.92 -27.04
N ALA A 369 -18.18 29.16 -26.77
CA ALA A 369 -18.30 30.14 -27.84
C ALA A 369 -16.96 30.42 -28.50
N LYS A 370 -15.92 30.60 -27.69
CA LYS A 370 -14.58 30.89 -28.19
C LYS A 370 -13.74 29.63 -28.41
N ASN A 371 -14.32 28.45 -28.19
CA ASN A 371 -13.72 27.16 -28.54
C ASN A 371 -12.41 26.92 -27.78
N LEU A 372 -12.43 27.14 -26.47
CA LEU A 372 -11.29 26.87 -25.61
C LEU A 372 -11.34 25.42 -25.09
N THR A 373 -10.24 25.02 -24.45
CA THR A 373 -10.15 23.75 -23.75
C THR A 373 -9.57 23.89 -22.34
N ASN A 374 -9.53 25.11 -21.79
CA ASN A 374 -8.99 25.36 -20.45
C ASN A 374 -10.15 25.40 -19.46
N TYR A 375 -10.47 24.22 -18.91
CA TYR A 375 -11.69 24.01 -18.13
C TYR A 375 -11.50 24.18 -16.63
N ASP A 376 -10.32 24.60 -16.15
CA ASP A 376 -10.04 24.54 -14.71
C ASP A 376 -11.04 25.34 -13.89
N LEU A 377 -11.13 26.65 -14.14
CA LEU A 377 -11.94 27.52 -13.28
C LEU A 377 -13.43 27.21 -13.41
N CYS A 378 -13.90 26.96 -14.63
CA CYS A 378 -15.30 26.63 -14.84
C CYS A 378 -15.66 25.33 -14.13
N SER A 379 -14.78 24.34 -14.21
CA SER A 379 -15.02 23.08 -13.50
C SER A 379 -15.10 23.32 -12.00
N ILE A 380 -14.25 24.19 -11.46
CA ILE A 380 -14.28 24.46 -10.03
C ILE A 380 -15.61 25.08 -9.63
N PHE A 381 -16.06 26.09 -10.36
CA PHE A 381 -17.34 26.72 -10.01
C PHE A 381 -18.49 25.72 -10.11
N LEU A 382 -18.57 24.97 -11.21
CA LEU A 382 -19.69 24.06 -11.38
C LEU A 382 -19.66 22.94 -10.34
N GLY A 383 -18.49 22.39 -10.05
CA GLY A 383 -18.40 21.31 -9.08
C GLY A 383 -18.73 21.76 -7.68
N THR A 384 -18.21 22.92 -7.26
CA THR A 384 -18.52 23.41 -5.92
C THR A 384 -19.99 23.77 -5.81
N SER A 385 -20.57 24.35 -6.85
CA SER A 385 -22.00 24.65 -6.85
C SER A 385 -22.82 23.38 -6.70
N THR A 386 -22.46 22.32 -7.44
CA THR A 386 -23.17 21.05 -7.31
C THR A 386 -23.01 20.46 -5.92
N LEU A 387 -21.80 20.56 -5.35
CA LEU A 387 -21.58 20.08 -3.99
C LEU A 387 -22.52 20.77 -3.01
N LEU A 388 -22.59 22.10 -3.08
CA LEU A 388 -23.47 22.83 -2.16
C LEU A 388 -24.94 22.54 -2.44
N VAL A 389 -25.32 22.33 -3.70
CA VAL A 389 -26.71 22.01 -4.02
C VAL A 389 -27.11 20.68 -3.40
N TRP A 390 -26.26 19.66 -3.52
CA TRP A 390 -26.60 18.38 -2.92
C TRP A 390 -26.48 18.39 -1.40
N VAL A 391 -25.63 19.26 -0.84
CA VAL A 391 -25.66 19.45 0.60
C VAL A 391 -26.98 20.05 1.05
N GLY A 392 -27.53 20.97 0.25
CA GLY A 392 -28.78 21.64 0.59
C GLY A 392 -29.99 20.72 0.64
N VAL A 393 -29.88 19.50 0.14
CA VAL A 393 -31.00 18.57 0.20
C VAL A 393 -31.30 18.16 1.64
N ILE A 394 -30.31 18.20 2.52
CA ILE A 394 -30.51 17.83 3.93
C ILE A 394 -31.61 18.67 4.56
N ARG A 395 -31.84 19.88 4.03
CA ARG A 395 -32.94 20.72 4.50
C ARG A 395 -34.27 19.98 4.50
N TYR A 396 -34.47 19.10 3.51
CA TYR A 396 -35.75 18.41 3.35
C TYR A 396 -35.83 17.09 4.11
N LEU A 397 -34.69 16.54 4.54
CA LEU A 397 -34.74 15.36 5.39
C LEU A 397 -35.12 15.72 6.83
N GLY A 398 -34.81 16.94 7.27
CA GLY A 398 -35.11 17.33 8.63
C GLY A 398 -36.58 17.36 8.96
N TYR A 399 -37.46 17.41 7.95
CA TYR A 399 -38.89 17.47 8.21
C TYR A 399 -39.46 16.13 8.66
N PHE A 400 -38.80 15.03 8.35
CA PHE A 400 -39.39 13.70 8.47
C PHE A 400 -39.21 13.07 9.86
N GLN A 401 -38.55 13.78 10.78
CA GLN A 401 -38.21 13.27 12.10
C GLN A 401 -37.25 12.07 12.01
N ALA A 402 -36.55 11.79 13.10
CA ALA A 402 -35.63 10.66 13.24
C ALA A 402 -34.40 10.85 12.37
N TYR A 403 -34.41 11.86 11.50
CA TYR A 403 -33.18 12.45 10.98
C TYR A 403 -32.83 13.71 11.75
N ASN A 404 -33.81 14.30 12.43
CA ASN A 404 -33.64 15.61 13.04
C ASN A 404 -32.59 15.60 14.14
N VAL A 405 -32.57 14.55 14.96
CA VAL A 405 -31.57 14.48 16.02
C VAL A 405 -30.17 14.34 15.42
N LEU A 406 -30.03 13.61 14.31
CA LEU A 406 -28.74 13.47 13.66
C LEU A 406 -28.26 14.79 13.07
N ILE A 407 -29.18 15.51 12.41
CA ILE A 407 -28.84 16.80 11.82
C ILE A 407 -28.47 17.80 12.91
N LEU A 408 -29.25 17.83 13.99
CA LEU A 408 -28.94 18.71 15.11
C LEU A 408 -27.60 18.37 15.77
N THR A 409 -27.28 17.08 15.85
CA THR A 409 -25.98 16.68 16.38
C THR A 409 -24.85 17.17 15.47
N MET A 410 -25.03 17.01 14.16
CA MET A 410 -24.02 17.50 13.23
C MET A 410 -23.83 19.00 13.35
N GLN A 411 -24.93 19.75 13.43
CA GLN A 411 -24.84 21.20 13.53
C GLN A 411 -24.23 21.64 14.85
N ALA A 412 -24.53 20.92 15.93
CA ALA A 412 -24.06 21.31 17.26
C ALA A 412 -22.63 20.88 17.54
N SER A 413 -22.02 20.06 16.68
CA SER A 413 -20.71 19.50 16.96
C SER A 413 -19.56 20.31 16.36
N LEU A 414 -19.81 21.05 15.29
CA LEU A 414 -18.77 21.90 14.72
C LEU A 414 -18.22 22.92 15.71
N PRO A 415 -19.02 23.67 16.49
CA PRO A 415 -18.45 24.66 17.40
C PRO A 415 -17.50 24.11 18.44
N LYS A 416 -17.29 22.80 18.52
CA LYS A 416 -16.35 22.26 19.49
C LYS A 416 -15.27 21.42 18.80
N VAL A 417 -15.62 20.75 17.70
CA VAL A 417 -14.59 20.08 16.91
C VAL A 417 -13.62 21.10 16.33
N LEU A 418 -14.16 22.21 15.79
CA LEU A 418 -13.28 23.22 15.22
C LEU A 418 -12.46 23.93 16.29
N ARG A 419 -12.98 24.05 17.52
CA ARG A 419 -12.20 24.62 18.61
C ARG A 419 -11.12 23.66 19.08
N PHE A 420 -11.39 22.35 19.05
CA PHE A 420 -10.34 21.39 19.35
C PHE A 420 -9.25 21.41 18.29
N CYS A 421 -9.63 21.68 17.04
CA CYS A 421 -8.64 21.67 15.98
C CYS A 421 -7.54 22.73 16.17
N ALA A 422 -7.81 23.82 16.90
CA ALA A 422 -6.75 24.81 17.13
C ALA A 422 -5.69 24.27 18.08
N CYS A 423 -6.13 23.72 19.22
CA CYS A 423 -5.20 23.13 20.18
C CYS A 423 -4.41 21.99 19.55
N ALA A 424 -5.09 21.17 18.74
CA ALA A 424 -4.38 20.10 18.04
C ALA A 424 -3.45 20.65 16.97
N GLY A 425 -3.84 21.75 16.32
CA GLY A 425 -3.06 22.26 15.20
C GLY A 425 -1.77 22.91 15.65
N MET A 426 -1.76 23.48 16.86
CA MET A 426 -0.49 24.02 17.35
C MET A 426 0.56 22.92 17.47
N ILE A 427 0.18 21.78 18.05
CA ILE A 427 1.07 20.63 18.16
C ILE A 427 1.43 20.11 16.76
N TYR A 428 0.43 20.06 15.88
CA TYR A 428 0.63 19.55 14.54
C TYR A 428 1.64 20.40 13.77
N LEU A 429 1.56 21.72 13.93
CA LEU A 429 2.54 22.63 13.32
C LEU A 429 3.92 22.42 13.90
N GLY A 430 4.02 22.27 15.22
CA GLY A 430 5.32 22.00 15.82
C GLY A 430 5.97 20.76 15.26
N TYR A 431 5.22 19.66 15.18
CA TYR A 431 5.73 18.44 14.58
C TYR A 431 6.05 18.61 13.09
N THR A 432 5.26 19.43 12.38
CA THR A 432 5.54 19.64 10.96
C THR A 432 6.91 20.29 10.79
N PHE A 433 7.17 21.36 11.53
CA PHE A 433 8.46 22.03 11.42
C PHE A 433 9.61 21.12 11.84
N CYS A 434 9.44 20.40 12.96
CA CYS A 434 10.54 19.55 13.44
C CYS A 434 10.83 18.42 12.45
N GLY A 435 9.77 17.78 11.94
CA GLY A 435 9.96 16.71 10.98
C GLY A 435 10.62 17.21 9.70
N TRP A 436 10.17 18.36 9.19
CA TRP A 436 10.77 18.89 7.98
C TRP A 436 12.26 19.18 8.17
N ILE A 437 12.62 19.80 9.29
CA ILE A 437 14.02 20.17 9.47
C ILE A 437 14.90 18.95 9.74
N VAL A 438 14.40 17.95 10.47
CA VAL A 438 15.25 16.82 10.86
C VAL A 438 15.23 15.70 9.84
N LEU A 439 14.05 15.16 9.53
CA LEU A 439 13.95 13.98 8.68
C LEU A 439 13.96 14.32 7.19
N GLY A 440 13.90 15.61 6.83
CA GLY A 440 13.82 16.01 5.45
C GLY A 440 14.94 15.56 4.54
N PRO A 441 16.22 15.73 4.93
CA PRO A 441 17.31 15.23 4.10
C PRO A 441 17.39 13.71 4.01
N TYR A 442 16.61 12.98 4.82
CA TYR A 442 16.80 11.54 4.93
C TYR A 442 15.53 10.73 4.66
N HIS A 443 14.43 11.36 4.25
CA HIS A 443 13.16 10.66 4.15
C HIS A 443 12.37 11.28 3.01
N ASP A 444 11.87 10.44 2.10
CA ASP A 444 11.20 10.94 0.90
C ASP A 444 9.92 11.70 1.23
N LYS A 445 9.24 11.31 2.30
CA LYS A 445 7.97 11.95 2.65
C LYS A 445 8.13 13.31 3.30
N PHE A 446 9.33 13.63 3.81
CA PHE A 446 9.54 14.84 4.58
C PHE A 446 10.32 15.90 3.82
N GLU A 447 10.28 15.86 2.48
CA GLU A 447 11.14 16.74 1.69
C GLU A 447 10.79 18.22 1.90
N ASN A 448 9.51 18.55 2.05
CA ASN A 448 9.09 19.93 2.19
C ASN A 448 7.86 20.02 3.08
N LEU A 449 7.60 21.23 3.58
CA LEU A 449 6.56 21.43 4.59
C LEU A 449 5.19 20.94 4.13
N ASN A 450 4.86 21.11 2.85
CA ASN A 450 3.57 20.63 2.35
C ASN A 450 3.48 19.11 2.46
N THR A 451 4.50 18.41 1.98
CA THR A 451 4.50 16.96 2.04
C THR A 451 4.58 16.47 3.48
N VAL A 452 5.29 17.19 4.35
CA VAL A 452 5.31 16.83 5.76
C VAL A 452 3.92 16.93 6.35
N ALA A 453 3.20 18.02 6.04
CA ALA A 453 1.85 18.18 6.54
C ALA A 453 0.93 17.06 6.05
N GLU A 454 1.03 16.71 4.77
CA GLU A 454 0.19 15.64 4.24
C GLU A 454 0.54 14.30 4.88
N CYS A 455 1.83 14.03 5.08
CA CYS A 455 2.26 12.78 5.70
C CYS A 455 1.76 12.67 7.13
N LEU A 456 1.91 13.75 7.90
CA LEU A 456 1.44 13.73 9.28
C LEU A 456 -0.08 13.58 9.34
N PHE A 457 -0.80 14.25 8.45
CA PHE A 457 -2.25 14.11 8.43
C PHE A 457 -2.65 12.69 8.07
N SER A 458 -1.91 12.04 7.18
CA SER A 458 -2.16 10.63 6.90
C SER A 458 -1.88 9.76 8.12
N LEU A 459 -0.80 10.05 8.84
CA LEU A 459 -0.44 9.24 10.00
C LEU A 459 -1.47 9.35 11.11
N VAL A 460 -2.05 10.55 11.29
CA VAL A 460 -3.11 10.70 12.29
C VAL A 460 -4.27 9.76 11.98
N ASN A 461 -4.57 9.57 10.70
CA ASN A 461 -5.62 8.66 10.28
C ASN A 461 -5.11 7.24 10.06
N GLY A 462 -3.85 6.96 10.41
CA GLY A 462 -3.34 5.61 10.44
C GLY A 462 -2.87 5.06 9.11
N ASP A 463 -2.76 5.88 8.06
CA ASP A 463 -2.42 5.38 6.74
C ASP A 463 -0.92 5.23 6.55
N ASP A 464 -0.54 4.16 5.84
CA ASP A 464 0.81 3.97 5.31
C ASP A 464 1.88 4.21 6.36
N MET A 465 1.74 3.50 7.49
CA MET A 465 2.57 3.77 8.65
C MET A 465 3.87 2.96 8.67
N PHE A 466 3.81 1.67 8.34
CA PHE A 466 5.04 0.87 8.39
C PHE A 466 6.06 1.36 7.38
N ALA A 467 5.61 1.78 6.19
CA ALA A 467 6.53 2.35 5.22
C ALA A 467 7.16 3.63 5.74
N THR A 468 6.41 4.41 6.51
CA THR A 468 6.95 5.65 7.08
C THR A 468 8.10 5.36 8.03
N PHE A 469 8.02 4.27 8.80
CA PHE A 469 9.13 3.87 9.65
C PHE A 469 10.30 3.36 8.82
N ALA A 470 10.03 2.49 7.85
CA ALA A 470 11.09 1.75 7.16
C ALA A 470 11.79 2.56 6.08
N GLN A 471 11.23 3.69 5.66
CA GLN A 471 11.73 4.39 4.47
C GLN A 471 12.97 5.23 4.75
N ILE A 472 13.36 5.39 6.02
CA ILE A 472 14.53 6.18 6.38
C ILE A 472 15.70 5.22 6.63
N GLN A 473 16.80 5.45 5.93
CA GLN A 473 17.97 4.60 6.07
C GLN A 473 18.72 4.91 7.37
N GLN A 474 19.49 3.91 7.83
CA GLN A 474 20.21 3.98 9.09
C GLN A 474 21.61 4.55 8.90
N LYS A 475 21.78 5.38 7.87
CA LYS A 475 23.09 5.94 7.57
C LYS A 475 23.66 6.71 8.75
N SER A 476 22.82 7.51 9.42
CA SER A 476 23.21 8.22 10.62
C SER A 476 22.38 7.70 11.78
N ILE A 477 23.06 7.18 12.81
CA ILE A 477 22.35 6.57 13.93
C ILE A 477 21.62 7.62 14.76
N LEU A 478 22.18 8.81 14.88
CA LEU A 478 21.54 9.86 15.67
C LEU A 478 20.20 10.26 15.07
N VAL A 479 20.19 10.50 13.75
CA VAL A 479 18.96 10.90 13.08
C VAL A 479 17.95 9.77 13.09
N TRP A 480 18.41 8.52 12.99
CA TRP A 480 17.50 7.38 13.02
C TRP A 480 16.85 7.23 14.39
N LEU A 481 17.63 7.36 15.45
CA LEU A 481 17.08 7.31 16.80
C LEU A 481 16.07 8.43 17.01
N PHE A 482 16.40 9.64 16.55
CA PHE A 482 15.44 10.73 16.65
C PHE A 482 14.19 10.44 15.83
N SER A 483 14.33 9.78 14.68
CA SER A 483 13.18 9.44 13.86
C SER A 483 12.26 8.48 14.59
N ARG A 484 12.82 7.48 15.27
CA ARG A 484 11.98 6.59 16.07
C ARG A 484 11.30 7.32 17.21
N LEU A 485 12.04 8.16 17.94
CA LEU A 485 11.42 8.95 19.00
C LEU A 485 10.27 9.80 18.46
N TYR A 486 10.52 10.49 17.35
CA TYR A 486 9.54 11.38 16.73
C TYR A 486 8.30 10.61 16.32
N LEU A 487 8.48 9.51 15.59
CA LEU A 487 7.34 8.79 15.05
C LEU A 487 6.52 8.13 16.14
N TYR A 488 7.16 7.47 17.11
CA TYR A 488 6.38 6.89 18.19
C TYR A 488 5.64 7.95 18.99
N SER A 489 6.30 9.07 19.31
CA SER A 489 5.65 10.11 20.09
C SER A 489 4.44 10.66 19.34
N PHE A 490 4.62 11.03 18.07
CA PHE A 490 3.53 11.61 17.29
C PHE A 490 2.36 10.63 17.16
N ILE A 491 2.66 9.39 16.75
CA ILE A 491 1.58 8.45 16.49
C ILE A 491 0.82 8.14 17.77
N SER A 492 1.54 7.94 18.88
CA SER A 492 0.85 7.69 20.14
C SER A 492 -0.03 8.88 20.51
N LEU A 493 0.53 10.09 20.50
CA LEU A 493 -0.19 11.25 20.98
C LEU A 493 -1.43 11.53 20.16
N PHE A 494 -1.36 11.37 18.83
CA PHE A 494 -2.51 11.73 18.02
C PHE A 494 -3.51 10.58 17.88
N ILE A 495 -3.06 9.34 17.72
CA ILE A 495 -4.03 8.26 17.53
C ILE A 495 -4.68 7.87 18.85
N TYR A 496 -3.90 7.63 19.90
CA TYR A 496 -4.51 7.08 21.10
C TYR A 496 -5.16 8.12 22.00
N MET A 497 -4.87 9.41 21.82
CA MET A 497 -5.50 10.41 22.66
C MET A 497 -6.33 11.44 21.89
N ILE A 498 -5.68 12.13 20.95
CA ILE A 498 -6.34 13.24 20.28
C ILE A 498 -7.45 12.74 19.36
N LEU A 499 -7.18 11.70 18.60
CA LEU A 499 -8.18 11.16 17.69
C LEU A 499 -9.39 10.64 18.47
N SER A 500 -9.16 10.03 19.63
CA SER A 500 -10.26 9.57 20.46
C SER A 500 -11.02 10.70 21.13
N LEU A 501 -10.41 11.88 21.27
CA LEU A 501 -11.18 12.99 21.84
C LEU A 501 -12.28 13.45 20.90
N PHE A 502 -12.11 13.29 19.59
CA PHE A 502 -13.22 13.51 18.67
C PHE A 502 -14.37 12.55 18.95
N ILE A 503 -14.06 11.27 19.20
CA ILE A 503 -15.10 10.31 19.54
C ILE A 503 -15.82 10.75 20.80
N ALA A 504 -15.07 11.17 21.81
CA ALA A 504 -15.68 11.63 23.06
C ALA A 504 -16.61 12.81 22.82
N LEU A 505 -16.11 13.82 22.10
CA LEU A 505 -16.90 15.03 21.86
C LEU A 505 -18.17 14.71 21.08
N ILE A 506 -18.05 13.92 20.01
CA ILE A 506 -19.21 13.63 19.18
C ILE A 506 -20.23 12.80 19.94
N THR A 507 -19.77 11.79 20.69
CA THR A 507 -20.69 10.96 21.45
C THR A 507 -21.43 11.77 22.50
N ASP A 508 -20.73 12.64 23.22
CA ASP A 508 -21.40 13.43 24.24
C ASP A 508 -22.30 14.50 23.65
N SER A 509 -21.95 15.07 22.49
CA SER A 509 -22.87 16.00 21.83
C SER A 509 -24.14 15.29 21.39
N TYR A 510 -24.01 14.02 20.99
CA TYR A 510 -25.19 13.20 20.63
C TYR A 510 -26.13 13.14 21.81
N ASP A 511 -25.65 12.72 22.99
CA ASP A 511 -26.55 12.50 24.15
C ASP A 511 -27.25 13.81 24.55
N THR A 512 -26.59 14.97 24.55
CA THR A 512 -27.34 16.20 24.88
C THR A 512 -28.55 16.36 23.98
N ILE A 513 -28.38 16.30 22.67
CA ILE A 513 -29.51 16.48 21.70
C ILE A 513 -30.54 15.38 21.94
N LYS A 514 -30.08 14.14 22.10
CA LYS A 514 -31.03 13.02 22.38
C LYS A 514 -31.78 13.34 23.67
N LYS A 515 -31.07 13.79 24.71
CA LYS A 515 -31.83 13.99 25.94
C LYS A 515 -32.66 15.27 25.88
N PHE A 516 -32.20 16.29 25.14
CA PHE A 516 -33.03 17.45 24.89
C PHE A 516 -34.28 17.10 24.10
N GLN A 517 -34.13 16.28 23.06
CA GLN A 517 -35.28 15.93 22.23
C GLN A 517 -36.31 15.12 23.01
N GLN A 518 -35.84 14.23 23.88
CA GLN A 518 -36.76 13.41 24.66
C GLN A 518 -37.41 14.20 25.80
N ASN A 519 -36.65 15.10 26.43
CA ASN A 519 -37.22 15.92 27.50
C ASN A 519 -38.12 17.02 26.96
N GLY A 520 -37.78 17.61 25.82
CA GLY A 520 -38.57 18.68 25.25
C GLY A 520 -38.39 20.00 25.97
N LEU B 41 -2.36 41.36 49.91
CA LEU B 41 -1.72 40.03 49.72
C LEU B 41 -2.69 39.11 48.99
N ARG B 42 -3.98 39.14 49.37
CA ARG B 42 -4.99 38.33 48.65
C ARG B 42 -5.05 38.81 47.20
N GLU B 43 -5.10 40.13 47.00
CA GLU B 43 -5.12 40.70 45.62
C GLU B 43 -3.84 40.29 44.89
N ASP B 44 -2.70 40.30 45.60
CA ASP B 44 -1.41 39.91 44.99
C ASP B 44 -1.54 38.48 44.46
N LEU B 45 -2.01 37.55 45.29
CA LEU B 45 -2.13 36.13 44.87
C LEU B 45 -3.11 36.04 43.70
N LYS B 46 -4.20 36.82 43.78
CA LYS B 46 -5.19 36.82 42.69
C LYS B 46 -4.49 37.32 41.42
N PHE B 47 -3.77 38.42 41.51
CA PHE B 47 -3.02 38.93 40.34
C PHE B 47 -2.06 37.84 39.84
N TYR B 48 -1.27 37.27 40.76
CA TYR B 48 -0.24 36.28 40.36
C TYR B 48 -0.88 35.08 39.67
N PHE B 49 -2.10 34.71 40.07
CA PHE B 49 -2.70 33.46 39.51
C PHE B 49 -3.64 33.75 38.34
N MET B 50 -3.92 35.01 38.01
CA MET B 50 -4.94 35.24 36.93
C MET B 50 -4.38 35.13 35.50
N SER B 51 -5.01 35.84 34.57
CA SER B 51 -4.54 35.88 33.19
C SER B 51 -4.15 37.30 32.79
N PRO B 52 -3.35 37.45 31.73
CA PRO B 52 -2.98 38.80 31.28
C PRO B 52 -4.14 39.63 30.78
N CYS B 53 -5.19 39.01 30.25
CA CYS B 53 -6.35 39.79 29.80
C CYS B 53 -7.03 40.48 30.99
N GLU B 54 -7.09 39.81 32.13
CA GLU B 54 -7.61 40.43 33.33
C GLU B 54 -6.55 41.28 34.04
N LYS B 55 -5.29 40.84 34.01
CA LYS B 55 -4.22 41.60 34.65
C LYS B 55 -4.01 42.96 34.00
N TYR B 56 -4.36 43.09 32.71
CA TYR B 56 -4.16 44.34 31.99
C TYR B 56 -4.94 45.50 32.61
N ARG B 57 -6.00 45.20 33.37
CA ARG B 57 -6.84 46.27 33.90
C ARG B 57 -6.18 47.01 35.06
N ALA B 58 -5.06 46.52 35.57
CA ALA B 58 -4.26 47.32 36.48
C ALA B 58 -3.65 48.49 35.74
N ARG B 59 -3.56 49.64 36.41
CA ARG B 59 -3.28 50.90 35.73
C ARG B 59 -1.89 50.99 35.11
N ARG B 60 -0.98 50.05 35.39
CA ARG B 60 0.36 50.12 34.82
C ARG B 60 0.82 48.79 34.21
N GLN B 61 -0.06 47.79 34.13
CA GLN B 61 0.35 46.42 33.80
C GLN B 61 0.18 46.13 32.31
N ILE B 62 1.09 46.67 31.52
CA ILE B 62 1.09 46.38 30.07
C ILE B 62 1.69 44.99 29.84
N PRO B 63 1.19 44.22 28.86
CA PRO B 63 1.68 42.85 28.66
C PRO B 63 2.95 42.70 27.83
N TRP B 64 4.00 43.44 28.18
CA TRP B 64 5.27 43.33 27.46
C TRP B 64 5.94 41.97 27.65
N LYS B 65 5.73 41.33 28.79
CA LYS B 65 6.30 40.00 29.02
C LYS B 65 5.71 38.98 28.05
N LEU B 66 4.50 39.21 27.56
CA LEU B 66 3.92 38.38 26.51
C LEU B 66 4.38 38.81 25.12
N GLY B 67 4.57 40.12 24.93
CA GLY B 67 5.08 40.61 23.66
C GLY B 67 6.42 40.01 23.30
N LEU B 68 7.27 39.79 24.30
CA LEU B 68 8.57 39.17 24.02
C LEU B 68 8.38 37.77 23.44
N GLN B 69 7.47 36.97 24.01
CA GLN B 69 7.20 35.65 23.47
C GLN B 69 6.61 35.72 22.07
N ILE B 70 5.70 36.68 21.84
CA ILE B 70 5.08 36.78 20.52
C ILE B 70 6.14 37.12 19.47
N LEU B 71 7.14 37.91 19.84
CA LEU B 71 8.29 38.12 18.97
C LEU B 71 9.08 36.82 18.80
N LYS B 72 9.25 36.07 19.89
CA LYS B 72 10.16 34.93 19.88
C LYS B 72 9.67 33.83 18.95
N ILE B 73 8.37 33.53 18.96
CA ILE B 73 7.88 32.49 18.05
C ILE B 73 8.24 32.81 16.61
N VAL B 74 7.98 34.06 16.19
CA VAL B 74 8.23 34.44 14.81
C VAL B 74 9.72 34.36 14.50
N MET B 75 10.57 34.88 15.39
CA MET B 75 11.99 34.89 15.12
C MET B 75 12.56 33.47 15.02
N VAL B 76 12.16 32.58 15.93
CA VAL B 76 12.66 31.21 15.90
C VAL B 76 12.15 30.48 14.66
N THR B 77 10.87 30.67 14.32
CA THR B 77 10.32 29.96 13.16
C THR B 77 11.00 30.42 11.88
N THR B 78 11.25 31.73 11.74
CA THR B 78 11.94 32.20 10.55
C THR B 78 13.39 31.74 10.51
N GLN B 79 14.06 31.64 11.66
CA GLN B 79 15.39 31.07 11.68
C GLN B 79 15.37 29.64 11.16
N LEU B 80 14.39 28.84 11.62
CA LEU B 80 14.29 27.47 11.14
C LEU B 80 14.02 27.41 9.64
N VAL B 81 13.12 28.27 9.15
CA VAL B 81 12.76 28.23 7.74
C VAL B 81 13.97 28.60 6.87
N ARG B 82 14.69 29.66 7.25
CA ARG B 82 15.84 30.06 6.45
C ARG B 82 16.94 29.01 6.50
N PHE B 83 17.15 28.40 7.67
CA PHE B 83 18.14 27.34 7.79
C PHE B 83 17.79 26.16 6.89
N GLY B 84 16.51 25.75 6.91
CA GLY B 84 16.10 24.61 6.10
C GLY B 84 16.22 24.89 4.61
N LEU B 85 15.80 26.09 4.19
CA LEU B 85 15.88 26.41 2.77
C LEU B 85 17.32 26.53 2.30
N SER B 86 18.24 26.94 3.18
CA SER B 86 19.65 26.93 2.80
C SER B 86 20.22 25.51 2.75
N ASN B 87 19.93 24.70 3.77
CA ASN B 87 20.44 23.34 3.87
C ASN B 87 19.99 22.50 2.67
N GLN B 88 18.75 22.68 2.24
CA GLN B 88 18.18 21.83 1.20
C GLN B 88 18.97 21.91 -0.10
N LEU B 89 19.46 23.10 -0.46
CA LEU B 89 20.16 23.24 -1.74
C LEU B 89 21.49 22.50 -1.74
N VAL B 90 22.25 22.62 -0.66
CA VAL B 90 23.53 21.91 -0.56
C VAL B 90 23.30 20.41 -0.57
N VAL B 91 22.29 19.93 0.17
CA VAL B 91 22.00 18.50 0.16
C VAL B 91 21.61 18.03 -1.24
N ALA B 92 20.80 18.82 -1.94
CA ALA B 92 20.37 18.44 -3.28
C ALA B 92 21.57 18.36 -4.24
N PHE B 93 22.48 19.33 -4.18
CA PHE B 93 23.64 19.27 -5.07
C PHE B 93 24.50 18.05 -4.78
N LYS B 94 24.77 17.79 -3.49
CA LYS B 94 25.62 16.66 -3.14
C LYS B 94 25.00 15.34 -3.58
N GLU B 95 23.70 15.18 -3.38
CA GLU B 95 23.06 13.90 -3.71
C GLU B 95 22.88 13.74 -5.22
N ASP B 96 22.64 14.83 -5.95
CA ASP B 96 22.59 14.74 -7.40
C ASP B 96 23.94 14.30 -7.95
N ASN B 97 25.03 14.85 -7.42
CA ASN B 97 26.35 14.42 -7.84
C ASN B 97 26.61 12.95 -7.48
N THR B 98 26.15 12.51 -6.31
CA THR B 98 26.31 11.11 -5.95
C THR B 98 25.60 10.19 -6.95
N VAL B 99 24.37 10.54 -7.34
CA VAL B 99 23.64 9.71 -8.30
C VAL B 99 24.34 9.71 -9.66
N ALA B 100 24.84 10.87 -10.09
CA ALA B 100 25.58 10.92 -11.36
C ALA B 100 26.83 10.05 -11.31
N PHE B 101 27.54 10.07 -10.18
CA PHE B 101 28.72 9.22 -10.04
C PHE B 101 28.35 7.74 -10.09
N LYS B 102 27.25 7.36 -9.45
CA LYS B 102 26.81 5.97 -9.51
C LYS B 102 26.53 5.55 -10.94
N HIS B 103 25.84 6.40 -11.71
CA HIS B 103 25.59 6.06 -13.11
C HIS B 103 26.87 6.01 -13.93
N LEU B 104 27.84 6.87 -13.61
CA LEU B 104 29.06 6.91 -14.43
C LEU B 104 29.95 5.69 -14.17
N PHE B 105 30.15 5.33 -12.91
CA PHE B 105 31.21 4.38 -12.57
C PHE B 105 30.74 2.98 -12.23
N LEU B 106 29.45 2.73 -12.10
CA LEU B 106 28.94 1.39 -11.82
C LEU B 106 28.33 0.80 -13.09
N LYS B 107 28.81 -0.37 -13.48
CA LYS B 107 28.35 -1.02 -14.69
C LYS B 107 26.92 -1.52 -14.52
N GLY B 108 26.05 -1.16 -15.47
CA GLY B 108 24.69 -1.64 -15.44
C GLY B 108 23.84 -1.13 -14.30
N TYR B 109 24.19 0.01 -13.71
CA TYR B 109 23.42 0.55 -12.61
C TYR B 109 22.03 0.96 -13.09
N SER B 110 21.01 0.53 -12.37
CA SER B 110 19.62 0.71 -12.80
C SER B 110 18.98 1.99 -12.29
N GLY B 111 19.68 2.77 -11.46
CA GLY B 111 19.14 4.00 -10.92
C GLY B 111 18.58 3.91 -9.52
N THR B 112 18.39 2.69 -9.00
CA THR B 112 17.95 2.49 -7.62
C THR B 112 18.87 1.49 -6.96
N ASP B 113 19.28 1.79 -5.72
CA ASP B 113 20.15 0.91 -4.98
C ASP B 113 19.40 -0.34 -4.51
N GLU B 114 20.16 -1.34 -4.10
CA GLU B 114 19.61 -2.41 -3.28
C GLU B 114 19.55 -1.90 -1.83
N ASP B 115 19.21 -2.79 -0.89
CA ASP B 115 18.77 -2.35 0.43
C ASP B 115 19.83 -1.55 1.17
N ASP B 116 21.11 -1.87 1.00
CA ASP B 116 22.16 -1.03 1.57
C ASP B 116 23.34 -0.83 0.62
N TYR B 117 23.29 -1.34 -0.59
CA TYR B 117 24.41 -1.28 -1.51
C TYR B 117 23.88 -1.10 -2.94
N SER B 118 24.70 -0.48 -3.79
CA SER B 118 24.22 -0.04 -5.09
C SER B 118 23.87 -1.21 -5.99
N CYS B 119 24.75 -2.17 -6.14
CA CYS B 119 24.49 -3.31 -7.02
C CYS B 119 25.37 -4.48 -6.59
N SER B 120 25.06 -5.65 -7.14
CA SER B 120 25.77 -6.87 -6.79
C SER B 120 26.05 -7.69 -8.04
N VAL B 121 27.06 -8.54 -7.95
CA VAL B 121 27.44 -9.44 -9.04
C VAL B 121 27.60 -10.85 -8.45
N TYR B 122 27.19 -11.86 -9.23
CA TYR B 122 27.22 -13.24 -8.76
C TYR B 122 28.17 -14.12 -9.56
N THR B 123 28.92 -13.58 -10.52
CA THR B 123 29.72 -14.38 -11.43
C THR B 123 31.14 -13.83 -11.46
N GLN B 124 32.12 -14.73 -11.57
CA GLN B 124 33.52 -14.34 -11.53
C GLN B 124 33.88 -13.37 -12.64
N GLU B 125 33.25 -13.49 -13.82
CA GLU B 125 33.54 -12.57 -14.91
C GLU B 125 32.90 -11.21 -14.72
N ASP B 126 31.70 -11.17 -14.11
CA ASP B 126 31.03 -9.90 -13.88
C ASP B 126 31.83 -9.00 -12.95
N ALA B 127 32.50 -9.59 -11.95
CA ALA B 127 33.32 -8.80 -11.03
C ALA B 127 34.47 -8.13 -11.78
N TYR B 128 35.17 -8.88 -12.63
CA TYR B 128 36.24 -8.29 -13.43
C TYR B 128 35.71 -7.20 -14.34
N GLU B 129 34.56 -7.44 -14.97
CA GLU B 129 34.02 -6.44 -15.89
C GLU B 129 33.67 -5.15 -15.15
N SER B 130 33.06 -5.26 -13.97
CA SER B 130 32.73 -4.06 -13.20
C SER B 130 34.00 -3.34 -12.74
N ILE B 131 34.99 -4.09 -12.26
CA ILE B 131 36.22 -3.49 -11.75
C ILE B 131 36.93 -2.73 -12.85
N PHE B 132 37.04 -3.34 -14.03
CA PHE B 132 37.70 -2.65 -15.15
C PHE B 132 36.86 -1.51 -15.70
N PHE B 133 35.53 -1.64 -15.64
CA PHE B 133 34.65 -0.58 -16.11
C PHE B 133 34.84 0.68 -15.29
N ALA B 134 34.94 0.55 -13.97
CA ALA B 134 35.12 1.72 -13.13
C ALA B 134 36.41 2.47 -13.49
N ILE B 135 37.50 1.72 -13.70
CA ILE B 135 38.77 2.35 -14.03
C ILE B 135 38.71 3.00 -15.41
N ASN B 136 38.11 2.31 -16.39
CA ASN B 136 38.04 2.88 -17.73
C ASN B 136 37.18 4.13 -17.77
N GLN B 137 36.09 4.15 -17.00
CA GLN B 137 35.26 5.36 -16.93
C GLN B 137 36.01 6.49 -16.23
N TYR B 138 36.81 6.17 -15.21
CA TYR B 138 37.63 7.22 -14.61
C TYR B 138 38.64 7.78 -15.61
N HIS B 139 39.21 6.91 -16.45
CA HIS B 139 40.20 7.36 -17.43
C HIS B 139 39.58 8.34 -18.43
N GLN B 140 38.33 8.12 -18.81
CA GLN B 140 37.67 8.88 -19.86
C GLN B 140 36.77 9.99 -19.33
N LEU B 141 36.89 10.36 -18.06
CA LEU B 141 35.92 11.23 -17.41
C LEU B 141 35.70 12.53 -18.19
N LYS B 142 36.77 13.14 -18.69
CA LYS B 142 36.64 14.44 -19.36
C LYS B 142 35.73 14.37 -20.57
N ASP B 143 35.61 13.19 -21.19
CA ASP B 143 34.85 13.05 -22.43
C ASP B 143 33.43 12.55 -22.23
N ILE B 144 33.03 12.19 -21.01
CA ILE B 144 31.73 11.57 -20.78
C ILE B 144 30.89 12.31 -19.74
N THR B 145 31.46 13.18 -18.93
CA THR B 145 30.70 13.85 -17.88
C THR B 145 29.92 15.04 -18.44
N LEU B 146 28.70 15.22 -17.92
CA LEU B 146 27.87 16.37 -18.28
C LEU B 146 28.04 17.54 -17.32
N GLY B 147 28.82 17.38 -16.25
CA GLY B 147 28.96 18.41 -15.24
C GLY B 147 30.18 19.29 -15.44
N THR B 148 30.50 20.05 -14.40
CA THR B 148 31.69 20.90 -14.36
C THR B 148 32.88 20.19 -13.73
N LEU B 149 32.92 18.85 -13.81
CA LEU B 149 33.85 18.06 -13.02
C LEU B 149 35.29 18.21 -13.50
N GLY B 150 36.21 17.77 -12.64
CA GLY B 150 37.63 17.71 -12.94
C GLY B 150 38.30 16.78 -11.96
N TYR B 151 39.56 16.46 -12.24
CA TYR B 151 40.32 15.56 -11.38
C TYR B 151 40.87 16.27 -10.16
N GLY B 152 40.87 15.56 -9.03
CA GLY B 152 41.42 16.07 -7.79
C GLY B 152 42.65 15.30 -7.34
N GLU B 153 43.54 15.99 -6.64
CA GLU B 153 44.76 15.37 -6.14
C GLU B 153 44.45 14.34 -5.07
N ASN B 154 45.21 13.24 -5.07
CA ASN B 154 45.00 12.14 -4.15
C ASN B 154 45.88 12.28 -2.91
N GLU B 155 45.92 11.23 -2.09
CA GLU B 155 46.65 11.27 -0.83
C GLU B 155 48.16 11.48 -1.04
N ASP B 156 48.73 10.91 -2.11
CA ASP B 156 50.13 11.10 -2.43
C ASP B 156 50.39 12.41 -3.19
N ASN B 157 49.40 13.30 -3.24
CA ASN B 157 49.42 14.54 -4.00
C ASN B 157 49.53 14.31 -5.50
N ARG B 158 49.47 13.05 -5.94
CA ARG B 158 49.34 12.75 -7.35
C ARG B 158 47.91 12.92 -7.81
N ILE B 159 47.73 13.19 -9.10
CA ILE B 159 46.44 13.04 -9.76
C ILE B 159 46.41 11.61 -10.27
N GLY B 160 45.62 10.75 -9.63
CA GLY B 160 45.68 9.35 -9.94
C GLY B 160 44.64 8.56 -9.18
N LEU B 161 44.56 7.28 -9.51
CA LEU B 161 43.56 6.36 -9.01
C LEU B 161 44.25 5.28 -8.18
N LYS B 162 43.78 5.06 -6.96
CA LYS B 162 44.34 4.05 -6.07
C LYS B 162 43.33 2.91 -5.88
N VAL B 163 43.79 1.68 -6.08
CA VAL B 163 42.99 0.48 -5.92
C VAL B 163 43.73 -0.50 -5.03
N CYS B 164 43.01 -1.16 -4.11
CA CYS B 164 43.63 -2.01 -3.10
C CYS B 164 42.86 -3.32 -2.97
N LYS B 165 43.58 -4.38 -2.58
CA LYS B 165 43.01 -5.71 -2.39
C LYS B 165 43.22 -6.19 -0.97
N GLN B 166 42.36 -7.11 -0.51
CA GLN B 166 42.55 -7.69 0.84
C GLN B 166 42.28 -9.19 0.75
N HIS B 167 43.34 -10.01 0.76
CA HIS B 167 43.17 -11.48 0.58
C HIS B 167 43.55 -12.23 1.85
N TYR B 168 42.80 -13.28 2.22
CA TYR B 168 43.24 -14.11 3.37
C TYR B 168 44.62 -14.63 3.01
N LYS B 169 45.57 -14.64 3.94
CA LYS B 169 46.97 -14.98 3.60
C LYS B 169 47.20 -16.46 3.30
N LYS B 170 48.34 -16.80 2.72
CA LYS B 170 48.74 -18.21 2.41
C LYS B 170 47.91 -18.79 1.28
N GLY B 171 48.26 -18.47 0.03
CA GLY B 171 47.60 -19.08 -1.11
C GLY B 171 47.58 -20.60 -0.99
N PRO B 175 43.84 -26.39 -4.87
CA PRO B 175 42.43 -26.34 -5.24
C PRO B 175 41.67 -25.21 -4.52
N SER B 176 40.35 -25.15 -4.73
CA SER B 176 39.51 -24.11 -4.07
C SER B 176 38.86 -24.71 -2.82
N ASN B 177 39.29 -25.93 -2.44
CA ASN B 177 38.73 -26.52 -1.20
C ASN B 177 39.38 -27.88 -0.88
N GLU B 178 38.82 -28.61 0.09
CA GLU B 178 39.26 -29.92 0.54
C GLU B 178 40.65 -29.89 1.18
N THR B 179 41.43 -28.82 0.92
CA THR B 179 42.80 -28.73 1.44
C THR B 179 43.21 -27.31 1.79
N LEU B 180 42.28 -26.44 2.19
CA LEU B 180 42.57 -25.01 2.28
C LEU B 180 43.73 -24.74 3.25
N ASN B 181 44.77 -24.06 2.73
CA ASN B 181 45.98 -23.73 3.47
C ASN B 181 46.00 -22.28 3.95
N ILE B 182 44.83 -21.74 4.29
CA ILE B 182 44.71 -20.34 4.71
C ILE B 182 45.29 -20.16 6.10
N ASP B 183 45.64 -18.91 6.45
CA ASP B 183 46.26 -18.60 7.74
C ASP B 183 45.71 -17.33 8.37
N ASN B 184 44.43 -17.03 8.13
CA ASN B 184 43.59 -16.27 9.05
C ASN B 184 43.88 -14.77 9.14
N ASP B 185 45.00 -14.29 8.59
CA ASP B 185 45.17 -12.83 8.54
C ASP B 185 45.26 -12.36 7.08
N VAL B 186 45.25 -11.04 6.88
CA VAL B 186 44.93 -10.43 5.59
C VAL B 186 46.19 -9.90 4.92
N GLU B 187 46.39 -10.27 3.66
CA GLU B 187 47.34 -9.58 2.80
C GLU B 187 46.72 -8.27 2.31
N LEU B 188 47.47 -7.19 2.42
CA LEU B 188 47.05 -5.90 1.88
C LEU B 188 47.96 -5.55 0.72
N ASP B 189 47.37 -5.31 -0.44
CA ASP B 189 48.09 -4.86 -1.62
C ASP B 189 47.42 -3.63 -2.20
N CYS B 190 48.23 -2.67 -2.66
CA CYS B 190 47.73 -1.46 -3.28
C CYS B 190 48.59 -1.12 -4.48
N VAL B 191 48.02 -0.39 -5.42
CA VAL B 191 48.74 0.09 -6.59
C VAL B 191 48.13 1.42 -7.03
N GLN B 192 48.97 2.31 -7.52
CA GLN B 192 48.54 3.63 -8.00
C GLN B 192 48.49 3.62 -9.52
N LEU B 193 47.35 4.01 -10.08
CA LEU B 193 47.17 4.15 -11.52
C LEU B 193 47.02 5.63 -11.83
N ASP B 194 48.03 6.20 -12.46
CA ASP B 194 48.03 7.60 -12.85
C ASP B 194 47.53 7.74 -14.29
N LEU B 195 47.20 8.98 -14.66
CA LEU B 195 46.63 9.23 -15.98
C LEU B 195 47.61 8.88 -17.10
N GLN B 196 48.89 9.21 -16.93
CA GLN B 196 49.87 8.84 -17.94
C GLN B 196 50.21 7.36 -17.92
N ASP B 197 49.72 6.61 -16.93
CA ASP B 197 49.73 5.15 -17.00
C ASP B 197 48.46 4.61 -17.65
N LEU B 198 47.32 5.09 -17.16
CA LEU B 198 46.02 4.54 -17.64
C LEU B 198 45.77 4.99 -19.07
N SER B 199 46.71 5.72 -19.67
CA SER B 199 46.46 6.26 -21.02
C SER B 199 47.38 5.59 -22.03
N LYS B 200 48.53 5.10 -21.58
CA LYS B 200 49.50 4.52 -22.55
C LYS B 200 48.59 3.73 -23.50
N LYS B 201 48.71 3.99 -24.81
CA LYS B 201 47.83 3.33 -25.81
C LYS B 201 47.70 1.85 -25.43
N PRO B 202 48.78 1.11 -25.16
CA PRO B 202 48.65 -0.28 -24.70
C PRO B 202 48.43 -0.26 -23.19
N PRO B 203 47.17 -0.39 -22.69
CA PRO B 203 46.91 -0.26 -21.26
C PRO B 203 47.40 -1.51 -20.51
N ASP B 204 48.72 -1.72 -20.47
CA ASP B 204 49.26 -2.90 -19.82
C ASP B 204 48.74 -3.10 -18.41
N TRP B 205 48.08 -2.09 -17.83
CA TRP B 205 47.61 -2.21 -16.45
C TRP B 205 46.56 -3.29 -16.29
N LYS B 206 45.80 -3.59 -17.34
CA LYS B 206 44.86 -4.72 -17.27
C LYS B 206 45.58 -6.06 -17.22
N ASN B 207 46.75 -6.15 -17.86
CA ASN B 207 47.51 -7.40 -17.90
C ASN B 207 48.44 -7.58 -16.71
N SER B 208 48.46 -6.63 -15.78
CA SER B 208 49.36 -6.69 -14.64
C SER B 208 49.02 -7.88 -13.75
N SER B 209 50.04 -8.35 -13.02
CA SER B 209 49.87 -9.43 -12.06
C SER B 209 49.04 -9.02 -10.85
N PHE B 210 48.74 -7.73 -10.70
CA PHE B 210 47.96 -7.27 -9.57
C PHE B 210 46.56 -7.87 -9.56
N PHE B 211 45.93 -7.94 -10.73
CA PHE B 211 44.52 -8.28 -10.84
C PHE B 211 44.23 -9.78 -10.89
N ARG B 212 45.16 -10.60 -10.40
CA ARG B 212 44.92 -12.05 -10.29
C ARG B 212 44.28 -12.30 -8.92
N LEU B 213 42.96 -12.16 -8.89
CA LEU B 213 42.25 -11.90 -7.63
C LEU B 213 42.09 -13.10 -6.72
N GLU B 214 41.98 -14.32 -7.25
CA GLU B 214 41.77 -15.52 -6.42
C GLU B 214 40.60 -15.32 -5.45
N PHE B 215 39.40 -15.25 -6.03
CA PHE B 215 38.20 -14.88 -5.30
C PHE B 215 37.90 -15.76 -4.09
N TYR B 216 38.53 -16.94 -3.97
CA TYR B 216 38.26 -17.76 -2.80
C TYR B 216 38.95 -17.20 -1.55
N ARG B 217 40.06 -16.50 -1.72
CA ARG B 217 40.73 -15.80 -0.62
C ARG B 217 40.28 -14.36 -0.48
N LEU B 218 39.66 -13.79 -1.50
CA LEU B 218 39.42 -12.36 -1.56
C LEU B 218 38.39 -11.90 -0.52
N LEU B 219 38.75 -10.87 0.23
CA LEU B 219 37.79 -10.20 1.10
C LEU B 219 37.18 -8.95 0.45
N GLN B 220 38.00 -8.14 -0.20
CA GLN B 220 37.58 -6.79 -0.59
C GLN B 220 38.50 -6.25 -1.68
N VAL B 221 37.91 -5.50 -2.61
CA VAL B 221 38.66 -4.66 -3.55
C VAL B 221 38.09 -3.25 -3.45
N GLU B 222 38.96 -2.27 -3.29
CA GLU B 222 38.55 -0.89 -3.05
C GLU B 222 39.19 0.04 -4.09
N ILE B 223 38.38 0.88 -4.71
CA ILE B 223 38.82 1.85 -5.71
C ILE B 223 38.49 3.25 -5.20
N SER B 224 39.48 4.14 -5.18
CA SER B 224 39.34 5.43 -4.56
C SER B 224 39.93 6.53 -5.44
N PHE B 225 39.26 7.68 -5.49
CA PHE B 225 39.73 8.80 -6.30
C PHE B 225 39.06 10.09 -5.83
N HIS B 226 39.63 11.21 -6.26
CA HIS B 226 39.17 12.54 -5.91
C HIS B 226 38.67 13.27 -7.14
N LEU B 227 37.60 14.05 -6.97
CA LEU B 227 37.05 14.88 -8.03
C LEU B 227 36.76 16.28 -7.50
N LYS B 228 36.80 17.26 -8.40
CA LYS B 228 36.45 18.63 -8.10
C LYS B 228 35.16 19.00 -8.84
N GLY B 229 34.30 19.77 -8.18
CA GLY B 229 33.07 20.22 -8.81
C GLY B 229 32.74 21.64 -8.39
N ILE B 230 31.78 22.22 -9.10
CA ILE B 230 31.28 23.57 -8.81
C ILE B 230 29.76 23.54 -8.91
N ASP B 231 29.08 24.12 -7.92
CA ASP B 231 27.64 24.32 -7.97
C ASP B 231 27.30 25.59 -8.77
N LEU B 232 27.72 25.57 -10.04
CA LEU B 232 27.61 26.72 -10.91
C LEU B 232 26.17 27.23 -11.05
N GLN B 233 25.19 26.45 -10.60
CA GLN B 233 23.79 26.89 -10.66
C GLN B 233 23.60 28.24 -9.97
N THR B 234 24.36 28.50 -8.90
CA THR B 234 24.20 29.70 -8.11
C THR B 234 24.64 30.97 -8.82
N ILE B 235 25.30 30.86 -9.98
CA ILE B 235 25.95 32.00 -10.60
C ILE B 235 24.94 33.09 -10.97
N HIS B 236 23.68 32.72 -11.20
CA HIS B 236 22.68 33.72 -11.59
C HIS B 236 22.43 34.75 -10.51
N SER B 237 22.79 34.46 -9.26
CA SER B 237 22.66 35.44 -8.18
C SER B 237 23.87 36.37 -8.09
N ARG B 238 24.89 36.15 -8.92
CA ARG B 238 26.14 36.92 -8.89
C ARG B 238 26.93 36.70 -7.61
N GLU B 239 26.48 35.76 -6.78
CA GLU B 239 27.35 35.27 -5.71
C GLU B 239 28.50 34.47 -6.32
N LEU B 240 29.64 34.52 -5.66
CA LEU B 240 30.78 33.74 -6.11
C LEU B 240 30.46 32.26 -5.97
N PRO B 241 30.50 31.47 -7.05
CA PRO B 241 30.20 30.04 -6.93
C PRO B 241 31.20 29.33 -6.03
N ASP B 242 30.71 28.35 -5.28
CA ASP B 242 31.54 27.58 -4.39
C ASP B 242 31.97 26.27 -5.05
N CYS B 243 33.20 25.83 -4.76
CA CYS B 243 33.66 24.55 -5.24
C CYS B 243 33.32 23.44 -4.26
N TYR B 244 33.39 22.20 -4.76
CA TYR B 244 33.37 21.00 -3.94
C TYR B 244 34.53 20.10 -4.31
N VAL B 245 34.99 19.32 -3.33
CA VAL B 245 35.92 18.23 -3.55
C VAL B 245 35.24 16.94 -3.12
N PHE B 246 35.12 15.99 -4.04
CA PHE B 246 34.47 14.72 -3.78
C PHE B 246 35.54 13.65 -3.55
N GLN B 247 35.48 12.98 -2.41
CA GLN B 247 36.30 11.82 -2.14
C GLN B 247 35.44 10.57 -2.32
N ASN B 248 35.80 9.75 -3.32
CA ASN B 248 34.98 8.62 -3.73
C ASN B 248 35.69 7.30 -3.44
N THR B 249 34.93 6.31 -2.99
CA THR B 249 35.43 4.95 -2.80
C THR B 249 34.39 3.98 -3.33
N ILE B 250 34.84 3.01 -4.12
CA ILE B 250 34.00 1.91 -4.58
C ILE B 250 34.51 0.63 -3.93
N ILE B 251 33.64 -0.05 -3.20
CA ILE B 251 34.00 -1.22 -2.41
C ILE B 251 33.33 -2.43 -3.02
N PHE B 252 34.14 -3.37 -3.51
CA PHE B 252 33.63 -4.66 -3.98
C PHE B 252 33.77 -5.64 -2.82
N ASP B 253 32.71 -5.78 -2.04
CA ASP B 253 32.75 -6.40 -0.73
C ASP B 253 32.11 -7.78 -0.76
N ASN B 254 32.87 -8.79 -0.31
CA ASN B 254 32.34 -10.15 -0.15
C ASN B 254 32.86 -10.78 1.13
N LYS B 255 32.81 -10.04 2.25
CA LYS B 255 33.17 -10.64 3.53
C LYS B 255 32.39 -11.92 3.80
N ALA B 256 31.13 -11.99 3.35
CA ALA B 256 30.31 -13.15 3.63
C ALA B 256 30.81 -14.40 2.92
N HIS B 257 31.52 -14.24 1.78
CA HIS B 257 31.94 -15.37 0.94
C HIS B 257 30.77 -16.25 0.54
N SER B 258 29.57 -15.68 0.48
CA SER B 258 28.34 -16.42 0.22
C SER B 258 27.94 -16.41 -1.24
N GLY B 259 28.91 -16.32 -2.16
CA GLY B 259 28.62 -16.37 -3.57
C GLY B 259 28.17 -15.07 -4.20
N LYS B 260 28.16 -13.97 -3.45
CA LYS B 260 27.78 -12.67 -3.97
C LYS B 260 28.79 -11.62 -3.56
N ILE B 261 29.14 -10.75 -4.49
CA ILE B 261 29.94 -9.56 -4.21
C ILE B 261 29.01 -8.36 -4.16
N LYS B 262 29.10 -7.59 -3.08
CA LYS B 262 28.31 -6.38 -2.91
C LYS B 262 29.15 -5.17 -3.27
N ILE B 263 28.59 -4.27 -4.08
CA ILE B 263 29.30 -3.09 -4.56
C ILE B 263 28.74 -1.87 -3.84
N TYR B 264 29.56 -1.26 -3.00
CA TYR B 264 29.19 -0.06 -2.27
C TYR B 264 29.83 1.15 -2.93
N PHE B 265 29.07 2.23 -3.06
CA PHE B 265 29.60 3.50 -3.53
C PHE B 265 29.38 4.56 -2.47
N ASP B 266 30.46 5.24 -2.07
CA ASP B 266 30.41 6.27 -1.04
C ASP B 266 31.12 7.51 -1.55
N SER B 267 30.56 8.68 -1.24
CA SER B 267 31.08 9.95 -1.73
C SER B 267 31.01 11.00 -0.63
N ASP B 268 32.17 11.55 -0.28
CA ASP B 268 32.29 12.54 0.79
C ASP B 268 32.73 13.86 0.19
N ALA B 269 31.93 14.91 0.38
CA ALA B 269 32.14 16.21 -0.25
C ALA B 269 32.60 17.26 0.77
N LYS B 270 33.66 17.99 0.43
CA LYS B 270 34.13 19.13 1.19
C LYS B 270 34.02 20.39 0.34
N ILE B 271 33.88 21.54 1.00
CA ILE B 271 33.69 22.80 0.28
C ILE B 271 34.99 23.37 -0.24
N GLU B 272 36.14 23.03 0.36
CA GLU B 272 37.44 23.51 -0.07
C GLU B 272 37.45 25.03 -0.23
N GLU B 273 37.77 25.49 -1.44
CA GLU B 273 37.80 26.96 -1.72
C GLU B 273 38.02 27.17 -3.22
N CYS B 274 37.14 27.93 -3.87
CA CYS B 274 37.29 28.22 -5.31
C CYS B 274 38.80 28.37 -5.50
N LYS B 275 39.41 27.48 -6.28
CA LYS B 275 40.87 27.55 -6.51
C LYS B 275 41.15 28.74 -7.43
N ASP B 276 40.63 28.72 -8.66
CA ASP B 276 40.87 29.83 -9.62
C ASP B 276 39.67 29.97 -10.57
N LEU B 277 38.55 30.47 -10.06
CA LEU B 277 37.35 30.71 -10.94
C LEU B 277 37.36 32.18 -11.37
N ASN B 278 37.64 32.44 -12.65
CA ASN B 278 37.73 33.85 -13.15
C ASN B 278 36.32 34.31 -13.54
N ILE B 279 35.29 33.61 -13.07
CA ILE B 279 33.89 33.97 -13.43
C ILE B 279 33.64 35.37 -12.86
N PHE B 280 33.14 36.30 -13.69
CA PHE B 280 32.92 37.69 -13.24
C PHE B 280 31.67 37.75 -12.36
N GLY B 281 31.66 38.65 -11.38
CA GLY B 281 30.51 38.76 -10.46
C GLY B 281 30.93 39.33 -9.12
N SER B 282 30.47 38.73 -8.01
CA SER B 282 30.81 39.21 -6.64
C SER B 282 31.02 38.01 -5.71
N THR B 283 31.75 38.22 -4.59
CA THR B 283 32.00 37.13 -3.61
C THR B 283 30.81 37.01 -2.68
N GLN B 284 30.88 36.07 -1.72
CA GLN B 284 29.74 35.84 -0.79
C GLN B 284 30.06 36.45 0.58
N LYS B 285 29.17 37.30 1.10
CA LYS B 285 29.37 37.93 2.42
C LYS B 285 28.07 37.86 3.24
N ASN B 286 26.96 37.49 2.59
CA ASN B 286 25.66 37.38 3.29
C ASN B 286 25.87 36.65 4.62
N ALA B 287 26.92 35.83 4.71
CA ALA B 287 27.21 35.11 5.93
C ALA B 287 27.11 36.00 7.16
N GLN B 288 27.48 37.28 7.03
CA GLN B 288 27.36 38.22 8.14
C GLN B 288 25.90 38.42 8.52
N TYR B 289 25.01 38.47 7.52
CA TYR B 289 23.58 38.61 7.79
C TYR B 289 23.04 37.40 8.52
N VAL B 290 23.63 36.22 8.31
CA VAL B 290 23.25 35.03 9.06
C VAL B 290 23.77 35.12 10.50
N LEU B 291 25.04 35.50 10.65
CA LEU B 291 25.66 35.55 11.98
C LEU B 291 24.96 36.55 12.88
N VAL B 292 24.67 37.74 12.37
CA VAL B 292 24.05 38.77 13.21
C VAL B 292 22.62 38.38 13.58
N PHE B 293 21.90 37.73 12.66
CA PHE B 293 20.55 37.30 12.96
C PHE B 293 20.54 36.21 14.02
N ASP B 294 21.50 35.28 13.94
CA ASP B 294 21.64 34.27 14.99
C ASP B 294 21.97 34.91 16.32
N ALA B 295 22.79 35.96 16.31
CA ALA B 295 23.09 36.68 17.54
C ALA B 295 21.83 37.28 18.15
N PHE B 296 20.98 37.89 17.31
CA PHE B 296 19.72 38.44 17.82
C PHE B 296 18.84 37.35 18.40
N VAL B 297 18.76 36.20 17.72
CA VAL B 297 17.92 35.10 18.22
C VAL B 297 18.42 34.62 19.58
N ILE B 298 19.74 34.49 19.72
CA ILE B 298 20.31 34.07 20.99
C ILE B 298 19.99 35.09 22.07
N VAL B 299 20.10 36.38 21.74
CA VAL B 299 19.85 37.42 22.73
C VAL B 299 18.41 37.37 23.23
N ILE B 300 17.45 37.26 22.30
CA ILE B 300 16.06 37.26 22.73
C ILE B 300 15.73 35.98 23.49
N CYS B 301 16.32 34.85 23.13
CA CYS B 301 16.06 33.62 23.86
C CYS B 301 16.61 33.70 25.28
N LEU B 302 17.80 34.30 25.43
CA LEU B 302 18.33 34.52 26.77
C LEU B 302 17.43 35.45 27.58
N ALA B 303 16.91 36.49 26.95
CA ALA B 303 16.00 37.41 27.65
C ALA B 303 14.75 36.68 28.13
N SER B 304 14.17 35.83 27.26
CA SER B 304 12.99 35.07 27.65
C SER B 304 13.30 34.12 28.81
N LEU B 305 14.48 33.45 28.75
CA LEU B 305 14.87 32.56 29.84
C LEU B 305 15.03 33.33 31.15
N ILE B 306 15.62 34.52 31.08
CA ILE B 306 15.79 35.35 32.28
C ILE B 306 14.42 35.69 32.87
N LEU B 307 13.49 36.10 32.02
CA LEU B 307 12.15 36.45 32.49
C LEU B 307 11.47 35.26 33.14
N CYS B 308 11.58 34.07 32.53
CA CYS B 308 10.89 32.90 33.07
C CYS B 308 11.49 32.46 34.40
N THR B 309 12.82 32.47 34.49
CA THR B 309 13.46 32.10 35.76
C THR B 309 13.10 33.11 36.85
N ARG B 310 13.06 34.40 36.52
CA ARG B 310 12.64 35.41 37.48
C ARG B 310 11.22 35.17 37.95
N SER B 311 10.32 34.83 37.02
CA SER B 311 8.94 34.57 37.40
C SER B 311 8.82 33.34 38.29
N ILE B 312 9.62 32.30 38.02
CA ILE B 312 9.61 31.12 38.88
C ILE B 312 10.09 31.46 40.28
N VAL B 313 11.04 32.38 40.38
CA VAL B 313 11.61 32.76 41.71
C VAL B 313 10.55 33.52 42.52
N LEU B 314 10.07 34.63 41.96
CA LEU B 314 9.07 35.48 42.67
C LEU B 314 7.91 34.61 43.16
N ALA B 315 7.37 33.77 42.28
CA ALA B 315 6.17 32.96 42.63
C ALA B 315 6.49 31.93 43.72
N LEU B 316 7.64 31.28 43.62
CA LEU B 316 8.04 30.32 44.69
C LEU B 316 8.15 31.07 46.02
N ARG B 317 8.69 32.29 46.00
CA ARG B 317 8.75 33.10 47.26
C ARG B 317 7.34 33.37 47.76
N LEU B 318 6.45 33.83 46.89
CA LEU B 318 5.05 34.05 47.29
C LEU B 318 4.52 32.79 47.98
N ARG B 319 4.78 31.61 47.41
CA ARG B 319 4.38 30.36 48.08
C ARG B 319 5.02 30.32 49.47
N LYS B 320 6.32 30.64 49.58
CA LYS B 320 6.88 30.67 50.93
C LYS B 320 6.11 31.64 51.82
N ARG B 321 5.77 32.82 51.28
CA ARG B 321 4.95 33.77 52.02
C ARG B 321 3.60 33.17 52.40
N PHE B 322 2.96 32.48 51.46
CA PHE B 322 1.68 31.84 51.72
C PHE B 322 1.81 30.78 52.81
N LEU B 323 2.91 30.01 52.77
CA LEU B 323 3.14 29.01 53.80
C LEU B 323 3.29 29.66 55.17
N ASN B 324 4.02 30.78 55.24
CA ASN B 324 4.23 31.46 56.52
C ASN B 324 3.01 32.24 57.00
N PHE B 325 2.05 32.53 56.11
CA PHE B 325 0.97 33.46 56.45
C PHE B 325 0.06 32.90 57.54
N PHE B 326 -0.42 31.68 57.36
CA PHE B 326 -1.43 31.15 58.27
C PHE B 326 -1.33 29.62 58.32
N LEU B 327 -1.88 29.06 59.39
CA LEU B 327 -1.97 27.62 59.56
C LEU B 327 -2.81 26.99 58.45
N ASP B 338 -6.25 26.17 47.30
CA ASP B 338 -4.81 26.45 47.27
C ASP B 338 -4.03 25.14 47.19
N GLN B 339 -2.86 25.18 46.56
CA GLN B 339 -2.08 23.98 46.32
C GLN B 339 -0.60 24.32 46.42
N TRP B 340 0.21 23.31 46.73
CA TRP B 340 1.64 23.51 46.87
C TRP B 340 2.31 23.99 45.59
N GLU B 341 1.73 23.65 44.43
CA GLU B 341 2.37 23.93 43.15
C GLU B 341 1.98 25.33 42.66
N PHE B 342 2.76 26.32 43.11
CA PHE B 342 2.61 27.68 42.61
C PHE B 342 3.25 27.87 41.24
N ILE B 343 4.24 27.04 40.89
CA ILE B 343 4.96 27.21 39.64
C ILE B 343 4.05 26.88 38.47
N ASN B 344 4.01 27.79 37.48
CA ASN B 344 3.30 27.52 36.24
C ASN B 344 4.12 26.53 35.41
N GLY B 345 3.47 25.42 35.02
CA GLY B 345 4.19 24.37 34.32
C GLY B 345 4.75 24.79 32.96
N TRP B 346 4.11 25.75 32.31
CA TRP B 346 4.55 26.18 30.99
C TRP B 346 5.94 26.81 31.02
N TYR B 347 6.34 27.37 32.17
CA TYR B 347 7.67 27.98 32.26
C TYR B 347 8.78 26.95 32.08
N VAL B 348 8.57 25.71 32.55
CA VAL B 348 9.58 24.68 32.35
C VAL B 348 9.77 24.39 30.87
N LEU B 349 8.66 24.26 30.15
CA LEU B 349 8.72 24.04 28.70
C LEU B 349 9.42 25.21 28.01
N VAL B 350 9.11 26.44 28.42
CA VAL B 350 9.70 27.61 27.78
C VAL B 350 11.20 27.65 28.03
N ILE B 351 11.63 27.35 29.26
CA ILE B 351 13.05 27.36 29.58
C ILE B 351 13.78 26.31 28.77
N ILE B 352 13.22 25.10 28.67
CA ILE B 352 13.86 24.05 27.88
C ILE B 352 13.96 24.48 26.42
N SER B 353 12.88 25.04 25.89
CA SER B 353 12.86 25.51 24.50
C SER B 353 13.97 26.52 24.26
N ASP B 354 14.10 27.50 25.15
CA ASP B 354 15.09 28.54 24.96
C ASP B 354 16.51 28.02 25.09
N LEU B 355 16.77 27.11 26.04
CA LEU B 355 18.10 26.52 26.15
C LEU B 355 18.48 25.77 24.88
N MET B 356 17.55 24.97 24.36
CA MET B 356 17.84 24.21 23.15
C MET B 356 18.03 25.13 21.95
N THR B 357 17.23 26.21 21.87
CA THR B 357 17.42 27.17 20.78
C THR B 357 18.79 27.84 20.87
N ILE B 358 19.22 28.20 22.08
CA ILE B 358 20.51 28.85 22.25
C ILE B 358 21.63 27.94 21.78
N ILE B 359 21.65 26.69 22.27
CA ILE B 359 22.75 25.81 21.92
C ILE B 359 22.70 25.43 20.44
N GLY B 360 21.50 25.27 19.89
CA GLY B 360 21.38 24.98 18.46
C GLY B 360 21.87 26.12 17.59
N SER B 361 21.56 27.36 17.97
CA SER B 361 22.05 28.50 17.22
C SER B 361 23.57 28.63 17.35
N ILE B 362 24.12 28.29 18.52
CA ILE B 362 25.57 28.27 18.66
C ILE B 362 26.18 27.26 17.70
N LEU B 363 25.59 26.07 17.62
CA LEU B 363 26.07 25.05 16.69
C LEU B 363 25.94 25.50 15.23
N LYS B 364 24.85 26.19 14.89
CA LYS B 364 24.69 26.66 13.52
C LYS B 364 25.75 27.70 13.17
N MET B 365 26.02 28.63 14.08
CA MET B 365 27.07 29.61 13.85
C MET B 365 28.42 28.93 13.73
N GLU B 366 28.68 27.92 14.55
CA GLU B 366 29.92 27.17 14.45
C GLU B 366 30.04 26.48 13.09
N ILE B 367 28.97 25.88 12.61
CA ILE B 367 28.99 25.19 11.32
C ILE B 367 29.28 26.17 10.20
N LYS B 368 28.57 27.31 10.19
CA LYS B 368 28.77 28.29 9.13
C LYS B 368 30.16 28.90 9.17
N ALA B 369 30.67 29.19 10.38
CA ALA B 369 31.98 29.82 10.50
C ALA B 369 33.07 28.90 9.94
N LYS B 370 33.03 27.62 10.30
CA LYS B 370 34.02 26.65 9.85
C LYS B 370 33.62 25.94 8.55
N ASN B 371 32.48 26.33 7.95
CA ASN B 371 32.08 25.88 6.62
C ASN B 371 31.87 24.38 6.55
N LEU B 372 31.16 23.83 7.53
CA LEU B 372 30.79 22.42 7.53
C LEU B 372 29.49 22.19 6.78
N THR B 373 29.18 20.90 6.58
CA THR B 373 27.90 20.46 6.02
C THR B 373 27.26 19.33 6.84
N ASN B 374 27.72 19.09 8.07
CA ASN B 374 27.18 18.03 8.92
C ASN B 374 26.15 18.64 9.87
N TYR B 375 24.90 18.65 9.40
CA TYR B 375 23.82 19.38 10.05
C TYR B 375 22.99 18.57 11.03
N ASP B 376 23.37 17.32 11.33
CA ASP B 376 22.48 16.43 12.07
C ASP B 376 22.11 17.00 13.44
N LEU B 377 23.11 17.24 14.29
CA LEU B 377 22.83 17.61 15.68
C LEU B 377 22.19 18.99 15.76
N CYS B 378 22.67 19.95 14.96
CA CYS B 378 22.09 21.29 14.97
C CYS B 378 20.64 21.25 14.52
N SER B 379 20.34 20.45 13.49
CA SER B 379 18.96 20.31 13.04
C SER B 379 18.09 19.74 14.15
N ILE B 380 18.62 18.77 14.91
CA ILE B 380 17.84 18.18 15.99
C ILE B 380 17.51 19.22 17.04
N PHE B 381 18.52 19.99 17.49
CA PHE B 381 18.24 21.00 18.50
C PHE B 381 17.24 22.03 18.00
N LEU B 382 17.45 22.56 16.80
CA LEU B 382 16.57 23.62 16.30
C LEU B 382 15.15 23.10 16.10
N GLY B 383 15.00 21.89 15.54
CA GLY B 383 13.68 21.35 15.30
C GLY B 383 12.93 21.04 16.58
N THR B 384 13.60 20.44 17.56
CA THR B 384 12.93 20.15 18.83
C THR B 384 12.57 21.44 19.56
N SER B 385 13.46 22.43 19.51
CA SER B 385 13.15 23.72 20.11
C SER B 385 11.92 24.35 19.47
N THR B 386 11.84 24.31 18.14
CA THR B 386 10.66 24.84 17.45
C THR B 386 9.40 24.07 17.82
N LEU B 387 9.52 22.74 17.91
CA LEU B 387 8.38 21.92 18.33
C LEU B 387 7.86 22.37 19.68
N LEU B 388 8.76 22.51 20.66
CA LEU B 388 8.32 22.92 21.99
C LEU B 388 7.80 24.35 22.00
N VAL B 389 8.36 25.23 21.18
CA VAL B 389 7.87 26.62 21.11
C VAL B 389 6.44 26.66 20.60
N TRP B 390 6.14 25.91 19.54
CA TRP B 390 4.78 25.91 19.03
C TRP B 390 3.83 25.13 19.93
N VAL B 391 4.32 24.16 20.69
CA VAL B 391 3.48 23.55 21.72
C VAL B 391 3.13 24.57 22.79
N GLY B 392 4.08 25.45 23.15
CA GLY B 392 3.85 26.44 24.18
C GLY B 392 2.78 27.47 23.86
N VAL B 393 2.35 27.55 22.60
CA VAL B 393 1.29 28.49 22.23
C VAL B 393 -0.04 28.12 22.88
N ILE B 394 -0.24 26.84 23.19
CA ILE B 394 -1.49 26.39 23.82
C ILE B 394 -1.74 27.13 25.13
N ARG B 395 -0.68 27.62 25.77
CA ARG B 395 -0.81 28.43 26.97
C ARG B 395 -1.77 29.60 26.77
N TYR B 396 -1.76 30.18 25.57
CA TYR B 396 -2.55 31.38 25.30
C TYR B 396 -3.96 31.07 24.80
N LEU B 397 -4.22 29.83 24.34
CA LEU B 397 -5.58 29.45 23.99
C LEU B 397 -6.42 29.18 25.22
N GLY B 398 -5.80 28.76 26.33
CA GLY B 398 -6.55 28.44 27.53
C GLY B 398 -7.27 29.62 28.15
N TYR B 399 -6.87 30.85 27.81
CA TYR B 399 -7.50 32.03 28.37
C TYR B 399 -8.89 32.30 27.80
N PHE B 400 -9.18 31.79 26.61
CA PHE B 400 -10.35 32.22 25.85
C PHE B 400 -11.62 31.43 26.17
N GLN B 401 -11.54 30.46 27.09
CA GLN B 401 -12.64 29.56 27.41
C GLN B 401 -13.02 28.70 26.21
N ALA B 402 -13.69 27.57 26.48
CA ALA B 402 -14.21 26.64 25.47
C ALA B 402 -13.08 25.92 24.75
N TYR B 403 -11.83 26.36 24.99
CA TYR B 403 -10.67 25.50 24.78
C TYR B 403 -10.21 24.89 26.09
N ASN B 404 -10.63 25.49 27.22
CA ASN B 404 -10.09 25.12 28.52
C ASN B 404 -10.46 23.70 28.90
N VAL B 405 -11.69 23.28 28.61
CA VAL B 405 -12.09 21.92 28.93
C VAL B 405 -11.30 20.92 28.09
N LEU B 406 -11.00 21.26 26.83
CA LEU B 406 -10.21 20.37 26.00
C LEU B 406 -8.77 20.25 26.50
N ILE B 407 -8.18 21.39 26.88
CA ILE B 407 -6.81 21.39 27.40
C ILE B 407 -6.74 20.62 28.71
N LEU B 408 -7.72 20.84 29.60
CA LEU B 408 -7.76 20.11 30.86
C LEU B 408 -7.96 18.61 30.65
N THR B 409 -8.76 18.24 29.64
CA THR B 409 -8.91 16.82 29.32
C THR B 409 -7.60 16.22 28.82
N MET B 410 -6.88 16.96 27.97
CA MET B 410 -5.59 16.48 27.49
C MET B 410 -4.61 16.30 28.64
N GLN B 411 -4.56 17.28 29.54
CA GLN B 411 -3.63 17.21 30.66
C GLN B 411 -4.01 16.11 31.63
N ALA B 412 -5.30 15.87 31.84
CA ALA B 412 -5.76 14.88 32.80
C ALA B 412 -5.72 13.46 32.27
N SER B 413 -5.50 13.26 30.98
CA SER B 413 -5.59 11.93 30.38
C SER B 413 -4.25 11.20 30.32
N LEU B 414 -3.14 11.93 30.29
CA LEU B 414 -1.83 11.27 30.30
C LEU B 414 -1.62 10.37 31.51
N PRO B 415 -1.93 10.78 32.75
CA PRO B 415 -1.66 9.91 33.90
C PRO B 415 -2.38 8.57 33.87
N LYS B 416 -3.24 8.31 32.88
CA LYS B 416 -3.90 7.01 32.81
C LYS B 416 -3.63 6.32 31.49
N VAL B 417 -3.46 7.08 30.41
CA VAL B 417 -3.02 6.49 29.15
C VAL B 417 -1.62 5.91 29.30
N LEU B 418 -0.72 6.66 29.95
CA LEU B 418 0.63 6.17 30.14
C LEU B 418 0.68 4.98 31.10
N ARG B 419 -0.24 4.92 32.07
CA ARG B 419 -0.30 3.76 32.95
C ARG B 419 -0.88 2.54 32.23
N PHE B 420 -1.82 2.76 31.31
CA PHE B 420 -2.29 1.65 30.49
C PHE B 420 -1.19 1.14 29.57
N CYS B 421 -0.31 2.03 29.10
CA CYS B 421 0.74 1.61 28.19
C CYS B 421 1.69 0.59 28.81
N ALA B 422 1.84 0.54 30.13
CA ALA B 422 2.71 -0.47 30.73
C ALA B 422 2.09 -1.86 30.64
N CYS B 423 0.82 -1.99 31.03
CA CYS B 423 0.13 -3.27 30.93
C CYS B 423 0.07 -3.73 29.48
N ALA B 424 -0.18 -2.80 28.55
CA ALA B 424 -0.18 -3.19 27.14
C ALA B 424 1.23 -3.52 26.65
N GLY B 425 2.25 -2.84 27.18
CA GLY B 425 3.60 -3.03 26.69
C GLY B 425 4.18 -4.37 27.09
N MET B 426 3.76 -4.89 28.26
CA MET B 426 4.23 -6.23 28.62
C MET B 426 3.79 -7.27 27.59
N ILE B 427 2.52 -7.21 27.19
CA ILE B 427 2.01 -8.11 26.15
C ILE B 427 2.70 -7.83 24.83
N TYR B 428 2.91 -6.55 24.52
CA TYR B 428 3.53 -6.16 23.25
C TYR B 428 4.96 -6.70 23.17
N LEU B 429 5.70 -6.65 24.28
CA LEU B 429 7.05 -7.22 24.32
C LEU B 429 7.01 -8.73 24.15
N GLY B 430 6.07 -9.40 24.81
CA GLY B 430 5.95 -10.84 24.64
C GLY B 430 5.73 -11.23 23.18
N TYR B 431 4.79 -10.55 22.52
CA TYR B 431 4.56 -10.81 21.10
C TYR B 431 5.77 -10.41 20.25
N THR B 432 6.50 -9.37 20.63
CA THR B 432 7.68 -9.00 19.86
C THR B 432 8.71 -10.12 19.88
N PHE B 433 9.02 -10.66 21.06
CA PHE B 433 9.98 -11.74 21.15
C PHE B 433 9.50 -12.99 20.42
N CYS B 434 8.23 -13.36 20.60
CA CYS B 434 7.74 -14.58 19.96
C CYS B 434 7.74 -14.44 18.45
N GLY B 435 7.29 -13.30 17.93
CA GLY B 435 7.29 -13.09 16.50
C GLY B 435 8.69 -13.11 15.92
N TRP B 436 9.63 -12.44 16.59
CA TRP B 436 11.00 -12.42 16.09
C TRP B 436 11.58 -13.83 16.03
N ILE B 437 11.38 -14.62 17.08
CA ILE B 437 12.00 -15.94 17.10
C ILE B 437 11.32 -16.89 16.12
N VAL B 438 10.00 -16.80 15.93
CA VAL B 438 9.29 -17.78 15.10
C VAL B 438 9.22 -17.35 13.65
N LEU B 439 8.65 -16.18 13.37
CA LEU B 439 8.41 -15.77 11.99
C LEU B 439 9.61 -15.10 11.34
N GLY B 440 10.69 -14.84 12.11
CA GLY B 440 11.84 -14.15 11.59
C GLY B 440 12.53 -14.77 10.41
N PRO B 441 12.84 -16.08 10.43
CA PRO B 441 13.44 -16.72 9.25
C PRO B 441 12.51 -16.81 8.05
N TYR B 442 11.22 -16.49 8.19
CA TYR B 442 10.26 -16.75 7.14
C TYR B 442 9.45 -15.54 6.71
N HIS B 443 9.76 -14.34 7.21
CA HIS B 443 8.92 -13.18 6.96
C HIS B 443 9.82 -11.96 6.95
N ASP B 444 9.68 -11.13 5.91
CA ASP B 444 10.57 -9.99 5.73
C ASP B 444 10.41 -8.95 6.83
N LYS B 445 9.21 -8.83 7.39
CA LYS B 445 8.96 -7.81 8.40
C LYS B 445 9.48 -8.20 9.78
N PHE B 446 9.77 -9.48 10.00
CA PHE B 446 10.14 -9.96 11.33
C PHE B 446 11.62 -10.28 11.45
N GLU B 447 12.47 -9.68 10.62
CA GLU B 447 13.88 -10.07 10.58
C GLU B 447 14.58 -9.79 11.89
N ASN B 448 14.26 -8.69 12.57
CA ASN B 448 14.94 -8.33 13.80
C ASN B 448 13.97 -7.61 14.73
N LEU B 449 14.35 -7.54 16.01
CA LEU B 449 13.45 -7.06 17.05
C LEU B 449 12.94 -5.65 16.77
N ASN B 450 13.79 -4.78 16.22
CA ASN B 450 13.35 -3.42 15.90
C ASN B 450 12.25 -3.43 14.85
N THR B 451 12.46 -4.17 13.76
CA THR B 451 11.45 -4.24 12.71
C THR B 451 10.20 -4.97 13.18
N VAL B 452 10.36 -5.96 14.07
CA VAL B 452 9.18 -6.62 14.66
C VAL B 452 8.37 -5.62 15.47
N ALA B 453 9.05 -4.80 16.27
CA ALA B 453 8.35 -3.80 17.07
C ALA B 453 7.62 -2.80 16.17
N GLU B 454 8.27 -2.34 15.10
CA GLU B 454 7.61 -1.39 14.21
C GLU B 454 6.42 -2.04 13.49
N CYS B 455 6.56 -3.30 13.07
CA CYS B 455 5.48 -3.99 12.40
C CYS B 455 4.29 -4.18 13.32
N LEU B 456 4.54 -4.62 14.56
CA LEU B 456 3.44 -4.79 15.50
C LEU B 456 2.77 -3.47 15.83
N PHE B 457 3.56 -2.40 15.98
CA PHE B 457 2.97 -1.10 16.26
C PHE B 457 2.12 -0.63 15.08
N SER B 458 2.54 -0.93 13.85
CA SER B 458 1.71 -0.64 12.69
C SER B 458 0.42 -1.45 12.72
N LEU B 459 0.52 -2.73 13.08
CA LEU B 459 -0.66 -3.59 13.08
C LEU B 459 -1.68 -3.14 14.11
N VAL B 460 -1.22 -2.67 15.28
CA VAL B 460 -2.14 -2.14 16.28
C VAL B 460 -2.97 -1.00 15.69
N ASN B 461 -2.35 -0.17 14.85
CA ASN B 461 -3.04 0.92 14.19
C ASN B 461 -3.67 0.50 12.86
N GLY B 462 -3.63 -0.79 12.53
CA GLY B 462 -4.36 -1.31 11.40
C GLY B 462 -3.69 -1.17 10.05
N ASP B 463 -2.42 -0.78 10.00
CA ASP B 463 -1.76 -0.52 8.74
C ASP B 463 -1.20 -1.80 8.12
N ASP B 464 -1.31 -1.86 6.79
CA ASP B 464 -0.60 -2.84 5.96
C ASP B 464 -0.76 -4.26 6.48
N MET B 465 -2.03 -4.65 6.67
CA MET B 465 -2.34 -5.91 7.36
C MET B 465 -2.43 -7.10 6.43
N PHE B 466 -3.08 -6.96 5.27
CA PHE B 466 -3.22 -8.10 4.38
C PHE B 466 -1.86 -8.57 3.86
N ALA B 467 -0.95 -7.63 3.58
CA ALA B 467 0.39 -8.01 3.16
C ALA B 467 1.12 -8.75 4.27
N THR B 468 0.86 -8.38 5.53
CA THR B 468 1.49 -9.08 6.65
C THR B 468 1.07 -10.54 6.70
N PHE B 469 -0.19 -10.84 6.38
CA PHE B 469 -0.63 -12.23 6.30
C PHE B 469 0.00 -12.93 5.11
N ALA B 470 -0.04 -12.29 3.93
CA ALA B 470 0.31 -12.96 2.68
C ALA B 470 1.80 -13.09 2.45
N GLN B 471 2.64 -12.36 3.19
CA GLN B 471 4.05 -12.27 2.85
C GLN B 471 4.86 -13.47 3.32
N ILE B 472 4.27 -14.37 4.11
CA ILE B 472 4.96 -15.56 4.60
C ILE B 472 4.57 -16.74 3.74
N GLN B 473 5.57 -17.43 3.18
CA GLN B 473 5.32 -18.58 2.32
C GLN B 473 4.93 -19.80 3.14
N GLN B 474 4.23 -20.73 2.47
CA GLN B 474 3.69 -21.93 3.10
C GLN B 474 4.69 -23.08 3.03
N LYS B 475 5.99 -22.75 2.98
CA LYS B 475 7.02 -23.76 2.87
C LYS B 475 6.94 -24.77 4.02
N SER B 476 6.73 -24.29 5.24
CA SER B 476 6.54 -25.14 6.40
C SER B 476 5.13 -24.92 6.94
N ILE B 477 4.34 -26.00 6.99
CA ILE B 477 2.96 -25.88 7.40
C ILE B 477 2.84 -25.55 8.88
N LEU B 478 3.75 -26.06 9.72
CA LEU B 478 3.70 -25.79 11.15
C LEU B 478 3.89 -24.30 11.43
N VAL B 479 4.91 -23.71 10.81
CA VAL B 479 5.20 -22.30 11.04
C VAL B 479 4.08 -21.43 10.46
N TRP B 480 3.49 -21.85 9.34
CA TRP B 480 2.40 -21.09 8.74
C TRP B 480 1.16 -21.10 9.64
N LEU B 481 0.81 -22.28 10.18
CA LEU B 481 -0.30 -22.38 11.10
C LEU B 481 -0.06 -21.52 12.34
N PHE B 482 1.16 -21.57 12.88
CA PHE B 482 1.48 -20.70 14.01
C PHE B 482 1.39 -19.23 13.63
N SER B 483 1.78 -18.88 12.40
CA SER B 483 1.69 -17.50 11.95
C SER B 483 0.25 -17.03 11.92
N ARG B 484 -0.67 -17.88 11.44
CA ARG B 484 -2.09 -17.50 11.47
C ARG B 484 -2.60 -17.36 12.90
N LEU B 485 -2.26 -18.32 13.77
CA LEU B 485 -2.66 -18.20 15.17
C LEU B 485 -2.15 -16.90 15.78
N TYR B 486 -0.86 -16.61 15.57
CA TYR B 486 -0.21 -15.43 16.11
C TYR B 486 -0.87 -14.15 15.62
N LEU B 487 -1.06 -14.04 14.30
CA LEU B 487 -1.57 -12.80 13.74
C LEU B 487 -3.02 -12.57 14.13
N TYR B 488 -3.88 -13.59 14.05
CA TYR B 488 -5.26 -13.39 14.48
C TYR B 488 -5.34 -13.04 15.95
N SER B 489 -4.57 -13.74 16.81
CA SER B 489 -4.63 -13.44 18.24
C SER B 489 -4.19 -12.01 18.52
N PHE B 490 -3.05 -11.60 17.97
CA PHE B 490 -2.54 -10.26 18.22
C PHE B 490 -3.49 -9.20 17.72
N ILE B 491 -3.94 -9.32 16.47
CA ILE B 491 -4.77 -8.27 15.89
C ILE B 491 -6.10 -8.17 16.64
N SER B 492 -6.72 -9.31 16.97
CA SER B 492 -7.95 -9.24 17.73
C SER B 492 -7.73 -8.57 19.08
N LEU B 493 -6.71 -9.03 19.82
CA LEU B 493 -6.51 -8.55 21.19
C LEU B 493 -6.22 -7.06 21.23
N PHE B 494 -5.42 -6.56 20.29
CA PHE B 494 -5.05 -5.15 20.36
C PHE B 494 -6.07 -4.24 19.69
N ILE B 495 -6.62 -4.61 18.53
CA ILE B 495 -7.55 -3.71 17.87
C ILE B 495 -8.92 -3.71 18.55
N TYR B 496 -9.50 -4.88 18.80
CA TYR B 496 -10.87 -4.87 19.28
C TYR B 496 -11.01 -4.66 20.79
N MET B 497 -9.93 -4.79 21.56
CA MET B 497 -10.05 -4.55 23.00
C MET B 497 -9.15 -3.44 23.51
N ILE B 498 -7.84 -3.57 23.29
CA ILE B 498 -6.89 -2.65 23.88
C ILE B 498 -7.01 -1.27 23.26
N LEU B 499 -7.09 -1.22 21.93
CA LEU B 499 -7.20 0.06 21.24
C LEU B 499 -8.47 0.79 21.65
N SER B 500 -9.57 0.05 21.84
CA SER B 500 -10.82 0.66 22.28
C SER B 500 -10.77 1.08 23.75
N LEU B 501 -9.87 0.51 24.55
CA LEU B 501 -9.79 0.99 25.93
C LEU B 501 -9.24 2.43 25.99
N PHE B 502 -8.41 2.83 25.04
CA PHE B 502 -8.06 4.25 24.95
C PHE B 502 -9.28 5.11 24.70
N ILE B 503 -10.18 4.68 23.82
CA ILE B 503 -11.41 5.44 23.58
C ILE B 503 -12.21 5.55 24.87
N ALA B 504 -12.33 4.44 25.59
CA ALA B 504 -13.07 4.45 26.85
C ALA B 504 -12.46 5.44 27.84
N LEU B 505 -11.13 5.36 28.03
CA LEU B 505 -10.45 6.21 29.00
C LEU B 505 -10.59 7.68 28.62
N ILE B 506 -10.37 8.01 27.35
CA ILE B 506 -10.42 9.41 26.92
C ILE B 506 -11.83 9.95 27.04
N THR B 507 -12.83 9.18 26.62
CA THR B 507 -14.21 9.63 26.70
C THR B 507 -14.62 9.87 28.15
N ASP B 508 -14.28 8.96 29.05
CA ASP B 508 -14.67 9.14 30.43
C ASP B 508 -13.88 10.26 31.12
N SER B 509 -12.62 10.47 30.75
CA SER B 509 -11.88 11.61 31.29
C SER B 509 -12.52 12.92 30.83
N TYR B 510 -13.05 12.93 29.61
CA TYR B 510 -13.76 14.12 29.07
C TYR B 510 -14.92 14.45 30.00
N ASP B 511 -15.80 13.48 30.27
CA ASP B 511 -17.03 13.77 31.06
C ASP B 511 -16.67 14.28 32.47
N THR B 512 -15.67 13.73 33.15
CA THR B 512 -15.34 14.29 34.48
C THR B 512 -15.08 15.79 34.37
N ILE B 513 -14.17 16.20 33.49
CA ILE B 513 -13.81 17.64 33.34
C ILE B 513 -15.05 18.43 32.93
N LYS B 514 -15.83 17.91 31.99
CA LYS B 514 -17.08 18.59 31.56
C LYS B 514 -17.99 18.70 32.78
N LYS B 515 -18.13 17.63 33.56
CA LYS B 515 -19.08 17.79 34.66
C LYS B 515 -18.47 18.61 35.81
N PHE B 516 -17.15 18.55 35.99
CA PHE B 516 -16.51 19.45 36.95
C PHE B 516 -16.66 20.91 36.53
N GLN B 517 -16.47 21.20 35.24
CA GLN B 517 -16.54 22.57 34.77
C GLN B 517 -17.96 23.13 34.93
N GLN B 518 -18.97 22.30 34.67
CA GLN B 518 -20.35 22.76 34.77
C GLN B 518 -20.81 22.86 36.21
N ASN B 519 -20.35 21.94 37.07
CA ASN B 519 -20.73 22.01 38.49
C ASN B 519 -19.95 23.09 39.24
N GLY B 520 -18.70 23.31 38.88
CA GLY B 520 -17.88 24.31 39.54
C GLY B 520 -17.42 23.88 40.92
N LEU C 41 -6.34 -18.16 61.93
CA LEU C 41 -6.88 -18.70 60.66
C LEU C 41 -7.36 -17.54 59.78
N ARG C 42 -8.03 -16.56 60.37
CA ARG C 42 -8.45 -15.36 59.59
C ARG C 42 -7.19 -14.66 59.09
N GLU C 43 -6.20 -14.47 59.96
CA GLU C 43 -4.92 -13.83 59.56
C GLU C 43 -4.26 -14.68 58.47
N ASP C 44 -4.32 -16.01 58.61
CA ASP C 44 -3.73 -16.91 57.59
C ASP C 44 -4.37 -16.61 56.23
N LEU C 45 -5.71 -16.60 56.19
CA LEU C 45 -6.42 -16.36 54.90
C LEU C 45 -6.05 -14.97 54.38
N LYS C 46 -5.97 -14.01 55.29
CA LYS C 46 -5.59 -12.63 54.89
C LYS C 46 -4.18 -12.68 54.30
N PHE C 47 -3.25 -13.33 55.00
CA PHE C 47 -1.87 -13.46 54.45
C PHE C 47 -1.93 -14.15 53.10
N TYR C 48 -2.64 -15.29 53.02
CA TYR C 48 -2.67 -16.07 51.75
C TYR C 48 -3.25 -15.24 50.60
N PHE C 49 -4.17 -14.33 50.89
CA PHE C 49 -4.84 -13.60 49.79
C PHE C 49 -4.21 -12.23 49.54
N MET C 50 -3.25 -11.78 50.35
CA MET C 50 -2.76 -10.40 50.13
C MET C 50 -1.69 -10.28 49.04
N SER C 51 -0.82 -9.27 49.16
CA SER C 51 0.28 -9.08 48.23
C SER C 51 1.63 -9.20 48.94
N PRO C 52 2.72 -9.44 48.19
CA PRO C 52 4.03 -9.54 48.82
C PRO C 52 4.51 -8.23 49.46
N CYS C 53 4.08 -7.08 48.95
CA CYS C 53 4.47 -5.82 49.56
C CYS C 53 3.92 -5.71 50.97
N GLU C 54 2.69 -6.18 51.18
CA GLU C 54 2.12 -6.21 52.52
C GLU C 54 2.60 -7.43 53.31
N LYS C 55 2.78 -8.56 52.62
CA LYS C 55 3.23 -9.78 53.31
C LYS C 55 4.63 -9.63 53.87
N TYR C 56 5.45 -8.75 53.26
CA TYR C 56 6.82 -8.57 53.72
C TYR C 56 6.90 -8.09 55.16
N ARG C 57 5.84 -7.48 55.69
CA ARG C 57 5.90 -6.92 57.02
C ARG C 57 5.85 -7.98 58.11
N ALA C 58 5.59 -9.24 57.76
CA ALA C 58 5.80 -10.33 58.71
C ALA C 58 7.29 -10.50 58.96
N ARG C 59 7.64 -10.83 60.20
CA ARG C 59 9.02 -10.73 60.66
C ARG C 59 9.97 -11.70 59.98
N ARG C 60 9.48 -12.68 59.22
CA ARG C 60 10.39 -13.63 58.55
C ARG C 60 10.06 -13.83 57.08
N GLN C 61 9.15 -13.05 56.50
CA GLN C 61 8.59 -13.33 55.18
C GLN C 61 9.32 -12.52 54.09
N ILE C 62 10.54 -12.97 53.77
CA ILE C 62 11.28 -12.35 52.67
C ILE C 62 10.74 -12.84 51.34
N PRO C 63 10.69 -12.00 50.30
CA PRO C 63 10.08 -12.39 49.02
C PRO C 63 10.99 -13.18 48.07
N TRP C 64 11.61 -14.26 48.56
CA TRP C 64 12.46 -15.08 47.70
C TRP C 64 11.68 -15.82 46.61
N LYS C 65 10.42 -16.16 46.89
CA LYS C 65 9.59 -16.82 45.88
C LYS C 65 9.34 -15.91 44.68
N LEU C 66 9.39 -14.59 44.89
CA LEU C 66 9.32 -13.65 43.78
C LEU C 66 10.69 -13.43 43.13
N GLY C 67 11.76 -13.47 43.94
CA GLY C 67 13.10 -13.34 43.39
C GLY C 67 13.40 -14.41 42.37
N LEU C 68 12.91 -15.63 42.59
CA LEU C 68 13.13 -16.69 41.61
C LEU C 68 12.52 -16.32 40.26
N GLN C 69 11.29 -15.79 40.26
CA GLN C 69 10.67 -15.36 39.01
C GLN C 69 11.44 -14.22 38.37
N ILE C 70 11.91 -13.26 39.19
CA ILE C 70 12.63 -12.12 38.62
C ILE C 70 13.92 -12.59 37.95
N LEU C 71 14.56 -13.63 38.51
CA LEU C 71 15.67 -14.27 37.81
C LEU C 71 15.20 -14.96 36.54
N LYS C 72 14.04 -15.62 36.60
CA LYS C 72 13.61 -16.48 35.50
C LYS C 72 13.32 -15.68 34.24
N ILE C 73 12.67 -14.52 34.37
CA ILE C 73 12.40 -13.72 33.17
C ILE C 73 13.69 -13.40 32.44
N VAL C 74 14.70 -12.93 33.18
CA VAL C 74 15.96 -12.54 32.56
C VAL C 74 16.63 -13.73 31.91
N MET C 75 16.68 -14.86 32.62
CA MET C 75 17.38 -16.03 32.08
C MET C 75 16.70 -16.55 30.81
N VAL C 76 15.37 -16.63 30.81
CA VAL C 76 14.65 -17.11 29.64
C VAL C 76 14.80 -16.15 28.47
N THR C 77 14.70 -14.84 28.73
CA THR C 77 14.81 -13.86 27.64
C THR C 77 16.20 -13.89 27.03
N THR C 78 17.25 -14.00 27.85
CA THR C 78 18.59 -14.08 27.30
C THR C 78 18.82 -15.39 26.55
N GLN C 79 18.23 -16.49 27.01
CA GLN C 79 18.30 -17.72 26.22
C GLN C 79 17.69 -17.53 24.85
N LEU C 80 16.52 -16.89 24.79
CA LEU C 80 15.88 -16.64 23.51
C LEU C 80 16.73 -15.74 22.63
N VAL C 81 17.31 -14.69 23.21
CA VAL C 81 18.10 -13.75 22.40
C VAL C 81 19.34 -14.43 21.83
N ARG C 82 20.04 -15.20 22.66
CA ARG C 82 21.24 -15.87 22.17
C ARG C 82 20.90 -16.92 21.13
N PHE C 83 19.80 -17.65 21.33
CA PHE C 83 19.37 -18.63 20.34
C PHE C 83 19.04 -17.96 19.01
N GLY C 84 18.32 -16.85 19.05
CA GLY C 84 17.95 -16.17 17.82
C GLY C 84 19.16 -15.59 17.09
N LEU C 85 20.09 -14.99 17.83
CA LEU C 85 21.26 -14.43 17.19
C LEU C 85 22.16 -15.52 16.60
N SER C 86 22.18 -16.71 17.20
CA SER C 86 22.91 -17.81 16.60
C SER C 86 22.21 -18.35 15.36
N ASN C 87 20.90 -18.57 15.46
CA ASN C 87 20.10 -19.13 14.36
C ASN C 87 20.18 -18.24 13.12
N GLN C 88 20.14 -16.92 13.32
CA GLN C 88 20.07 -15.98 12.20
C GLN C 88 21.26 -16.12 11.26
N LEU C 89 22.46 -16.36 11.80
CA LEU C 89 23.64 -16.43 10.95
C LEU C 89 23.62 -17.65 10.03
N VAL C 90 23.25 -18.81 10.58
CA VAL C 90 23.17 -20.02 9.78
C VAL C 90 22.10 -19.87 8.70
N VAL C 91 20.94 -19.31 9.06
CA VAL C 91 19.89 -19.09 8.08
C VAL C 91 20.37 -18.15 6.98
N ALA C 92 21.06 -17.08 7.35
CA ALA C 92 21.56 -16.13 6.35
C ALA C 92 22.55 -16.78 5.40
N PHE C 93 23.48 -17.59 5.91
CA PHE C 93 24.43 -18.24 5.02
C PHE C 93 23.73 -19.18 4.06
N LYS C 94 22.80 -20.01 4.58
CA LYS C 94 22.13 -20.97 3.72
C LYS C 94 21.32 -20.28 2.63
N GLU C 95 20.62 -19.20 2.98
CA GLU C 95 19.77 -18.53 1.99
C GLU C 95 20.59 -17.71 1.00
N ASP C 96 21.71 -17.12 1.43
CA ASP C 96 22.60 -16.46 0.49
C ASP C 96 23.14 -17.44 -0.53
N ASN C 97 23.54 -18.63 -0.08
CA ASN C 97 24.00 -19.66 -1.02
C ASN C 97 22.88 -20.10 -1.95
N THR C 98 21.65 -20.22 -1.45
CA THR C 98 20.54 -20.57 -2.32
C THR C 98 20.33 -19.54 -3.43
N VAL C 99 20.40 -18.25 -3.08
CA VAL C 99 20.22 -17.21 -4.08
C VAL C 99 21.36 -17.24 -5.11
N ALA C 100 22.60 -17.45 -4.64
CA ALA C 100 23.72 -17.55 -5.56
C ALA C 100 23.55 -18.73 -6.51
N PHE C 101 23.07 -19.87 -6.00
CA PHE C 101 22.83 -21.02 -6.86
C PHE C 101 21.75 -20.72 -7.90
N LYS C 102 20.68 -20.04 -7.50
CA LYS C 102 19.65 -19.66 -8.47
C LYS C 102 20.23 -18.80 -9.58
N HIS C 103 21.04 -17.81 -9.23
CA HIS C 103 21.66 -16.98 -10.26
C HIS C 103 22.61 -17.78 -11.14
N LEU C 104 23.32 -18.75 -10.57
CA LEU C 104 24.31 -19.49 -11.35
C LEU C 104 23.65 -20.44 -12.35
N PHE C 105 22.64 -21.20 -11.90
CA PHE C 105 22.16 -22.34 -12.68
C PHE C 105 20.84 -22.12 -13.40
N LEU C 106 20.14 -21.02 -13.16
CA LEU C 106 18.89 -20.74 -13.86
C LEU C 106 19.12 -19.66 -14.91
N LYS C 107 18.76 -19.97 -16.15
CA LYS C 107 18.97 -19.05 -17.26
C LYS C 107 18.02 -17.86 -17.14
N GLY C 108 18.58 -16.65 -17.22
CA GLY C 108 17.77 -15.46 -17.20
C GLY C 108 17.05 -15.18 -15.90
N TYR C 109 17.55 -15.70 -14.78
CA TYR C 109 16.90 -15.48 -13.50
C TYR C 109 17.00 -14.00 -13.11
N SER C 110 15.89 -13.41 -12.73
CA SER C 110 15.80 -11.98 -12.49
C SER C 110 16.09 -11.58 -11.05
N GLY C 111 16.30 -12.54 -10.15
CA GLY C 111 16.58 -12.24 -8.76
C GLY C 111 15.40 -12.36 -7.84
N THR C 112 14.17 -12.46 -8.37
CA THR C 112 12.98 -12.68 -7.57
C THR C 112 12.19 -13.84 -8.15
N ASP C 113 11.73 -14.73 -7.28
CA ASP C 113 10.95 -15.88 -7.72
C ASP C 113 9.55 -15.46 -8.16
N GLU C 114 8.89 -16.36 -8.86
CA GLU C 114 7.44 -16.27 -9.01
C GLU C 114 6.80 -16.83 -7.74
N ASP C 115 5.48 -16.97 -7.74
CA ASP C 115 4.74 -17.14 -6.49
C ASP C 115 5.15 -18.39 -5.71
N ASP C 116 5.51 -19.48 -6.40
CA ASP C 116 6.07 -20.63 -5.70
C ASP C 116 7.23 -21.28 -6.44
N TYR C 117 7.68 -20.70 -7.55
CA TYR C 117 8.72 -21.30 -8.37
C TYR C 117 9.59 -20.21 -8.95
N SER C 118 10.85 -20.54 -9.23
CA SER C 118 11.84 -19.52 -9.57
C SER C 118 11.53 -18.84 -10.90
N CYS C 119 11.30 -19.62 -11.95
CA CYS C 119 11.04 -19.05 -13.26
C CYS C 119 10.29 -20.07 -14.10
N SER C 120 9.77 -19.60 -15.23
CA SER C 120 8.97 -20.43 -16.12
C SER C 120 9.35 -20.16 -17.56
N VAL C 121 9.08 -21.15 -18.42
CA VAL C 121 9.33 -21.05 -19.85
C VAL C 121 8.08 -21.51 -20.60
N TYR C 122 7.77 -20.84 -21.71
CA TYR C 122 6.56 -21.13 -22.47
C TYR C 122 6.82 -21.67 -23.87
N THR C 123 8.09 -21.88 -24.25
CA THR C 123 8.44 -22.24 -25.60
C THR C 123 9.33 -23.48 -25.59
N GLN C 124 9.14 -24.34 -26.59
CA GLN C 124 9.87 -25.60 -26.64
C GLN C 124 11.38 -25.40 -26.70
N GLU C 125 11.85 -24.32 -27.33
CA GLU C 125 13.29 -24.08 -27.39
C GLU C 125 13.83 -23.52 -26.08
N ASP C 126 13.03 -22.72 -25.36
CA ASP C 126 13.49 -22.17 -24.09
C ASP C 126 13.75 -23.26 -23.07
N ALA C 127 12.94 -24.33 -23.08
CA ALA C 127 13.15 -25.43 -22.15
C ALA C 127 14.48 -26.11 -22.40
N TYR C 128 14.80 -26.39 -23.67
CA TYR C 128 16.09 -26.97 -24.00
C TYR C 128 17.24 -26.06 -23.61
N GLU C 129 17.09 -24.75 -23.87
CA GLU C 129 18.17 -23.83 -23.53
C GLU C 129 18.41 -23.79 -22.04
N SER C 130 17.34 -23.77 -21.22
CA SER C 130 17.53 -23.76 -19.78
C SER C 130 18.13 -25.06 -19.28
N ILE C 131 17.67 -26.19 -19.82
CA ILE C 131 18.16 -27.50 -19.39
C ILE C 131 19.66 -27.63 -19.68
N PHE C 132 20.07 -27.24 -20.89
CA PHE C 132 21.48 -27.31 -21.23
C PHE C 132 22.30 -26.26 -20.49
N PHE C 133 21.71 -25.10 -20.20
CA PHE C 133 22.42 -24.07 -19.46
C PHE C 133 22.78 -24.54 -18.06
N ALA C 134 21.86 -25.22 -17.39
CA ALA C 134 22.14 -25.70 -16.04
C ALA C 134 23.33 -26.67 -16.05
N ILE C 135 23.36 -27.59 -17.02
CA ILE C 135 24.44 -28.56 -17.09
C ILE C 135 25.76 -27.88 -17.44
N ASN C 136 25.74 -26.94 -18.38
CA ASN C 136 26.97 -26.26 -18.76
C ASN C 136 27.53 -25.42 -17.62
N GLN C 137 26.65 -24.78 -16.84
CA GLN C 137 27.12 -24.02 -15.68
C GLN C 137 27.66 -24.96 -14.61
N TYR C 138 27.07 -26.13 -14.44
CA TYR C 138 27.66 -27.10 -13.51
C TYR C 138 29.05 -27.53 -13.97
N HIS C 139 29.22 -27.72 -15.28
CA HIS C 139 30.52 -28.15 -15.80
C HIS C 139 31.61 -27.12 -15.53
N GLN C 140 31.27 -25.85 -15.58
CA GLN C 140 32.24 -24.75 -15.48
C GLN C 140 32.31 -24.13 -14.10
N LEU C 141 31.75 -24.79 -13.07
CA LEU C 141 31.57 -24.16 -11.77
C LEU C 141 32.86 -23.57 -11.21
N LYS C 142 33.98 -24.30 -11.34
CA LYS C 142 35.23 -23.84 -10.75
C LYS C 142 35.68 -22.49 -11.30
N ASP C 143 35.25 -22.15 -12.52
CA ASP C 143 35.71 -20.94 -13.18
C ASP C 143 34.74 -19.76 -13.06
N ILE C 144 33.55 -19.96 -12.48
CA ILE C 144 32.55 -18.91 -12.45
C ILE C 144 32.04 -18.59 -11.05
N THR C 145 32.29 -19.42 -10.05
CA THR C 145 31.78 -19.17 -8.71
C THR C 145 32.66 -18.18 -7.96
N LEU C 146 32.01 -17.31 -7.19
CA LEU C 146 32.71 -16.36 -6.32
C LEU C 146 32.91 -16.88 -4.90
N GLY C 147 32.38 -18.06 -4.57
CA GLY C 147 32.44 -18.59 -3.23
C GLY C 147 33.59 -19.57 -3.03
N THR C 148 33.52 -20.28 -1.91
CA THR C 148 34.47 -21.33 -1.56
C THR C 148 34.02 -22.71 -2.03
N LEU C 149 33.20 -22.75 -3.08
CA LEU C 149 32.48 -23.97 -3.44
C LEU C 149 33.40 -25.05 -4.01
N GLY C 150 32.86 -26.26 -4.05
CA GLY C 150 33.51 -27.40 -4.66
C GLY C 150 32.48 -28.48 -4.93
N TYR C 151 32.90 -29.50 -5.68
CA TYR C 151 32.01 -30.59 -6.03
C TYR C 151 31.86 -31.59 -4.89
N GLY C 152 30.65 -32.12 -4.74
CA GLY C 152 30.36 -33.13 -3.74
C GLY C 152 29.99 -34.47 -4.37
N GLU C 153 30.30 -35.55 -3.66
CA GLU C 153 29.99 -36.89 -4.15
C GLU C 153 28.48 -37.12 -4.18
N ASN C 154 28.02 -37.84 -5.21
CA ASN C 154 26.61 -38.10 -5.41
C ASN C 154 26.20 -39.44 -4.78
N GLU C 155 24.97 -39.87 -5.08
CA GLU C 155 24.42 -41.09 -4.47
C GLU C 155 25.22 -42.33 -4.84
N ASP C 156 25.75 -42.39 -6.07
CA ASP C 156 26.60 -43.51 -6.50
C ASP C 156 28.05 -43.35 -6.05
N ASN C 157 28.33 -42.40 -5.16
CA ASN C 157 29.66 -42.04 -4.70
C ASN C 157 30.54 -41.49 -5.81
N ARG C 158 29.97 -41.30 -7.01
CA ARG C 158 30.66 -40.57 -8.07
C ARG C 158 30.58 -39.07 -7.83
N ILE C 159 31.54 -38.34 -8.37
CA ILE C 159 31.42 -36.90 -8.54
C ILE C 159 30.79 -36.70 -9.91
N GLY C 160 29.53 -36.31 -9.94
CA GLY C 160 28.82 -36.29 -11.21
C GLY C 160 27.42 -35.72 -11.04
N LEU C 161 26.78 -35.55 -12.19
CA LEU C 161 25.47 -34.91 -12.29
C LEU C 161 24.46 -35.93 -12.80
N LYS C 162 23.35 -36.06 -12.08
CA LYS C 162 22.28 -36.98 -12.45
C LYS C 162 21.05 -36.21 -12.92
N VAL C 163 20.53 -36.59 -14.08
CA VAL C 163 19.33 -35.97 -14.65
C VAL C 163 18.36 -37.08 -15.05
N CYS C 164 17.07 -36.86 -14.79
CA CYS C 164 16.05 -37.89 -14.98
C CYS C 164 14.82 -37.32 -15.68
N LYS C 165 14.11 -38.17 -16.42
CA LYS C 165 12.91 -37.79 -17.15
C LYS C 165 11.72 -38.63 -16.70
N GLN C 166 10.51 -38.10 -16.87
CA GLN C 166 9.29 -38.87 -16.53
C GLN C 166 8.26 -38.65 -17.64
N HIS C 167 8.09 -39.63 -18.52
CA HIS C 167 7.17 -39.47 -19.68
C HIS C 167 5.97 -40.40 -19.57
N TYR C 168 4.77 -39.94 -19.93
CA TYR C 168 3.61 -40.86 -19.96
C TYR C 168 3.99 -41.97 -20.94
N LYS C 169 3.70 -43.23 -20.63
CA LYS C 169 4.20 -44.35 -21.46
C LYS C 169 3.48 -44.47 -22.81
N LYS C 170 4.05 -45.26 -23.73
CA LYS C 170 3.46 -45.55 -25.06
C LYS C 170 3.52 -44.32 -25.98
N GLY C 171 4.69 -44.08 -26.59
CA GLY C 171 4.79 -43.02 -27.57
C GLY C 171 3.71 -43.10 -28.62
N PRO C 175 1.11 -38.27 -34.33
CA PRO C 175 0.89 -36.84 -34.14
C PRO C 175 0.89 -36.43 -32.65
N SER C 176 0.60 -35.15 -32.38
CA SER C 176 0.57 -34.65 -30.99
C SER C 176 -0.88 -34.64 -30.50
N ASN C 177 -1.79 -35.23 -31.28
CA ASN C 177 -3.20 -35.31 -30.83
C ASN C 177 -4.08 -36.07 -31.82
N GLU C 178 -5.40 -36.03 -31.63
CA GLU C 178 -6.42 -36.68 -32.44
C GLU C 178 -6.33 -38.21 -32.39
N THR C 179 -5.17 -38.75 -31.97
CA THR C 179 -4.98 -40.20 -31.95
C THR C 179 -4.11 -40.67 -30.78
N LEU C 180 -4.14 -39.97 -29.65
CA LEU C 180 -3.15 -40.22 -28.60
C LEU C 180 -3.19 -41.67 -28.11
N ASN C 181 -2.04 -42.35 -28.19
CA ASN C 181 -1.88 -43.75 -27.82
C ASN C 181 -1.23 -43.92 -26.45
N ILE C 182 -1.51 -43.00 -25.52
CA ILE C 182 -0.89 -43.01 -24.19
C ILE C 182 -1.49 -44.14 -23.35
N ASP C 183 -0.76 -44.55 -22.31
CA ASP C 183 -1.19 -45.66 -21.46
C ASP C 183 -0.96 -45.40 -19.98
N ASN C 184 -1.05 -44.14 -19.56
CA ASN C 184 -1.46 -43.75 -18.20
C ASN C 184 -0.41 -44.00 -17.11
N ASP C 185 0.67 -44.74 -17.38
CA ASP C 185 1.72 -44.81 -16.37
C ASP C 185 3.03 -44.24 -16.93
N VAL C 186 4.03 -44.09 -16.07
CA VAL C 186 5.17 -43.21 -16.31
C VAL C 186 6.41 -44.03 -16.66
N GLU C 187 7.07 -43.67 -17.75
CA GLU C 187 8.43 -44.12 -18.01
C GLU C 187 9.41 -43.29 -17.17
N LEU C 188 10.33 -43.97 -16.50
CA LEU C 188 11.38 -43.31 -15.75
C LEU C 188 12.70 -43.60 -16.44
N ASP C 189 13.42 -42.55 -16.81
CA ASP C 189 14.75 -42.67 -17.38
C ASP C 189 15.71 -41.76 -16.64
N CYS C 190 16.93 -42.25 -16.43
CA CYS C 190 17.97 -41.47 -15.77
C CYS C 190 19.29 -41.71 -16.47
N VAL C 191 20.20 -40.74 -16.33
CA VAL C 191 21.54 -40.87 -16.88
C VAL C 191 22.49 -40.06 -16.00
N GLN C 192 23.71 -40.57 -15.86
CA GLN C 192 24.75 -39.93 -15.06
C GLN C 192 25.74 -39.22 -15.97
N LEU C 193 25.95 -37.93 -15.73
CA LEU C 193 26.93 -37.13 -16.45
C LEU C 193 28.07 -36.80 -15.49
N ASP C 194 29.22 -37.41 -15.72
CA ASP C 194 30.41 -37.19 -14.91
C ASP C 194 31.28 -36.11 -15.55
N LEU C 195 32.23 -35.60 -14.75
CA LEU C 195 33.07 -34.49 -15.23
C LEU C 195 33.91 -34.89 -16.43
N GLN C 196 34.47 -36.10 -16.42
CA GLN C 196 35.24 -36.56 -17.58
C GLN C 196 34.36 -36.92 -18.76
N ASP C 197 33.04 -36.95 -18.59
CA ASP C 197 32.12 -36.99 -19.72
C ASP C 197 31.75 -35.59 -20.18
N LEU C 198 31.34 -34.75 -19.23
CA LEU C 198 30.83 -33.40 -19.58
C LEU C 198 31.99 -32.53 -20.05
N SER C 199 33.19 -33.08 -20.12
CA SER C 199 34.36 -32.24 -20.47
C SER C 199 34.91 -32.65 -21.84
N LYS C 200 34.68 -33.91 -22.23
CA LYS C 200 35.29 -34.37 -23.51
C LYS C 200 35.07 -33.17 -24.44
N LYS C 201 36.14 -32.69 -25.07
CA LYS C 201 36.06 -31.49 -25.95
C LYS C 201 34.78 -31.59 -26.78
N PRO C 202 34.49 -32.72 -27.47
CA PRO C 202 33.22 -32.85 -28.18
C PRO C 202 32.15 -33.31 -27.19
N PRO C 203 31.31 -32.41 -26.64
CA PRO C 203 30.35 -32.79 -25.61
C PRO C 203 29.20 -33.61 -26.21
N ASP C 204 29.50 -34.82 -26.70
CA ASP C 204 28.48 -35.65 -27.32
C ASP C 204 27.23 -35.82 -26.48
N TRP C 205 27.28 -35.43 -25.20
CA TRP C 205 26.13 -35.62 -24.32
C TRP C 205 24.93 -34.79 -24.75
N LYS C 206 25.15 -33.65 -25.42
CA LYS C 206 24.04 -32.89 -25.96
C LYS C 206 23.37 -33.62 -27.13
N ASN C 207 24.13 -34.38 -27.90
CA ASN C 207 23.61 -35.09 -29.06
C ASN C 207 23.02 -36.46 -28.70
N SER C 208 23.05 -36.84 -27.43
CA SER C 208 22.58 -38.16 -27.03
C SER C 208 21.08 -38.29 -27.28
N SER C 209 20.64 -39.55 -27.46
CA SER C 209 19.23 -39.86 -27.64
C SER C 209 18.41 -39.63 -26.38
N PHE C 210 19.06 -39.38 -25.24
CA PHE C 210 18.35 -39.16 -23.99
C PHE C 210 17.45 -37.92 -24.07
N PHE C 211 17.95 -36.85 -24.67
CA PHE C 211 17.30 -35.54 -24.60
C PHE C 211 16.24 -35.32 -25.69
N ARG C 212 15.70 -36.40 -26.26
CA ARG C 212 14.59 -36.29 -27.20
C ARG C 212 13.30 -36.33 -26.38
N LEU C 213 12.89 -35.15 -25.91
CA LEU C 213 12.00 -35.07 -24.76
C LEU C 213 10.53 -35.35 -25.06
N GLU C 214 10.03 -35.07 -26.26
CA GLU C 214 8.62 -35.30 -26.59
C GLU C 214 7.69 -34.66 -25.55
N PHE C 215 7.71 -33.34 -25.53
CA PHE C 215 7.04 -32.56 -24.47
C PHE C 215 5.55 -32.86 -24.33
N TYR C 216 4.91 -33.51 -25.30
CA TYR C 216 3.49 -33.83 -25.13
C TYR C 216 3.29 -34.97 -24.14
N ARG C 217 4.27 -35.87 -24.02
CA ARG C 217 4.24 -36.92 -23.01
C ARG C 217 4.94 -36.53 -21.71
N LEU C 218 5.77 -35.49 -21.74
CA LEU C 218 6.68 -35.19 -20.64
C LEU C 218 5.93 -34.71 -19.41
N LEU C 219 6.24 -35.32 -18.26
CA LEU C 219 5.79 -34.82 -16.98
C LEU C 219 6.82 -33.95 -16.29
N GLN C 220 8.09 -34.36 -16.28
CA GLN C 220 9.08 -33.75 -15.41
C GLN C 220 10.49 -34.08 -15.92
N VAL C 221 11.39 -33.12 -15.77
CA VAL C 221 12.83 -33.34 -15.91
C VAL C 221 13.50 -32.82 -14.65
N GLU C 222 14.35 -33.63 -14.04
CA GLU C 222 14.98 -33.31 -12.76
C GLU C 222 16.49 -33.40 -12.87
N ILE C 223 17.18 -32.35 -12.41
CA ILE C 223 18.64 -32.29 -12.41
C ILE C 223 19.11 -32.15 -10.97
N SER C 224 20.04 -33.01 -10.56
CA SER C 224 20.45 -33.11 -9.16
C SER C 224 21.95 -33.21 -9.05
N PHE C 225 22.52 -32.54 -8.04
CA PHE C 225 23.95 -32.56 -7.82
C PHE C 225 24.27 -32.12 -6.40
N HIS C 226 25.49 -32.40 -5.97
CA HIS C 226 25.98 -32.08 -4.63
C HIS C 226 27.11 -31.06 -4.71
N LEU C 227 27.13 -30.15 -3.74
CA LEU C 227 28.19 -29.15 -3.62
C LEU C 227 28.67 -29.07 -2.18
N LYS C 228 29.94 -28.68 -2.00
CA LYS C 228 30.51 -28.44 -0.69
C LYS C 228 30.81 -26.94 -0.54
N GLY C 229 30.57 -26.42 0.66
CA GLY C 229 30.86 -25.03 0.95
C GLY C 229 31.40 -24.85 2.35
N ILE C 230 31.92 -23.66 2.62
CA ILE C 230 32.43 -23.29 3.92
C ILE C 230 31.95 -21.88 4.25
N ASP C 231 31.44 -21.70 5.47
CA ASP C 231 31.11 -20.36 5.97
C ASP C 231 32.35 -19.65 6.51
N LEU C 232 33.32 -19.48 5.62
CA LEU C 232 34.64 -18.94 5.97
C LEU C 232 34.55 -17.57 6.64
N GLN C 233 33.40 -16.91 6.60
CA GLN C 233 33.24 -15.62 7.27
C GLN C 233 33.60 -15.70 8.74
N THR C 234 33.34 -16.85 9.37
CA THR C 234 33.56 -16.99 10.82
C THR C 234 35.03 -17.03 11.20
N ILE C 235 35.94 -17.12 10.24
CA ILE C 235 37.35 -17.39 10.54
C ILE C 235 37.95 -16.28 11.40
N HIS C 236 37.42 -15.06 11.32
CA HIS C 236 37.99 -13.96 12.09
C HIS C 236 37.87 -14.15 13.59
N SER C 237 36.98 -15.03 14.04
CA SER C 237 36.87 -15.37 15.46
C SER C 237 37.85 -16.44 15.90
N ARG C 238 38.62 -17.01 14.96
CA ARG C 238 39.54 -18.10 15.21
C ARG C 238 38.84 -19.39 15.62
N GLU C 239 37.51 -19.39 15.55
CA GLU C 239 36.78 -20.65 15.60
C GLU C 239 37.05 -21.45 14.33
N LEU C 240 37.05 -22.76 14.45
CA LEU C 240 37.23 -23.62 13.30
C LEU C 240 36.05 -23.45 12.37
N PRO C 241 36.25 -23.04 11.12
CA PRO C 241 35.11 -22.88 10.19
C PRO C 241 34.40 -24.21 9.95
N ASP C 242 33.09 -24.13 9.80
CA ASP C 242 32.28 -25.31 9.55
C ASP C 242 31.99 -25.46 8.06
N CYS C 243 31.95 -26.70 7.58
CA CYS C 243 31.58 -26.96 6.20
C CYS C 243 30.07 -27.12 6.07
N TYR C 244 29.60 -27.02 4.82
CA TYR C 244 28.25 -27.41 4.43
C TYR C 244 28.32 -28.32 3.21
N VAL C 245 27.32 -29.18 3.10
CA VAL C 245 27.06 -29.98 1.91
C VAL C 245 25.68 -29.61 1.39
N PHE C 246 25.62 -29.12 0.16
CA PHE C 246 24.37 -28.72 -0.46
C PHE C 246 23.90 -29.81 -1.41
N GLN C 247 22.67 -30.28 -1.20
CA GLN C 247 22.01 -31.19 -2.13
C GLN C 247 21.00 -30.39 -2.93
N ASN C 248 21.24 -30.30 -4.24
CA ASN C 248 20.47 -29.44 -5.13
C ASN C 248 19.66 -30.26 -6.12
N THR C 249 18.43 -29.80 -6.38
CA THR C 249 17.57 -30.39 -7.41
C THR C 249 16.92 -29.27 -8.19
N ILE C 250 16.96 -29.36 -9.52
CA ILE C 250 16.24 -28.45 -10.40
C ILE C 250 15.14 -29.24 -11.09
N ILE C 251 13.89 -28.80 -10.91
CA ILE C 251 12.73 -29.52 -11.41
C ILE C 251 12.09 -28.71 -12.51
N PHE C 252 12.07 -29.25 -13.73
CA PHE C 252 11.35 -28.64 -14.84
C PHE C 252 9.98 -29.31 -14.90
N ASP C 253 9.00 -28.70 -14.24
CA ASP C 253 7.74 -29.34 -13.92
C ASP C 253 6.61 -28.82 -14.81
N ASN C 254 5.92 -29.72 -15.49
CA ASN C 254 4.73 -29.37 -16.26
C ASN C 254 3.65 -30.44 -16.09
N LYS C 255 3.38 -30.85 -14.84
CA LYS C 255 2.26 -31.75 -14.59
C LYS C 255 0.96 -31.22 -15.20
N ALA C 256 0.76 -29.91 -15.17
CA ALA C 256 -0.48 -29.33 -15.67
C ALA C 256 -0.66 -29.53 -17.17
N HIS C 257 0.44 -29.65 -17.92
CA HIS C 257 0.39 -29.71 -19.38
C HIS C 257 -0.34 -28.51 -19.99
N SER C 258 -0.34 -27.39 -19.27
CA SER C 258 -1.09 -26.20 -19.66
C SER C 258 -0.26 -25.20 -20.44
N GLY C 259 0.74 -25.66 -21.18
CA GLY C 259 1.54 -24.78 -22.00
C GLY C 259 2.66 -24.05 -21.29
N LYS C 260 2.89 -24.32 -20.02
CA LYS C 260 3.97 -23.70 -19.26
C LYS C 260 4.74 -24.75 -18.49
N ILE C 261 6.07 -24.62 -18.51
CA ILE C 261 6.95 -25.42 -17.67
C ILE C 261 7.38 -24.56 -16.48
N LYS C 262 7.22 -25.08 -15.28
CA LYS C 262 7.63 -24.39 -14.07
C LYS C 262 8.97 -24.95 -13.60
N ILE C 263 9.89 -24.05 -13.27
CA ILE C 263 11.25 -24.43 -12.88
C ILE C 263 11.38 -24.19 -11.38
N TYR C 264 11.52 -25.27 -10.62
CA TYR C 264 11.71 -25.22 -9.18
C TYR C 264 13.17 -25.45 -8.85
N PHE C 265 13.71 -24.68 -7.92
CA PHE C 265 15.05 -24.89 -7.41
C PHE C 265 14.97 -25.12 -5.90
N ASP C 266 15.54 -26.23 -5.45
CA ASP C 266 15.52 -26.60 -4.03
C ASP C 266 16.94 -26.97 -3.60
N SER C 267 17.31 -26.56 -2.39
CA SER C 267 18.67 -26.77 -1.89
C SER C 267 18.61 -27.13 -0.42
N ASP C 268 19.14 -28.30 -0.08
CA ASP C 268 19.15 -28.84 1.27
C ASP C 268 20.58 -28.92 1.78
N ALA C 269 20.86 -28.25 2.90
CA ALA C 269 22.21 -28.12 3.41
C ALA C 269 22.39 -28.93 4.69
N LYS C 270 23.48 -29.70 4.75
CA LYS C 270 23.90 -30.42 5.95
C LYS C 270 25.26 -29.89 6.40
N ILE C 271 25.53 -30.01 7.71
CA ILE C 271 26.77 -29.47 8.26
C ILE C 271 27.97 -30.39 8.01
N GLU C 272 27.74 -31.69 7.83
CA GLU C 272 28.80 -32.66 7.57
C GLU C 272 29.92 -32.53 8.61
N GLU C 273 31.14 -32.27 8.14
CA GLU C 273 32.31 -32.12 9.05
C GLU C 273 33.51 -31.66 8.24
N CYS C 274 34.13 -30.54 8.65
CA CYS C 274 35.34 -30.03 7.93
C CYS C 274 36.09 -31.31 7.54
N LYS C 275 36.23 -31.54 6.24
CA LYS C 275 36.94 -32.74 5.76
C LYS C 275 38.43 -32.54 6.02
N ASP C 276 39.05 -31.55 5.38
CA ASP C 276 40.50 -31.29 5.56
C ASP C 276 40.79 -29.80 5.41
N LEU C 277 40.41 -28.98 6.40
CA LEU C 277 40.73 -27.54 6.35
C LEU C 277 41.99 -27.29 7.18
N ASN C 278 43.10 -26.96 6.52
CA ASN C 278 44.39 -26.77 7.25
C ASN C 278 44.47 -25.32 7.73
N ILE C 279 43.33 -24.62 7.77
CA ILE C 279 43.31 -23.19 8.18
C ILE C 279 43.78 -23.15 9.65
N PHE C 280 44.77 -22.31 9.95
CA PHE C 280 45.32 -22.24 11.34
C PHE C 280 44.32 -21.51 12.25
N GLY C 281 44.28 -21.90 13.52
CA GLY C 281 43.34 -21.27 14.47
C GLY C 281 42.98 -22.22 15.60
N SER C 282 41.69 -22.31 15.95
CA SER C 282 41.23 -23.20 17.05
C SER C 282 39.89 -23.85 16.68
N THR C 283 39.55 -24.97 17.32
CA THR C 283 38.27 -25.67 17.03
C THR C 283 37.15 -25.02 17.82
N GLN C 284 35.92 -25.55 17.69
CA GLN C 284 34.75 -24.94 18.38
C GLN C 284 34.36 -25.81 19.60
N LYS C 285 34.27 -25.20 20.79
CA LYS C 285 33.89 -25.94 22.02
C LYS C 285 32.84 -25.13 22.80
N ASN C 286 32.64 -23.86 22.42
CA ASN C 286 31.64 -23.00 23.11
C ASN C 286 30.35 -23.81 23.31
N ALA C 287 30.12 -24.82 22.48
CA ALA C 287 28.93 -25.65 22.61
C ALA C 287 28.68 -26.07 24.06
N GLN C 288 29.75 -26.29 24.83
CA GLN C 288 29.60 -26.63 26.24
C GLN C 288 28.97 -25.47 27.01
N TYR C 289 29.35 -24.24 26.67
CA TYR C 289 28.76 -23.08 27.33
C TYR C 289 27.27 -22.94 27.01
N VAL C 290 26.85 -23.44 25.85
CA VAL C 290 25.42 -23.47 25.52
C VAL C 290 24.72 -24.56 26.32
N LEU C 291 25.32 -25.75 26.36
CA LEU C 291 24.69 -26.89 27.04
C LEU C 291 24.51 -26.62 28.53
N VAL C 292 25.54 -26.09 29.19
CA VAL C 292 25.45 -25.86 30.62
C VAL C 292 24.45 -24.75 30.93
N PHE C 293 24.37 -23.73 30.07
CA PHE C 293 23.40 -22.66 30.30
C PHE C 293 21.99 -23.17 30.13
N ASP C 294 21.76 -24.04 29.13
CA ASP C 294 20.45 -24.66 28.98
C ASP C 294 20.11 -25.52 30.18
N ALA C 295 21.11 -26.21 30.74
CA ALA C 295 20.87 -26.98 31.95
C ALA C 295 20.42 -26.09 33.10
N PHE C 296 21.09 -24.94 33.28
CA PHE C 296 20.67 -24.01 34.33
C PHE C 296 19.25 -23.51 34.11
N VAL C 297 18.91 -23.19 32.86
CA VAL C 297 17.56 -22.70 32.56
C VAL C 297 16.52 -23.77 32.90
N ILE C 298 16.79 -25.02 32.53
CA ILE C 298 15.88 -26.12 32.84
C ILE C 298 15.73 -26.26 34.35
N VAL C 299 16.83 -26.16 35.08
CA VAL C 299 16.79 -26.33 36.54
C VAL C 299 15.92 -25.25 37.17
N ILE C 300 16.13 -24.00 36.78
CA ILE C 300 15.36 -22.93 37.42
C ILE C 300 13.89 -23.01 37.02
N CYS C 301 13.59 -23.43 35.79
CA CYS C 301 12.18 -23.57 35.39
C CYS C 301 11.51 -24.68 36.17
N LEU C 302 12.21 -25.79 36.40
CA LEU C 302 11.67 -26.86 37.23
C LEU C 302 11.43 -26.37 38.66
N ALA C 303 12.36 -25.57 39.20
CA ALA C 303 12.18 -25.03 40.54
C ALA C 303 10.94 -24.15 40.61
N SER C 304 10.75 -23.27 39.62
CA SER C 304 9.56 -22.42 39.59
C SER C 304 8.28 -23.24 39.50
N LEU C 305 8.29 -24.29 38.67
CA LEU C 305 7.13 -25.16 38.56
C LEU C 305 6.83 -25.86 39.89
N ILE C 306 7.87 -26.30 40.58
CA ILE C 306 7.68 -26.95 41.88
C ILE C 306 7.04 -25.98 42.86
N LEU C 307 7.55 -24.74 42.89
CA LEU C 307 6.99 -23.74 43.81
C LEU C 307 5.53 -23.46 43.48
N CYS C 308 5.20 -23.33 42.20
CA CYS C 308 3.83 -23.00 41.84
C CYS C 308 2.87 -24.13 42.16
N THR C 309 3.27 -25.38 41.86
CA THR C 309 2.42 -26.51 42.20
C THR C 309 2.23 -26.63 43.71
N ARG C 310 3.30 -26.40 44.48
CA ARG C 310 3.19 -26.41 45.93
C ARG C 310 2.21 -25.34 46.41
N SER C 311 2.29 -24.15 45.83
CA SER C 311 1.38 -23.09 46.24
C SER C 311 -0.07 -23.42 45.89
N ILE C 312 -0.30 -24.05 44.75
CA ILE C 312 -1.65 -24.47 44.38
C ILE C 312 -2.18 -25.49 45.38
N VAL C 313 -1.30 -26.37 45.86
CA VAL C 313 -1.73 -27.44 46.81
C VAL C 313 -2.12 -26.82 48.15
N LEU C 314 -1.20 -26.10 48.77
CA LEU C 314 -1.45 -25.48 50.10
C LEU C 314 -2.75 -24.68 50.06
N ALA C 315 -2.93 -23.84 49.03
CA ALA C 315 -4.11 -22.96 48.97
C ALA C 315 -5.40 -23.76 48.77
N LEU C 316 -5.37 -24.77 47.91
CA LEU C 316 -6.57 -25.64 47.75
C LEU C 316 -6.91 -26.29 49.09
N ARG C 317 -5.89 -26.73 49.85
CA ARG C 317 -6.17 -27.30 51.20
C ARG C 317 -6.82 -26.24 52.08
N LEU C 318 -6.25 -25.04 52.12
CA LEU C 318 -6.87 -23.94 52.92
C LEU C 318 -8.34 -23.82 52.53
N ARG C 319 -8.65 -23.86 51.23
CA ARG C 319 -10.08 -23.84 50.82
C ARG C 319 -10.79 -25.03 51.46
N LYS C 320 -10.19 -26.24 51.42
CA LYS C 320 -10.86 -27.33 52.12
C LYS C 320 -11.07 -26.99 53.59
N ARG C 321 -10.07 -26.40 54.23
CA ARG C 321 -10.20 -25.95 55.62
C ARG C 321 -11.33 -24.93 55.75
N PHE C 322 -11.39 -23.97 54.83
CA PHE C 322 -12.44 -22.97 54.86
C PHE C 322 -13.82 -23.60 54.69
N LEU C 323 -13.92 -24.60 53.80
CA LEU C 323 -15.19 -25.30 53.63
C LEU C 323 -15.60 -26.02 54.91
N ASN C 324 -14.64 -26.65 55.59
CA ASN C 324 -14.96 -27.37 56.82
C ASN C 324 -15.19 -26.45 58.01
N PHE C 325 -14.75 -25.19 57.94
CA PHE C 325 -14.73 -24.34 59.14
C PHE C 325 -16.14 -24.02 59.63
N PHE C 326 -17.01 -23.56 58.73
CA PHE C 326 -18.32 -23.07 59.16
C PHE C 326 -19.33 -23.24 58.03
N LEU C 327 -20.61 -23.24 58.40
CA LEU C 327 -21.71 -23.29 57.45
C LEU C 327 -21.68 -22.07 56.54
N ASP C 338 -16.06 -14.13 50.03
CA ASP C 338 -15.37 -15.39 49.83
C ASP C 338 -15.91 -16.11 48.60
N GLN C 339 -15.04 -16.88 47.94
CA GLN C 339 -15.42 -17.52 46.69
C GLN C 339 -14.74 -18.88 46.62
N TRP C 340 -15.32 -19.78 45.83
CA TRP C 340 -14.79 -21.13 45.69
C TRP C 340 -13.38 -21.13 45.09
N GLU C 341 -13.04 -20.13 44.29
CA GLU C 341 -11.78 -20.13 43.54
C GLU C 341 -10.68 -19.51 44.38
N PHE C 342 -10.05 -20.36 45.20
CA PHE C 342 -8.86 -19.96 45.95
C PHE C 342 -7.61 -19.93 45.09
N ILE C 343 -7.58 -20.70 43.99
CA ILE C 343 -6.38 -20.78 43.16
C ILE C 343 -6.14 -19.46 42.44
N ASN C 344 -4.92 -18.96 42.53
CA ASN C 344 -4.52 -17.80 41.76
C ASN C 344 -4.35 -18.19 40.30
N GLY C 345 -5.04 -17.49 39.40
CA GLY C 345 -5.03 -17.87 37.99
C GLY C 345 -3.66 -17.77 37.34
N TRP C 346 -2.81 -16.85 37.83
CA TRP C 346 -1.50 -16.66 37.23
C TRP C 346 -0.62 -17.89 37.35
N TYR C 347 -0.85 -18.73 38.36
CA TYR C 347 -0.05 -19.94 38.52
C TYR C 347 -0.23 -20.90 37.35
N VAL C 348 -1.42 -20.97 36.77
CA VAL C 348 -1.63 -21.83 35.61
C VAL C 348 -0.77 -21.36 34.44
N LEU C 349 -0.77 -20.06 34.19
CA LEU C 349 0.06 -19.48 33.13
C LEU C 349 1.53 -19.76 33.39
N VAL C 350 1.97 -19.61 34.64
CA VAL C 350 3.38 -19.81 34.97
C VAL C 350 3.78 -21.28 34.76
N ILE C 351 2.91 -22.21 35.18
CA ILE C 351 3.20 -23.62 34.99
C ILE C 351 3.30 -23.97 33.52
N ILE C 352 2.37 -23.47 32.71
CA ILE C 352 2.42 -23.74 31.27
C ILE C 352 3.69 -23.17 30.67
N SER C 353 4.04 -21.94 31.06
CA SER C 353 5.26 -21.30 30.57
C SER C 353 6.48 -22.15 30.88
N ASP C 354 6.59 -22.62 32.12
CA ASP C 354 7.76 -23.39 32.52
C ASP C 354 7.83 -24.74 31.83
N LEU C 355 6.68 -25.41 31.66
CA LEU C 355 6.69 -26.68 30.94
C LEU C 355 7.16 -26.50 29.50
N MET C 356 6.65 -25.46 28.84
CA MET C 356 7.04 -25.23 27.45
C MET C 356 8.51 -24.84 27.37
N THR C 357 9.00 -24.04 28.32
CA THR C 357 10.42 -23.69 28.33
C THR C 357 11.29 -24.93 28.51
N ILE C 358 10.88 -25.83 29.42
CA ILE C 358 11.66 -27.04 29.66
C ILE C 358 11.75 -27.88 28.40
N ILE C 359 10.61 -28.15 27.76
CA ILE C 359 10.65 -29.04 26.59
C ILE C 359 11.35 -28.35 25.43
N GLY C 360 11.18 -27.03 25.28
CA GLY C 360 11.89 -26.33 24.23
C GLY C 360 13.39 -26.33 24.42
N SER C 361 13.85 -26.17 25.66
CA SER C 361 15.29 -26.23 25.92
C SER C 361 15.83 -27.65 25.69
N ILE C 362 15.03 -28.67 26.01
CA ILE C 362 15.42 -30.05 25.70
C ILE C 362 15.60 -30.20 24.19
N LEU C 363 14.65 -29.67 23.42
CA LEU C 363 14.76 -29.74 21.96
C LEU C 363 15.98 -28.98 21.44
N LYS C 364 16.27 -27.82 22.04
CA LYS C 364 17.43 -27.05 21.60
C LYS C 364 18.73 -27.81 21.88
N MET C 365 18.84 -28.42 23.05
CA MET C 365 20.02 -29.21 23.37
C MET C 365 20.13 -30.41 22.43
N GLU C 366 18.99 -31.03 22.11
CA GLU C 366 19.00 -32.13 21.15
C GLU C 366 19.49 -31.68 19.79
N ILE C 367 19.02 -30.52 19.33
CA ILE C 367 19.43 -30.01 18.02
C ILE C 367 20.92 -29.73 17.99
N LYS C 368 21.42 -29.05 19.03
CA LYS C 368 22.85 -28.72 19.05
C LYS C 368 23.72 -29.96 19.17
N ALA C 369 23.29 -30.94 19.99
CA ALA C 369 24.10 -32.15 20.17
C ALA C 369 24.23 -32.92 18.87
N LYS C 370 23.14 -33.08 18.13
CA LYS C 370 23.13 -33.81 16.88
C LYS C 370 23.38 -32.92 15.67
N ASN C 371 23.63 -31.61 15.89
CA ASN C 371 24.08 -30.70 14.85
C ASN C 371 23.04 -30.54 13.73
N LEU C 372 21.79 -30.33 14.12
CA LEU C 372 20.73 -30.07 13.16
C LEU C 372 20.60 -28.58 12.86
N THR C 373 19.77 -28.26 11.87
CA THR C 373 19.39 -26.89 11.54
C THR C 373 17.89 -26.72 11.36
N ASN C 374 17.08 -27.68 11.81
CA ASN C 374 15.63 -27.61 11.68
C ASN C 374 15.05 -27.07 12.99
N TYR C 375 14.91 -25.75 13.05
CA TYR C 375 14.59 -25.03 14.27
C TYR C 375 13.11 -24.75 14.48
N ASP C 376 12.22 -25.27 13.63
CA ASP C 376 10.82 -24.84 13.66
C ASP C 376 10.17 -25.09 15.01
N LEU C 377 10.12 -26.35 15.44
CA LEU C 377 9.35 -26.69 16.65
C LEU C 377 9.99 -26.10 17.91
N CYS C 378 11.32 -26.14 17.99
CA CYS C 378 12.00 -25.57 19.15
C CYS C 378 11.76 -24.07 19.24
N SER C 379 11.80 -23.38 18.09
CA SER C 379 11.52 -21.95 18.08
C SER C 379 10.10 -21.68 18.55
N ILE C 380 9.15 -22.52 18.16
CA ILE C 380 7.77 -22.32 18.58
C ILE C 380 7.65 -22.45 20.09
N PHE C 381 8.22 -23.51 20.66
CA PHE C 381 8.12 -23.67 22.11
C PHE C 381 8.79 -22.52 22.84
N LEU C 382 10.01 -22.16 22.45
CA LEU C 382 10.72 -21.10 23.18
C LEU C 382 10.01 -19.76 23.04
N GLY C 383 9.52 -19.43 21.84
CA GLY C 383 8.85 -18.16 21.64
C GLY C 383 7.54 -18.06 22.38
N THR C 384 6.73 -19.12 22.35
CA THR C 384 5.47 -19.07 23.09
C THR C 384 5.72 -19.04 24.59
N SER C 385 6.72 -19.76 25.07
CA SER C 385 7.07 -19.69 26.48
C SER C 385 7.48 -18.29 26.89
N THR C 386 8.30 -17.63 26.07
CA THR C 386 8.70 -16.26 26.36
C THR C 386 7.49 -15.32 26.33
N LEU C 387 6.60 -15.52 25.37
CA LEU C 387 5.38 -14.71 25.31
C LEU C 387 4.60 -14.81 26.61
N LEU C 388 4.36 -16.05 27.07
CA LEU C 388 3.60 -16.23 28.30
C LEU C 388 4.36 -15.70 29.52
N VAL C 389 5.69 -15.81 29.53
CA VAL C 389 6.47 -15.29 30.64
C VAL C 389 6.33 -13.78 30.75
N TRP C 390 6.43 -13.07 29.63
CA TRP C 390 6.30 -11.63 29.67
C TRP C 390 4.85 -11.19 29.89
N VAL C 391 3.87 -12.02 29.51
CA VAL C 391 2.49 -11.74 29.89
C VAL C 391 2.34 -11.85 31.41
N GLY C 392 3.02 -12.82 32.02
CA GLY C 392 2.92 -13.03 33.45
C GLY C 392 3.44 -11.90 34.31
N VAL C 393 4.17 -10.94 33.72
CA VAL C 393 4.67 -9.80 34.48
C VAL C 393 3.52 -8.91 34.95
N ILE C 394 2.40 -8.90 34.24
CA ILE C 394 1.24 -8.08 34.62
C ILE C 394 0.78 -8.40 36.03
N ARG C 395 1.05 -9.62 36.50
CA ARG C 395 0.75 -10.00 37.88
C ARG C 395 1.33 -9.01 38.89
N TYR C 396 2.50 -8.46 38.59
CA TYR C 396 3.20 -7.58 39.52
C TYR C 396 2.83 -6.11 39.36
N LEU C 397 2.22 -5.73 38.22
CA LEU C 397 1.72 -4.37 38.09
C LEU C 397 0.43 -4.16 38.87
N GLY C 398 -0.35 -5.22 39.05
CA GLY C 398 -1.62 -5.09 39.75
C GLY C 398 -1.50 -4.67 41.20
N TYR C 399 -0.31 -4.82 41.80
CA TYR C 399 -0.13 -4.46 43.20
C TYR C 399 -0.07 -2.96 43.42
N PHE C 400 0.28 -2.19 42.39
CA PHE C 400 0.65 -0.79 42.56
C PHE C 400 -0.53 0.17 42.49
N GLN C 401 -1.75 -0.33 42.31
CA GLN C 401 -2.95 0.47 42.13
C GLN C 401 -2.87 1.30 40.86
N ALA C 402 -4.03 1.74 40.35
CA ALA C 402 -4.15 2.62 39.19
C ALA C 402 -3.76 1.89 37.90
N TYR C 403 -3.19 0.69 38.05
CA TYR C 403 -3.21 -0.29 36.98
C TYR C 403 -4.33 -1.32 37.19
N ASN C 404 -4.81 -1.42 38.44
CA ASN C 404 -5.73 -2.47 38.82
C ASN C 404 -7.05 -2.36 38.08
N VAL C 405 -7.57 -1.15 37.92
CA VAL C 405 -8.83 -1.00 37.20
C VAL C 405 -8.66 -1.37 35.73
N LEU C 406 -7.50 -1.08 35.15
CA LEU C 406 -7.25 -1.44 33.75
C LEU C 406 -7.16 -2.97 33.60
N ILE C 407 -6.45 -3.61 34.52
CA ILE C 407 -6.32 -5.07 34.47
C ILE C 407 -7.67 -5.74 34.68
N LEU C 408 -8.44 -5.25 35.64
CA LEU C 408 -9.78 -5.79 35.88
C LEU C 408 -10.70 -5.58 34.69
N THR C 409 -10.57 -4.44 34.00
CA THR C 409 -11.35 -4.21 32.79
C THR C 409 -10.96 -5.20 31.69
N MET C 410 -9.65 -5.43 31.53
CA MET C 410 -9.20 -6.40 30.54
C MET C 410 -9.73 -7.80 30.85
N GLN C 411 -9.66 -8.20 32.12
CA GLN C 411 -10.12 -9.53 32.49
C GLN C 411 -11.63 -9.67 32.36
N ALA C 412 -12.37 -8.60 32.66
CA ALA C 412 -13.83 -8.65 32.63
C ALA C 412 -14.41 -8.51 31.23
N SER C 413 -13.60 -8.15 30.23
CA SER C 413 -14.12 -7.85 28.90
C SER C 413 -14.10 -9.05 27.97
N LEU C 414 -13.20 -10.02 28.19
CA LEU C 414 -13.19 -11.21 27.36
C LEU C 414 -14.52 -11.98 27.38
N PRO C 415 -15.17 -12.23 28.52
CA PRO C 415 -16.41 -13.01 28.50
C PRO C 415 -17.54 -12.40 27.67
N LYS C 416 -17.36 -11.21 27.09
CA LYS C 416 -18.41 -10.63 26.26
C LYS C 416 -17.89 -10.33 24.86
N VAL C 417 -16.61 -9.97 24.74
CA VAL C 417 -16.02 -9.84 23.40
C VAL C 417 -16.02 -11.19 22.70
N LEU C 418 -15.62 -12.24 23.42
CA LEU C 418 -15.60 -13.56 22.80
C LEU C 418 -17.00 -14.07 22.48
N ARG C 419 -18.00 -13.68 23.28
CA ARG C 419 -19.37 -14.06 22.96
C ARG C 419 -19.92 -13.27 21.77
N PHE C 420 -19.50 -12.01 21.62
CA PHE C 420 -19.85 -11.28 20.41
C PHE C 420 -19.20 -11.89 19.17
N CYS C 421 -18.00 -12.43 19.33
CA CYS C 421 -17.31 -12.99 18.18
C CYS C 421 -18.06 -14.15 17.54
N ALA C 422 -18.91 -14.87 18.27
CA ALA C 422 -19.67 -15.95 17.64
C ALA C 422 -20.75 -15.41 16.71
N CYS C 423 -21.54 -14.44 17.20
CA CYS C 423 -22.57 -13.83 16.37
C CYS C 423 -21.94 -13.16 15.15
N ALA C 424 -20.80 -12.49 15.35
CA ALA C 424 -20.11 -11.89 14.20
C ALA C 424 -19.52 -12.95 13.28
N GLY C 425 -19.06 -14.06 13.84
CA GLY C 425 -18.39 -15.08 13.04
C GLY C 425 -19.34 -15.83 12.13
N MET C 426 -20.60 -15.98 12.55
CA MET C 426 -21.56 -16.62 11.65
C MET C 426 -21.72 -15.81 10.37
N ILE C 427 -21.87 -14.50 10.51
CA ILE C 427 -21.96 -13.61 9.34
C ILE C 427 -20.66 -13.64 8.56
N TYR C 428 -19.53 -13.65 9.27
CA TYR C 428 -18.22 -13.63 8.62
C TYR C 428 -18.02 -14.90 7.79
N LEU C 429 -18.45 -16.05 8.31
CA LEU C 429 -18.39 -17.30 7.55
C LEU C 429 -19.29 -17.25 6.32
N GLY C 430 -20.51 -16.72 6.48
CA GLY C 430 -21.39 -16.59 5.33
C GLY C 430 -20.76 -15.78 4.22
N TYR C 431 -20.21 -14.61 4.56
CA TYR C 431 -19.51 -13.80 3.56
C TYR C 431 -18.27 -14.49 3.01
N THR C 432 -17.57 -15.27 3.84
CA THR C 432 -16.40 -15.98 3.33
C THR C 432 -16.80 -16.96 2.22
N PHE C 433 -17.83 -17.77 2.48
CA PHE C 433 -18.26 -18.72 1.46
C PHE C 433 -18.77 -18.01 0.21
N CYS C 434 -19.59 -16.97 0.38
CA CYS C 434 -20.15 -16.30 -0.78
C CYS C 434 -19.06 -15.62 -1.61
N GLY C 435 -18.12 -14.95 -0.94
CA GLY C 435 -17.03 -14.32 -1.67
C GLY C 435 -16.17 -15.32 -2.40
N TRP C 436 -15.84 -16.43 -1.74
CA TRP C 436 -15.01 -17.44 -2.40
C TRP C 436 -15.71 -17.99 -3.64
N ILE C 437 -17.00 -18.30 -3.53
CA ILE C 437 -17.65 -18.91 -4.68
C ILE C 437 -17.89 -17.91 -5.81
N VAL C 438 -18.18 -16.65 -5.50
CA VAL C 438 -18.53 -15.68 -6.55
C VAL C 438 -17.30 -14.96 -7.10
N LEU C 439 -16.54 -14.29 -6.25
CA LEU C 439 -15.45 -13.45 -6.71
C LEU C 439 -14.15 -14.21 -6.93
N GLY C 440 -14.11 -15.50 -6.56
CA GLY C 440 -12.90 -16.29 -6.66
C GLY C 440 -12.29 -16.41 -8.03
N PRO C 441 -13.07 -16.74 -9.07
CA PRO C 441 -12.50 -16.80 -10.42
C PRO C 441 -12.08 -15.44 -10.97
N TYR C 442 -12.42 -14.33 -10.31
CA TYR C 442 -12.25 -13.01 -10.90
C TYR C 442 -11.43 -12.06 -10.04
N HIS C 443 -10.86 -12.51 -8.92
CA HIS C 443 -10.23 -11.60 -7.98
C HIS C 443 -9.09 -12.35 -7.31
N ASP C 444 -7.90 -11.73 -7.29
CA ASP C 444 -6.71 -12.42 -6.79
C ASP C 444 -6.81 -12.71 -5.30
N LYS C 445 -7.52 -11.86 -4.54
CA LYS C 445 -7.61 -12.05 -3.11
C LYS C 445 -8.59 -13.14 -2.69
N PHE C 446 -9.48 -13.55 -3.59
CA PHE C 446 -10.55 -14.48 -3.24
C PHE C 446 -10.32 -15.88 -3.80
N GLU C 447 -9.07 -16.25 -4.08
CA GLU C 447 -8.81 -17.50 -4.76
C GLU C 447 -9.23 -18.72 -3.95
N ASN C 448 -9.07 -18.66 -2.62
CA ASN C 448 -9.40 -19.80 -1.79
C ASN C 448 -9.88 -19.32 -0.42
N LEU C 449 -10.55 -20.22 0.30
CA LEU C 449 -11.23 -19.85 1.55
C LEU C 449 -10.28 -19.21 2.57
N ASN C 450 -9.04 -19.70 2.64
CA ASN C 450 -8.09 -19.11 3.58
C ASN C 450 -7.79 -17.65 3.23
N THR C 451 -7.49 -17.40 1.95
CA THR C 451 -7.20 -16.04 1.53
C THR C 451 -8.44 -15.16 1.61
N VAL C 452 -9.62 -15.71 1.36
CA VAL C 452 -10.85 -14.95 1.54
C VAL C 452 -11.01 -14.54 3.00
N ALA C 453 -10.76 -15.48 3.92
CA ALA C 453 -10.86 -15.15 5.35
C ALA C 453 -9.88 -14.05 5.73
N GLU C 454 -8.64 -14.16 5.25
CA GLU C 454 -7.65 -13.14 5.58
C GLU C 454 -8.02 -11.78 4.98
N CYS C 455 -8.52 -11.78 3.75
CA CYS C 455 -8.92 -10.53 3.11
C CYS C 455 -10.09 -9.87 3.85
N LEU C 456 -11.10 -10.66 4.22
CA LEU C 456 -12.23 -10.09 4.94
C LEU C 456 -11.79 -9.58 6.31
N PHE C 457 -10.92 -10.32 6.99
CA PHE C 457 -10.43 -9.85 8.29
C PHE C 457 -9.64 -8.56 8.16
N SER C 458 -8.89 -8.41 7.06
CA SER C 458 -8.21 -7.14 6.79
C SER C 458 -9.23 -6.03 6.54
N LEU C 459 -10.29 -6.33 5.78
CA LEU C 459 -11.28 -5.30 5.45
C LEU C 459 -12.02 -4.82 6.69
N VAL C 460 -12.31 -5.72 7.62
CA VAL C 460 -12.94 -5.32 8.88
C VAL C 460 -12.10 -4.27 9.59
N ASN C 461 -10.77 -4.43 9.54
CA ASN C 461 -9.85 -3.47 10.13
C ASN C 461 -9.47 -2.35 9.18
N GLY C 462 -10.10 -2.28 8.00
CA GLY C 462 -9.96 -1.15 7.11
C GLY C 462 -8.73 -1.16 6.22
N ASP C 463 -8.00 -2.26 6.15
CA ASP C 463 -6.76 -2.29 5.39
C ASP C 463 -7.00 -2.57 3.91
N ASP C 464 -6.20 -1.89 3.08
CA ASP C 464 -6.06 -2.20 1.65
C ASP C 464 -7.40 -2.33 0.96
N MET C 465 -8.24 -1.31 1.11
CA MET C 465 -9.62 -1.38 0.68
C MET C 465 -9.83 -0.94 -0.76
N PHE C 466 -9.20 0.17 -1.18
CA PHE C 466 -9.42 0.64 -2.55
C PHE C 466 -8.92 -0.37 -3.57
N ALA C 467 -7.79 -1.03 -3.28
CA ALA C 467 -7.29 -2.07 -4.17
C ALA C 467 -8.26 -3.23 -4.25
N THR C 468 -8.94 -3.54 -3.14
CA THR C 468 -9.91 -4.62 -3.14
C THR C 468 -11.07 -4.34 -4.09
N PHE C 469 -11.50 -3.07 -4.17
CA PHE C 469 -12.51 -2.70 -5.14
C PHE C 469 -11.98 -2.76 -6.56
N ALA C 470 -10.80 -2.20 -6.79
CA ALA C 470 -10.29 -1.97 -8.14
C ALA C 470 -9.69 -3.22 -8.78
N GLN C 471 -9.40 -4.26 -8.00
CA GLN C 471 -8.63 -5.38 -8.51
C GLN C 471 -9.45 -6.36 -9.34
N ILE C 472 -10.77 -6.22 -9.38
CA ILE C 472 -11.64 -7.11 -10.14
C ILE C 472 -12.00 -6.41 -11.45
N GLN C 473 -11.74 -7.11 -12.56
CA GLN C 473 -12.01 -6.55 -13.88
C GLN C 473 -13.51 -6.60 -14.20
N GLN C 474 -13.92 -5.72 -15.11
CA GLN C 474 -15.33 -5.56 -15.49
C GLN C 474 -15.69 -6.47 -16.65
N LYS C 475 -14.98 -7.59 -16.78
CA LYS C 475 -15.23 -8.52 -17.88
C LYS C 475 -16.68 -8.98 -17.90
N SER C 476 -17.23 -9.31 -16.74
CA SER C 476 -18.64 -9.69 -16.62
C SER C 476 -19.33 -8.65 -15.76
N ILE C 477 -20.37 -8.01 -16.33
CA ILE C 477 -21.04 -6.93 -15.62
C ILE C 477 -21.84 -7.47 -14.43
N LEU C 478 -22.41 -8.67 -14.56
CA LEU C 478 -23.19 -9.25 -13.47
C LEU C 478 -22.33 -9.48 -12.24
N VAL C 479 -21.17 -10.11 -12.44
CA VAL C 479 -20.27 -10.41 -11.32
C VAL C 479 -19.72 -9.12 -10.73
N TRP C 480 -19.47 -8.12 -11.57
CA TRP C 480 -18.95 -6.84 -11.08
C TRP C 480 -19.99 -6.12 -10.22
N LEU C 481 -21.24 -6.10 -10.67
CA LEU C 481 -22.31 -5.50 -9.88
C LEU C 481 -22.47 -6.23 -8.55
N PHE C 482 -22.43 -7.57 -8.59
CA PHE C 482 -22.49 -8.31 -7.33
C PHE C 482 -21.30 -8.01 -6.44
N SER C 483 -20.12 -7.80 -7.04
CA SER C 483 -18.94 -7.47 -6.25
C SER C 483 -19.11 -6.14 -5.53
N ARG C 484 -19.67 -5.14 -6.21
CA ARG C 484 -19.94 -3.87 -5.54
C ARG C 484 -20.98 -4.02 -4.43
N LEU C 485 -22.07 -4.75 -4.70
CA LEU C 485 -23.05 -5.01 -3.65
C LEU C 485 -22.41 -5.69 -2.45
N TYR C 486 -21.63 -6.74 -2.70
CA TYR C 486 -20.97 -7.51 -1.66
C TYR C 486 -20.03 -6.63 -0.84
N LEU C 487 -19.15 -5.89 -1.51
CA LEU C 487 -18.14 -5.13 -0.79
C LEU C 487 -18.76 -3.99 0.02
N TYR C 488 -19.69 -3.23 -0.57
CA TYR C 488 -20.32 -2.17 0.20
C TYR C 488 -21.09 -2.75 1.39
N SER C 489 -21.85 -3.82 1.19
CA SER C 489 -22.61 -4.38 2.30
C SER C 489 -21.70 -4.86 3.42
N PHE C 490 -20.66 -5.63 3.08
CA PHE C 490 -19.76 -6.14 4.09
C PHE C 490 -19.05 -5.02 4.85
N ILE C 491 -18.47 -4.07 4.11
CA ILE C 491 -17.69 -3.02 4.76
C ILE C 491 -18.57 -2.17 5.65
N SER C 492 -19.77 -1.79 5.16
CA SER C 492 -20.67 -1.02 6.00
C SER C 492 -21.02 -1.80 7.26
N LEU C 493 -21.47 -3.04 7.11
CA LEU C 493 -21.99 -3.80 8.24
C LEU C 493 -20.91 -4.02 9.30
N PHE C 494 -19.68 -4.30 8.89
CA PHE C 494 -18.67 -4.62 9.89
C PHE C 494 -17.96 -3.37 10.43
N ILE C 495 -17.65 -2.38 9.60
CA ILE C 495 -16.93 -1.23 10.12
C ILE C 495 -17.87 -0.29 10.89
N TYR C 496 -19.02 0.07 10.32
CA TYR C 496 -19.82 1.09 10.98
C TYR C 496 -20.70 0.56 12.09
N MET C 497 -20.93 -0.74 12.19
CA MET C 497 -21.76 -1.26 13.28
C MET C 497 -21.04 -2.26 14.19
N ILE C 498 -20.53 -3.33 13.59
CA ILE C 498 -19.97 -4.42 14.39
C ILE C 498 -18.69 -3.98 15.07
N LEU C 499 -17.80 -3.32 14.33
CA LEU C 499 -16.54 -2.87 14.89
C LEU C 499 -16.77 -1.87 16.02
N SER C 500 -17.78 -1.01 15.87
CA SER C 500 -18.11 -0.06 16.93
C SER C 500 -18.78 -0.72 18.13
N LEU C 501 -19.36 -1.91 17.96
CA LEU C 501 -19.93 -2.56 19.13
C LEU C 501 -18.83 -3.03 20.09
N PHE C 502 -17.63 -3.33 19.60
CA PHE C 502 -16.50 -3.56 20.50
C PHE C 502 -16.20 -2.32 21.32
N ILE C 503 -16.22 -1.14 20.70
CA ILE C 503 -15.99 0.09 21.45
C ILE C 503 -17.05 0.25 22.52
N ALA C 504 -18.31 0.00 22.17
CA ALA C 504 -19.39 0.11 23.14
C ALA C 504 -19.18 -0.83 24.32
N LEU C 505 -18.89 -2.11 24.03
CA LEU C 505 -18.72 -3.11 25.08
C LEU C 505 -17.55 -2.76 25.98
N ILE C 506 -16.41 -2.39 25.39
CA ILE C 506 -15.22 -2.11 26.19
C ILE C 506 -15.43 -0.87 27.05
N THR C 507 -16.02 0.18 26.48
CA THR C 507 -16.26 1.41 27.23
C THR C 507 -17.20 1.15 28.40
N ASP C 508 -18.28 0.41 28.17
CA ASP C 508 -19.21 0.16 29.26
C ASP C 508 -18.65 -0.80 30.30
N SER C 509 -17.81 -1.77 29.90
CA SER C 509 -17.15 -2.62 30.89
C SER C 509 -16.20 -1.80 31.75
N TYR C 510 -15.58 -0.79 31.16
CA TYR C 510 -14.69 0.13 31.91
C TYR C 510 -15.49 0.79 33.03
N ASP C 511 -16.62 1.42 32.70
CA ASP C 511 -17.38 2.18 33.72
C ASP C 511 -17.85 1.27 34.87
N THR C 512 -18.31 0.05 34.61
CA THR C 512 -18.70 -0.81 35.75
C THR C 512 -17.54 -0.94 36.74
N ILE C 513 -16.36 -1.35 36.26
CA ILE C 513 -15.18 -1.55 37.15
C ILE C 513 -14.84 -0.22 37.82
N LYS C 514 -14.83 0.87 37.06
CA LYS C 514 -14.53 2.20 37.64
C LYS C 514 -15.58 2.48 38.71
N LYS C 515 -16.86 2.23 38.42
CA LYS C 515 -17.81 2.60 39.47
C LYS C 515 -17.81 1.59 40.62
N PHE C 516 -17.51 0.32 40.33
CA PHE C 516 -17.32 -0.64 41.42
C PHE C 516 -16.12 -0.26 42.29
N GLN C 517 -15.01 0.14 41.67
CA GLN C 517 -13.82 0.47 42.44
C GLN C 517 -14.04 1.70 43.32
N GLN C 518 -14.77 2.69 42.81
CA GLN C 518 -15.04 3.90 43.57
C GLN C 518 -16.08 3.67 44.66
N ASN C 519 -17.10 2.85 44.38
CA ASN C 519 -18.12 2.57 45.39
C ASN C 519 -17.61 1.60 46.45
N GLY C 520 -16.80 0.63 46.06
CA GLY C 520 -16.29 -0.36 46.99
C GLY C 520 -17.32 -1.39 47.40
N LEU D 41 -55.19 -22.12 25.86
CA LEU D 41 -54.89 -21.11 24.81
C LEU D 41 -53.71 -20.25 25.27
N ARG D 42 -53.68 -19.87 26.55
CA ARG D 42 -52.54 -19.10 27.08
C ARG D 42 -51.28 -19.98 26.96
N GLU D 43 -51.39 -21.25 27.38
CA GLU D 43 -50.25 -22.19 27.27
C GLU D 43 -49.86 -22.34 25.80
N ASP D 44 -50.85 -22.40 24.91
CA ASP D 44 -50.58 -22.52 23.45
C ASP D 44 -49.70 -21.34 23.01
N LEU D 45 -50.13 -20.12 23.35
CA LEU D 45 -49.37 -18.92 22.93
C LEU D 45 -47.98 -18.96 23.55
N LYS D 46 -47.90 -19.40 24.81
CA LYS D 46 -46.59 -19.50 25.49
C LYS D 46 -45.75 -20.51 24.73
N PHE D 47 -46.31 -21.68 24.42
CA PHE D 47 -45.56 -22.68 23.63
C PHE D 47 -45.14 -22.07 22.29
N TYR D 48 -46.09 -21.44 21.58
CA TYR D 48 -45.78 -20.89 20.24
C TYR D 48 -44.68 -19.83 20.31
N PHE D 49 -44.59 -19.10 21.41
CA PHE D 49 -43.61 -17.98 21.46
C PHE D 49 -42.31 -18.38 22.17
N MET D 50 -42.22 -19.59 22.74
CA MET D 50 -40.98 -19.88 23.51
C MET D 50 -39.80 -20.36 22.65
N SER D 51 -38.91 -21.14 23.25
CA SER D 51 -37.78 -21.73 22.53
C SER D 51 -37.86 -23.26 22.51
N PRO D 52 -37.14 -23.91 21.60
CA PRO D 52 -37.16 -25.38 21.57
C PRO D 52 -36.55 -26.03 22.80
N CYS D 53 -35.59 -25.37 23.46
CA CYS D 53 -35.03 -25.96 24.68
C CYS D 53 -36.08 -26.07 25.76
N GLU D 54 -36.97 -25.07 25.86
CA GLU D 54 -38.07 -25.16 26.81
C GLU D 54 -39.23 -25.97 26.24
N LYS D 55 -39.47 -25.87 24.93
CA LYS D 55 -40.56 -26.62 24.32
C LYS D 55 -40.35 -28.12 24.40
N TYR D 56 -39.08 -28.57 24.48
CA TYR D 56 -38.78 -29.98 24.52
C TYR D 56 -39.38 -30.67 25.74
N ARG D 57 -39.70 -29.93 26.80
CA ARG D 57 -40.19 -30.54 28.02
C ARG D 57 -41.63 -31.01 27.90
N ALA D 58 -42.33 -30.67 26.81
CA ALA D 58 -43.60 -31.31 26.52
C ALA D 58 -43.36 -32.78 26.16
N ARG D 59 -44.28 -33.64 26.57
CA ARG D 59 -44.03 -35.08 26.56
C ARG D 59 -43.89 -35.68 25.16
N ARG D 60 -44.20 -34.95 24.10
CA ARG D 60 -44.08 -35.50 22.75
C ARG D 60 -43.34 -34.57 21.79
N GLN D 61 -42.78 -33.47 22.27
CA GLN D 61 -42.27 -32.39 21.40
C GLN D 61 -40.78 -32.56 21.14
N ILE D 62 -40.43 -33.52 20.29
CA ILE D 62 -39.03 -33.68 19.88
C ILE D 62 -38.67 -32.63 18.85
N PRO D 63 -37.44 -32.09 18.85
CA PRO D 63 -37.07 -31.00 17.93
C PRO D 63 -36.65 -31.43 16.53
N TRP D 64 -37.46 -32.24 15.86
CA TRP D 64 -37.14 -32.67 14.50
C TRP D 64 -37.18 -31.52 13.50
N LYS D 65 -38.04 -30.52 13.74
CA LYS D 65 -38.10 -29.37 12.86
C LYS D 65 -36.79 -28.58 12.87
N LEU D 66 -36.03 -28.66 13.96
CA LEU D 66 -34.69 -28.08 14.01
C LEU D 66 -33.65 -29.02 13.42
N GLY D 67 -33.84 -30.33 13.60
CA GLY D 67 -32.92 -31.29 13.00
C GLY D 67 -32.85 -31.16 11.50
N LEU D 68 -33.98 -30.85 10.86
CA LEU D 68 -33.96 -30.67 9.40
C LEU D 68 -33.03 -29.52 9.02
N GLN D 69 -33.10 -28.39 9.74
CA GLN D 69 -32.21 -27.27 9.46
C GLN D 69 -30.75 -27.64 9.73
N ILE D 70 -30.50 -28.37 10.81
CA ILE D 70 -29.12 -28.73 11.12
C ILE D 70 -28.55 -29.61 10.03
N LEU D 71 -29.37 -30.47 9.43
CA LEU D 71 -28.95 -31.19 8.23
C LEU D 71 -28.72 -30.24 7.06
N LYS D 72 -29.60 -29.25 6.91
CA LYS D 72 -29.60 -28.41 5.71
C LYS D 72 -28.34 -27.57 5.62
N ILE D 73 -27.88 -27.00 6.75
CA ILE D 73 -26.66 -26.20 6.68
C ILE D 73 -25.51 -27.03 6.13
N VAL D 74 -25.33 -28.24 6.67
CA VAL D 74 -24.22 -29.09 6.24
C VAL D 74 -24.35 -29.45 4.77
N MET D 75 -25.56 -29.85 4.36
CA MET D 75 -25.73 -30.28 2.96
C MET D 75 -25.47 -29.14 1.99
N VAL D 76 -25.99 -27.95 2.28
CA VAL D 76 -25.78 -26.80 1.39
C VAL D 76 -24.31 -26.39 1.36
N THR D 77 -23.66 -26.37 2.53
CA THR D 77 -22.26 -25.95 2.57
C THR D 77 -21.38 -26.93 1.81
N THR D 78 -21.63 -28.23 1.94
CA THR D 78 -20.84 -29.21 1.19
C THR D 78 -21.14 -29.14 -0.31
N GLN D 79 -22.39 -28.85 -0.69
CA GLN D 79 -22.66 -28.61 -2.11
C GLN D 79 -21.83 -27.46 -2.64
N LEU D 80 -21.78 -26.36 -1.90
CA LEU D 80 -20.99 -25.21 -2.32
C LEU D 80 -19.51 -25.56 -2.41
N VAL D 81 -18.99 -26.29 -1.42
CA VAL D 81 -17.57 -26.61 -1.41
C VAL D 81 -17.20 -27.50 -2.60
N ARG D 82 -18.02 -28.53 -2.86
CA ARG D 82 -17.72 -29.42 -3.97
C ARG D 82 -17.84 -28.69 -5.31
N PHE D 83 -18.84 -27.82 -5.44
CA PHE D 83 -18.99 -27.04 -6.66
C PHE D 83 -17.78 -26.13 -6.88
N GLY D 84 -17.32 -25.45 -5.84
CA GLY D 84 -16.19 -24.56 -5.98
C GLY D 84 -14.91 -25.31 -6.32
N LEU D 85 -14.67 -26.45 -5.66
CA LEU D 85 -13.46 -27.20 -5.95
C LEU D 85 -13.48 -27.79 -7.35
N SER D 86 -14.67 -28.11 -7.88
CA SER D 86 -14.73 -28.55 -9.27
C SER D 86 -14.52 -27.39 -10.23
N ASN D 87 -15.19 -26.26 -10.00
CA ASN D 87 -15.11 -25.10 -10.87
C ASN D 87 -13.67 -24.59 -10.98
N GLN D 88 -12.95 -24.60 -9.87
CA GLN D 88 -11.61 -24.00 -9.82
C GLN D 88 -10.67 -24.66 -10.82
N LEU D 89 -10.76 -25.99 -10.99
CA LEU D 89 -9.82 -26.68 -11.87
C LEU D 89 -10.04 -26.30 -13.33
N VAL D 90 -11.29 -26.26 -13.77
CA VAL D 90 -11.60 -25.87 -15.14
C VAL D 90 -11.16 -24.44 -15.40
N VAL D 91 -11.43 -23.54 -14.45
CA VAL D 91 -11.01 -22.15 -14.62
C VAL D 91 -9.48 -22.06 -14.72
N ALA D 92 -8.78 -22.82 -13.86
CA ALA D 92 -7.33 -22.79 -13.89
C ALA D 92 -6.77 -23.28 -15.22
N PHE D 93 -7.33 -24.37 -15.77
CA PHE D 93 -6.84 -24.86 -17.05
C PHE D 93 -7.08 -23.84 -18.15
N LYS D 94 -8.28 -23.28 -18.21
CA LYS D 94 -8.60 -22.33 -19.27
C LYS D 94 -7.69 -21.10 -19.20
N GLU D 95 -7.46 -20.59 -18.00
CA GLU D 95 -6.66 -19.37 -17.88
C GLU D 95 -5.16 -19.63 -18.08
N ASP D 96 -4.67 -20.81 -17.68
CA ASP D 96 -3.30 -21.16 -17.98
C ASP D 96 -3.08 -21.24 -19.49
N ASN D 97 -4.03 -21.84 -20.21
CA ASN D 97 -3.93 -21.88 -21.66
C ASN D 97 -4.00 -20.49 -22.27
N THR D 98 -4.84 -19.61 -21.73
CA THR D 98 -4.89 -18.24 -22.23
C THR D 98 -3.55 -17.53 -22.08
N VAL D 99 -2.89 -17.69 -20.92
CA VAL D 99 -1.60 -17.05 -20.72
C VAL D 99 -0.55 -17.64 -21.66
N ALA D 100 -0.56 -18.96 -21.86
CA ALA D 100 0.38 -19.57 -22.79
C ALA D 100 0.16 -19.05 -24.21
N PHE D 101 -1.10 -18.88 -24.62
CA PHE D 101 -1.38 -18.32 -25.94
C PHE D 101 -0.88 -16.90 -26.08
N LYS D 102 -1.06 -16.09 -25.02
CA LYS D 102 -0.54 -14.71 -25.06
C LYS D 102 0.97 -14.72 -25.25
N HIS D 103 1.68 -15.57 -24.51
CA HIS D 103 3.13 -15.64 -24.68
C HIS D 103 3.52 -16.14 -26.07
N LEU D 104 2.75 -17.06 -26.64
CA LEU D 104 3.12 -17.63 -27.93
C LEU D 104 2.91 -16.64 -29.07
N PHE D 105 1.77 -15.96 -29.09
CA PHE D 105 1.36 -15.23 -30.29
C PHE D 105 1.51 -13.72 -30.23
N LEU D 106 1.84 -13.15 -29.07
CA LEU D 106 2.04 -11.71 -28.95
C LEU D 106 3.53 -11.42 -28.85
N LYS D 107 4.03 -10.57 -29.74
CA LYS D 107 5.44 -10.24 -29.77
C LYS D 107 5.82 -9.39 -28.57
N GLY D 108 6.87 -9.82 -27.86
CA GLY D 108 7.37 -9.05 -26.75
C GLY D 108 6.43 -8.96 -25.56
N TYR D 109 5.53 -9.92 -25.40
CA TYR D 109 4.61 -9.88 -24.28
C TYR D 109 5.37 -10.10 -22.97
N SER D 110 5.10 -9.23 -21.99
CA SER D 110 5.87 -9.20 -20.76
C SER D 110 5.28 -10.09 -19.65
N GLY D 111 4.14 -10.70 -19.88
CA GLY D 111 3.52 -11.54 -18.88
C GLY D 111 2.40 -10.89 -18.09
N THR D 112 2.26 -9.57 -18.17
CA THR D 112 1.16 -8.85 -17.52
C THR D 112 0.51 -7.94 -18.54
N ASP D 113 -0.83 -7.93 -18.56
CA ASP D 113 -1.57 -7.08 -19.48
C ASP D 113 -1.49 -5.62 -19.06
N GLU D 114 -1.85 -4.75 -19.98
CA GLU D 114 -2.20 -3.38 -19.62
C GLU D 114 -3.65 -3.39 -19.10
N ASP D 115 -4.21 -2.20 -18.86
CA ASP D 115 -5.39 -2.10 -18.02
C ASP D 115 -6.59 -2.85 -18.59
N ASP D 116 -6.74 -2.91 -19.91
CA ASP D 116 -7.77 -3.76 -20.50
C ASP D 116 -7.30 -4.50 -21.74
N TYR D 117 -6.04 -4.41 -22.11
CA TYR D 117 -5.52 -5.01 -23.34
C TYR D 117 -4.10 -5.49 -23.09
N SER D 118 -3.70 -6.51 -23.85
CA SER D 118 -2.45 -7.21 -23.56
C SER D 118 -1.23 -6.33 -23.78
N CYS D 119 -1.13 -5.69 -24.94
CA CYS D 119 0.02 -4.86 -25.24
C CYS D 119 -0.36 -3.86 -26.32
N SER D 120 0.51 -2.88 -26.52
CA SER D 120 0.27 -1.81 -27.48
C SER D 120 1.53 -1.51 -28.26
N VAL D 121 1.35 -0.91 -29.44
CA VAL D 121 2.45 -0.51 -30.31
C VAL D 121 2.20 0.92 -30.76
N TYR D 122 3.27 1.70 -30.86
CA TYR D 122 3.15 3.11 -31.23
C TYR D 122 3.81 3.47 -32.55
N THR D 123 4.36 2.49 -33.27
CA THR D 123 5.15 2.75 -34.46
C THR D 123 4.63 1.90 -35.62
N GLN D 124 4.66 2.48 -36.82
CA GLN D 124 4.10 1.79 -37.99
C GLN D 124 4.81 0.47 -38.27
N GLU D 125 6.11 0.37 -37.97
CA GLU D 125 6.82 -0.88 -38.21
C GLU D 125 6.51 -1.93 -37.14
N ASP D 126 6.29 -1.50 -35.89
CA ASP D 126 5.98 -2.44 -34.82
C ASP D 126 4.66 -3.16 -35.09
N ALA D 127 3.68 -2.46 -35.67
CA ALA D 127 2.41 -3.10 -35.99
C ALA D 127 2.60 -4.23 -37.01
N TYR D 128 3.36 -3.96 -38.07
CA TYR D 128 3.64 -5.00 -39.05
C TYR D 128 4.38 -6.16 -38.43
N GLU D 129 5.37 -5.87 -37.57
CA GLU D 129 6.14 -6.94 -36.96
C GLU D 129 5.26 -7.82 -36.08
N SER D 130 4.36 -7.22 -35.29
CA SER D 130 3.48 -8.02 -34.45
C SER D 130 2.50 -8.82 -35.29
N ILE D 131 1.95 -8.22 -36.35
CA ILE D 131 0.96 -8.91 -37.18
C ILE D 131 1.59 -10.12 -37.85
N PHE D 132 2.80 -9.95 -38.40
CA PHE D 132 3.47 -11.08 -39.04
C PHE D 132 3.96 -12.10 -38.02
N PHE D 133 4.33 -11.64 -36.82
CA PHE D 133 4.78 -12.56 -35.79
C PHE D 133 3.67 -13.53 -35.39
N ALA D 134 2.45 -13.00 -35.23
CA ALA D 134 1.33 -13.88 -34.86
C ALA D 134 1.12 -14.97 -35.90
N ILE D 135 1.17 -14.61 -37.18
CA ILE D 135 0.94 -15.59 -38.24
C ILE D 135 2.09 -16.59 -38.28
N ASN D 136 3.33 -16.12 -38.16
CA ASN D 136 4.46 -17.04 -38.21
C ASN D 136 4.45 -18.01 -37.03
N GLN D 137 4.06 -17.54 -35.84
CA GLN D 137 3.96 -18.43 -34.70
C GLN D 137 2.83 -19.43 -34.88
N TYR D 138 1.72 -19.02 -35.50
CA TYR D 138 0.68 -19.99 -35.81
C TYR D 138 1.18 -21.05 -36.78
N HIS D 139 1.98 -20.64 -37.77
CA HIS D 139 2.49 -21.60 -38.75
C HIS D 139 3.36 -22.66 -38.11
N GLN D 140 4.14 -22.28 -37.09
CA GLN D 140 5.14 -23.15 -36.47
C GLN D 140 4.66 -23.80 -35.18
N LEU D 141 3.35 -23.77 -34.91
CA LEU D 141 2.85 -24.15 -33.59
C LEU D 141 3.32 -25.54 -33.15
N LYS D 142 3.31 -26.51 -34.07
CA LYS D 142 3.67 -27.87 -33.69
C LYS D 142 5.08 -27.98 -33.14
N ASP D 143 5.96 -27.05 -33.53
CA ASP D 143 7.37 -27.13 -33.13
C ASP D 143 7.72 -26.27 -31.94
N ILE D 144 6.79 -25.47 -31.42
CA ILE D 144 7.12 -24.53 -30.34
C ILE D 144 6.23 -24.69 -29.12
N THR D 145 5.10 -25.37 -29.20
CA THR D 145 4.20 -25.49 -28.06
C THR D 145 4.68 -26.56 -27.08
N LEU D 146 4.51 -26.29 -25.79
CA LEU D 146 4.81 -27.26 -24.74
C LEU D 146 3.60 -28.09 -24.33
N GLY D 147 2.42 -27.80 -24.86
CA GLY D 147 1.19 -28.46 -24.46
C GLY D 147 0.83 -29.62 -25.37
N THR D 148 -0.42 -30.08 -25.20
CA THR D 148 -1.01 -31.12 -26.02
C THR D 148 -1.77 -30.56 -27.22
N LEU D 149 -1.40 -29.36 -27.67
CA LEU D 149 -2.22 -28.60 -28.61
C LEU D 149 -2.24 -29.23 -30.01
N GLY D 150 -3.20 -28.77 -30.80
CA GLY D 150 -3.32 -29.14 -32.20
C GLY D 150 -4.22 -28.13 -32.90
N TYR D 151 -4.26 -28.22 -34.22
CA TYR D 151 -5.07 -27.30 -35.01
C TYR D 151 -6.53 -27.72 -35.04
N GLY D 152 -7.42 -26.71 -35.01
CA GLY D 152 -8.84 -26.93 -35.10
C GLY D 152 -9.44 -26.36 -36.37
N GLU D 153 -10.53 -26.99 -36.83
CA GLU D 153 -11.20 -26.56 -38.05
C GLU D 153 -11.85 -25.20 -37.84
N ASN D 154 -11.81 -24.37 -38.88
CA ASN D 154 -12.34 -23.01 -38.82
C ASN D 154 -13.78 -22.97 -39.32
N GLU D 155 -14.32 -21.76 -39.51
CA GLU D 155 -15.72 -21.58 -39.90
C GLU D 155 -16.01 -22.19 -41.26
N ASP D 156 -15.06 -22.13 -42.19
CA ASP D 156 -15.22 -22.74 -43.52
C ASP D 156 -14.90 -24.22 -43.52
N ASN D 157 -14.77 -24.83 -42.34
CA ASN D 157 -14.36 -26.22 -42.14
C ASN D 157 -12.95 -26.49 -42.64
N ARG D 158 -12.23 -25.46 -43.07
CA ARG D 158 -10.81 -25.58 -43.36
C ARG D 158 -10.01 -25.55 -42.07
N ILE D 159 -8.83 -26.16 -42.12
CA ILE D 159 -7.80 -25.93 -41.11
C ILE D 159 -6.98 -24.75 -41.63
N GLY D 160 -7.14 -23.58 -41.02
CA GLY D 160 -6.54 -22.39 -41.59
C GLY D 160 -6.75 -21.19 -40.70
N LEU D 161 -6.12 -20.10 -41.09
CA LEU D 161 -6.07 -18.86 -40.34
C LEU D 161 -6.78 -17.77 -41.12
N LYS D 162 -7.72 -17.08 -40.49
CA LYS D 162 -8.48 -16.00 -41.13
C LYS D 162 -8.08 -14.66 -40.51
N VAL D 163 -7.74 -13.69 -41.36
CA VAL D 163 -7.38 -12.35 -40.94
C VAL D 163 -8.19 -11.34 -41.75
N CYS D 164 -8.68 -10.29 -41.08
CA CYS D 164 -9.59 -9.33 -41.70
C CYS D 164 -9.18 -7.91 -41.37
N LYS D 165 -9.50 -6.98 -42.27
CA LYS D 165 -9.19 -5.55 -42.11
C LYS D 165 -10.46 -4.72 -42.14
N GLN D 166 -10.42 -3.54 -41.54
CA GLN D 166 -11.58 -2.62 -41.59
C GLN D 166 -11.06 -1.21 -41.83
N HIS D 167 -11.20 -0.70 -43.06
CA HIS D 167 -10.63 0.64 -43.39
C HIS D 167 -11.76 1.63 -43.70
N TYR D 168 -11.63 2.88 -43.25
CA TYR D 168 -12.62 3.91 -43.65
C TYR D 168 -12.57 3.96 -45.19
N LYS D 169 -13.72 4.03 -45.85
CA LYS D 169 -13.74 3.90 -47.34
C LYS D 169 -13.18 5.13 -48.06
N LYS D 170 -12.90 4.99 -49.36
CA LYS D 170 -12.41 6.10 -50.22
C LYS D 170 -10.97 6.49 -49.89
N GLY D 171 -10.00 5.72 -50.39
CA GLY D 171 -8.61 6.08 -50.22
C GLY D 171 -8.34 7.52 -50.63
N PRO D 175 -2.29 12.53 -49.81
CA PRO D 175 -1.54 12.71 -48.57
C PRO D 175 -2.24 12.07 -47.37
N SER D 176 -1.68 12.27 -46.17
CA SER D 176 -2.28 11.71 -44.93
C SER D 176 -3.10 12.79 -44.24
N ASN D 177 -3.29 13.93 -44.92
CA ASN D 177 -4.14 15.00 -44.32
C ASN D 177 -4.30 16.19 -45.27
N GLU D 178 -4.86 17.29 -44.77
CA GLU D 178 -5.11 18.55 -45.48
C GLU D 178 -6.12 18.38 -46.62
N THR D 179 -6.37 17.13 -47.07
CA THR D 179 -7.27 16.89 -48.19
C THR D 179 -8.05 15.59 -48.05
N LEU D 180 -8.35 15.14 -46.84
CA LEU D 180 -8.86 13.78 -46.65
C LEU D 180 -10.16 13.55 -47.43
N ASN D 181 -10.15 12.52 -48.28
CA ASN D 181 -11.27 12.16 -49.14
C ASN D 181 -12.06 10.97 -48.61
N ILE D 182 -12.16 10.85 -47.29
CA ILE D 182 -12.83 9.72 -46.65
C ILE D 182 -14.35 9.86 -46.83
N ASP D 183 -15.05 8.72 -46.69
CA ASP D 183 -16.51 8.69 -46.88
C ASP D 183 -17.23 7.84 -45.84
N ASN D 184 -16.70 7.79 -44.62
CA ASN D 184 -17.48 7.58 -43.41
C ASN D 184 -18.00 6.15 -43.21
N ASP D 185 -17.94 5.28 -44.21
CA ASP D 185 -18.28 3.88 -43.92
C ASP D 185 -17.07 2.97 -44.18
N VAL D 186 -17.19 1.70 -43.81
CA VAL D 186 -16.05 0.82 -43.60
C VAL D 186 -15.93 -0.19 -44.76
N GLU D 187 -14.73 -0.27 -45.33
CA GLU D 187 -14.39 -1.40 -46.17
C GLU D 187 -14.05 -2.61 -45.32
N LEU D 188 -14.63 -3.76 -45.65
CA LEU D 188 -14.31 -5.02 -44.97
C LEU D 188 -13.58 -5.91 -45.97
N ASP D 189 -12.38 -6.34 -45.60
CA ASP D 189 -11.62 -7.30 -46.39
C ASP D 189 -11.17 -8.45 -45.51
N CYS D 190 -11.21 -9.66 -46.07
CA CYS D 190 -10.77 -10.85 -45.36
C CYS D 190 -10.00 -11.74 -46.32
N VAL D 191 -9.12 -12.58 -45.75
CA VAL D 191 -8.37 -13.56 -46.54
C VAL D 191 -8.10 -14.76 -45.65
N GLN D 192 -8.09 -15.94 -46.27
CA GLN D 192 -7.84 -17.19 -45.57
C GLN D 192 -6.42 -17.65 -45.86
N LEU D 193 -5.66 -17.90 -44.81
CA LEU D 193 -4.30 -18.43 -44.91
C LEU D 193 -4.31 -19.86 -44.38
N ASP D 194 -4.17 -20.82 -45.29
CA ASP D 194 -4.13 -22.24 -44.94
C ASP D 194 -2.68 -22.70 -44.74
N LEU D 195 -2.54 -23.88 -44.13
CA LEU D 195 -1.20 -24.38 -43.82
C LEU D 195 -0.38 -24.63 -45.07
N GLN D 196 -0.99 -25.18 -46.12
CA GLN D 196 -0.26 -25.39 -47.37
C GLN D 196 -0.03 -24.09 -48.13
N ASP D 197 -0.63 -22.98 -47.70
CA ASP D 197 -0.22 -21.66 -48.17
C ASP D 197 0.88 -21.07 -47.30
N LEU D 198 0.66 -21.09 -45.99
CA LEU D 198 1.62 -20.43 -45.06
C LEU D 198 2.92 -21.23 -45.00
N SER D 199 3.01 -22.29 -45.78
CA SER D 199 4.22 -23.16 -45.68
C SER D 199 5.04 -23.08 -46.96
N LYS D 200 4.39 -22.75 -48.08
CA LYS D 200 5.14 -22.74 -49.36
C LYS D 200 6.47 -22.09 -48.98
N LYS D 201 7.58 -22.77 -49.28
CA LYS D 201 8.93 -22.26 -48.90
C LYS D 201 8.97 -20.75 -49.15
N PRO D 202 8.56 -20.23 -50.33
CA PRO D 202 8.51 -18.78 -50.53
C PRO D 202 7.17 -18.28 -49.98
N PRO D 203 7.11 -17.73 -48.76
CA PRO D 203 5.83 -17.33 -48.15
C PRO D 203 5.28 -16.06 -48.84
N ASP D 204 4.91 -16.17 -50.12
CA ASP D 204 4.42 -15.01 -50.84
C ASP D 204 3.31 -14.26 -50.11
N TRP D 205 2.74 -14.85 -49.06
CA TRP D 205 1.63 -14.21 -48.37
C TRP D 205 2.05 -12.92 -47.69
N LYS D 206 3.32 -12.78 -47.30
CA LYS D 206 3.79 -11.51 -46.77
C LYS D 206 3.85 -10.42 -47.85
N ASN D 207 4.12 -10.81 -49.10
CA ASN D 207 4.23 -9.86 -50.19
C ASN D 207 2.88 -9.54 -50.84
N SER D 208 1.80 -10.14 -50.36
CA SER D 208 0.49 -9.94 -50.97
C SER D 208 0.04 -8.48 -50.83
N SER D 209 -0.82 -8.06 -51.76
CA SER D 209 -1.40 -6.73 -51.72
C SER D 209 -2.37 -6.54 -50.57
N PHE D 210 -2.73 -7.61 -49.86
CA PHE D 210 -3.67 -7.50 -48.75
C PHE D 210 -3.11 -6.62 -47.63
N PHE D 211 -1.81 -6.75 -47.34
CA PHE D 211 -1.23 -6.15 -46.15
C PHE D 211 -0.73 -4.72 -46.35
N ARG D 212 -1.26 -4.03 -47.36
CA ARG D 212 -0.97 -2.60 -47.57
C ARG D 212 -1.98 -1.81 -46.75
N LEU D 213 -1.65 -1.61 -45.47
CA LEU D 213 -2.67 -1.31 -44.47
C LEU D 213 -3.18 0.14 -44.48
N GLU D 214 -2.37 1.13 -44.88
CA GLU D 214 -2.80 2.52 -44.87
C GLU D 214 -3.39 2.93 -43.52
N PHE D 215 -2.51 2.95 -42.51
CA PHE D 215 -2.94 3.12 -41.12
C PHE D 215 -3.75 4.38 -40.86
N TYR D 216 -3.77 5.36 -41.77
CA TYR D 216 -4.58 6.54 -41.53
C TYR D 216 -6.07 6.25 -41.72
N ARG D 217 -6.40 5.29 -42.57
CA ARG D 217 -7.78 4.83 -42.73
C ARG D 217 -8.13 3.64 -41.84
N LEU D 218 -7.13 2.95 -41.30
CA LEU D 218 -7.34 1.67 -40.65
C LEU D 218 -8.10 1.81 -39.34
N LEU D 219 -9.15 1.01 -39.18
CA LEU D 219 -9.82 0.87 -37.90
C LEU D 219 -9.35 -0.32 -37.10
N GLN D 220 -9.16 -1.47 -37.74
CA GLN D 220 -8.99 -2.73 -37.02
C GLN D 220 -8.39 -3.78 -37.94
N VAL D 221 -7.53 -4.62 -37.38
CA VAL D 221 -7.08 -5.86 -38.01
C VAL D 221 -7.33 -7.00 -37.03
N GLU D 222 -7.96 -8.06 -37.50
CA GLU D 222 -8.39 -9.16 -36.64
C GLU D 222 -7.84 -10.47 -37.17
N ILE D 223 -7.21 -11.26 -36.30
CA ILE D 223 -6.66 -12.57 -36.63
C ILE D 223 -7.35 -13.62 -35.77
N SER D 224 -7.87 -14.67 -36.41
CA SER D 224 -8.72 -15.64 -35.74
C SER D 224 -8.34 -17.05 -36.15
N PHE D 225 -8.36 -17.98 -35.19
CA PHE D 225 -8.01 -19.36 -35.44
C PHE D 225 -8.55 -20.25 -34.33
N HIS D 226 -8.59 -21.55 -34.61
CA HIS D 226 -9.10 -22.57 -33.69
C HIS D 226 -7.97 -23.49 -33.26
N LEU D 227 -7.99 -23.91 -32.00
CA LEU D 227 -7.04 -24.88 -31.46
C LEU D 227 -7.77 -25.94 -30.65
N LYS D 228 -7.19 -27.13 -30.59
CA LYS D 228 -7.68 -28.22 -29.76
C LYS D 228 -6.70 -28.49 -28.63
N GLY D 229 -7.23 -28.78 -27.44
CA GLY D 229 -6.40 -29.11 -26.30
C GLY D 229 -7.02 -30.20 -25.46
N ILE D 230 -6.22 -30.74 -24.55
CA ILE D 230 -6.64 -31.77 -23.60
C ILE D 230 -6.10 -31.42 -22.23
N ASP D 231 -6.96 -31.49 -21.21
CA ASP D 231 -6.52 -31.35 -19.82
C ASP D 231 -5.98 -32.69 -19.28
N LEU D 232 -4.92 -33.16 -19.96
CA LEU D 232 -4.35 -34.47 -19.69
C LEU D 232 -3.91 -34.64 -18.24
N GLN D 233 -3.85 -33.55 -17.47
CA GLN D 233 -3.49 -33.65 -16.06
C GLN D 233 -4.39 -34.63 -15.30
N THR D 234 -5.66 -34.71 -15.71
CA THR D 234 -6.64 -35.54 -15.00
C THR D 234 -6.40 -37.04 -15.18
N ILE D 235 -5.49 -37.44 -16.08
CA ILE D 235 -5.39 -38.85 -16.47
C ILE D 235 -5.00 -39.73 -15.28
N HIS D 236 -4.34 -39.16 -14.27
CA HIS D 236 -3.91 -39.96 -13.13
C HIS D 236 -5.07 -40.53 -12.33
N SER D 237 -6.27 -39.96 -12.47
CA SER D 237 -7.46 -40.49 -11.83
C SER D 237 -8.12 -41.60 -12.63
N ARG D 238 -7.61 -41.91 -13.83
CA ARG D 238 -8.18 -42.90 -14.74
C ARG D 238 -9.55 -42.49 -15.26
N GLU D 239 -9.98 -41.26 -14.96
CA GLU D 239 -11.09 -40.67 -15.68
C GLU D 239 -10.68 -40.40 -17.12
N LEU D 240 -11.65 -40.50 -18.03
CA LEU D 240 -11.39 -40.20 -19.41
C LEU D 240 -11.07 -38.71 -19.54
N PRO D 241 -9.91 -38.33 -20.06
CA PRO D 241 -9.59 -36.90 -20.19
C PRO D 241 -10.55 -36.20 -21.14
N ASP D 242 -10.86 -34.96 -20.83
CA ASP D 242 -11.77 -34.16 -21.65
C ASP D 242 -10.98 -33.26 -22.60
N CYS D 243 -11.50 -33.06 -23.80
CA CYS D 243 -10.89 -32.14 -24.74
C CYS D 243 -11.43 -30.72 -24.54
N TYR D 244 -10.71 -29.76 -25.10
CA TYR D 244 -11.17 -28.39 -25.27
C TYR D 244 -10.96 -27.95 -26.71
N VAL D 245 -11.82 -27.04 -27.16
CA VAL D 245 -11.65 -26.32 -28.41
C VAL D 245 -11.53 -24.83 -28.08
N PHE D 246 -10.42 -24.22 -28.46
CA PHE D 246 -10.18 -22.81 -28.20
C PHE D 246 -10.44 -22.01 -29.46
N GLN D 247 -11.33 -21.03 -29.37
CA GLN D 247 -11.55 -20.06 -30.43
C GLN D 247 -10.84 -18.76 -30.07
N ASN D 248 -9.84 -18.40 -30.86
CA ASN D 248 -8.94 -17.29 -30.55
C ASN D 248 -9.11 -16.16 -31.55
N THR D 249 -9.07 -14.93 -31.05
CA THR D 249 -9.08 -13.74 -31.88
C THR D 249 -8.05 -12.75 -31.34
N ILE D 250 -7.21 -12.22 -32.23
CA ILE D 250 -6.29 -11.15 -31.89
C ILE D 250 -6.74 -9.89 -32.62
N ILE D 251 -7.00 -8.83 -31.86
CA ILE D 251 -7.56 -7.59 -32.39
C ILE D 251 -6.51 -6.50 -32.28
N PHE D 252 -6.07 -5.98 -33.42
CA PHE D 252 -5.18 -4.82 -33.45
C PHE D 252 -6.08 -3.59 -33.63
N ASP D 253 -6.44 -2.97 -32.51
CA ASP D 253 -7.53 -2.00 -32.46
C ASP D 253 -6.99 -0.58 -32.31
N ASN D 254 -7.38 0.30 -33.21
CA ASN D 254 -7.06 1.72 -33.11
C ASN D 254 -8.26 2.59 -33.52
N LYS D 255 -9.44 2.26 -32.98
CA LYS D 255 -10.60 3.13 -33.22
C LYS D 255 -10.31 4.56 -32.85
N ALA D 256 -9.52 4.79 -31.80
CA ALA D 256 -9.25 6.14 -31.35
C ALA D 256 -8.45 6.96 -32.35
N HIS D 257 -7.64 6.30 -33.20
CA HIS D 257 -6.73 6.98 -34.12
C HIS D 257 -5.80 7.93 -33.39
N SER D 258 -5.52 7.67 -32.12
CA SER D 258 -4.75 8.57 -31.27
C SER D 258 -3.27 8.19 -31.22
N GLY D 259 -2.74 7.60 -32.28
CA GLY D 259 -1.33 7.27 -32.34
C GLY D 259 -0.92 6.00 -31.66
N LYS D 260 -1.86 5.22 -31.15
CA LYS D 260 -1.58 3.94 -30.50
C LYS D 260 -2.51 2.86 -31.02
N ILE D 261 -1.95 1.69 -31.30
CA ILE D 261 -2.72 0.49 -31.60
C ILE D 261 -2.78 -0.38 -30.36
N LYS D 262 -3.99 -0.78 -29.97
CA LYS D 262 -4.19 -1.65 -28.82
C LYS D 262 -4.39 -3.08 -29.31
N ILE D 263 -3.68 -4.02 -28.69
CA ILE D 263 -3.73 -5.43 -29.08
C ILE D 263 -4.51 -6.19 -28.03
N TYR D 264 -5.69 -6.69 -28.42
CA TYR D 264 -6.54 -7.48 -27.54
C TYR D 264 -6.40 -8.95 -27.91
N PHE D 265 -6.31 -9.81 -26.89
CA PHE D 265 -6.31 -11.25 -27.11
C PHE D 265 -7.49 -11.85 -26.34
N ASP D 266 -8.34 -12.60 -27.04
CA ASP D 266 -9.51 -13.22 -26.45
C ASP D 266 -9.54 -14.69 -26.84
N SER D 267 -9.95 -15.55 -25.89
CA SER D 267 -9.94 -16.98 -26.09
C SER D 267 -11.18 -17.60 -25.46
N ASP D 268 -11.99 -18.26 -26.28
CA ASP D 268 -13.24 -18.88 -25.85
C ASP D 268 -13.12 -20.39 -25.98
N ALA D 269 -13.32 -21.11 -24.88
CA ALA D 269 -13.09 -22.55 -24.81
C ALA D 269 -14.42 -23.30 -24.69
N LYS D 270 -14.59 -24.33 -25.51
CA LYS D 270 -15.71 -25.26 -25.44
C LYS D 270 -15.18 -26.66 -25.13
N ILE D 271 -16.02 -27.48 -24.50
CA ILE D 271 -15.61 -28.81 -24.09
C ILE D 271 -15.63 -29.82 -25.24
N GLU D 272 -16.45 -29.59 -26.26
CA GLU D 272 -16.56 -30.47 -27.43
C GLU D 272 -16.77 -31.91 -26.99
N GLU D 273 -15.85 -32.79 -27.40
CA GLU D 273 -15.95 -34.23 -27.05
C GLU D 273 -14.67 -34.94 -27.51
N CYS D 274 -13.99 -35.64 -26.60
CA CYS D 274 -12.76 -36.39 -26.97
C CYS D 274 -13.08 -36.94 -28.36
N LYS D 275 -12.32 -36.50 -29.37
CA LYS D 275 -12.56 -36.98 -30.75
C LYS D 275 -12.07 -38.43 -30.84
N ASP D 276 -10.77 -38.66 -30.64
CA ASP D 276 -10.22 -40.04 -30.73
C ASP D 276 -9.01 -40.17 -29.78
N LEU D 277 -9.26 -40.23 -28.47
CA LEU D 277 -8.16 -40.44 -27.50
C LEU D 277 -8.11 -41.93 -27.14
N ASN D 278 -7.07 -42.63 -27.60
CA ASN D 278 -6.96 -44.09 -27.35
C ASN D 278 -6.29 -44.32 -25.99
N ILE D 279 -6.26 -43.28 -25.15
CA ILE D 279 -5.59 -43.39 -23.82
C ILE D 279 -6.37 -44.45 -23.03
N PHE D 280 -5.67 -45.44 -22.47
CA PHE D 280 -6.34 -46.54 -21.73
C PHE D 280 -6.80 -46.02 -20.36
N GLY D 281 -7.92 -46.56 -19.86
CA GLY D 281 -8.47 -46.10 -18.56
C GLY D 281 -9.96 -46.30 -18.49
N SER D 282 -10.71 -45.30 -18.00
CA SER D 282 -12.19 -45.40 -17.87
C SER D 282 -12.84 -44.06 -18.23
N THR D 283 -14.13 -44.08 -18.59
CA THR D 283 -14.85 -42.84 -18.95
C THR D 283 -15.33 -42.15 -17.69
N GLN D 284 -16.03 -41.01 -17.83
CA GLN D 284 -16.49 -40.24 -16.64
C GLN D 284 -18.01 -40.45 -16.45
N LYS D 285 -18.42 -40.87 -15.24
CA LYS D 285 -19.86 -41.10 -14.95
C LYS D 285 -20.21 -40.46 -13.59
N ASN D 286 -19.19 -40.07 -12.82
CA ASN D 286 -19.42 -39.44 -11.49
C ASN D 286 -20.54 -38.41 -11.62
N ALA D 287 -20.75 -37.88 -12.83
CA ALA D 287 -21.80 -36.89 -13.06
C ALA D 287 -23.12 -37.31 -12.41
N GLN D 288 -23.41 -38.62 -12.40
CA GLN D 288 -24.61 -39.11 -11.75
C GLN D 288 -24.58 -38.84 -10.25
N TYR D 289 -23.40 -38.98 -9.64
CA TYR D 289 -23.26 -38.70 -8.21
C TYR D 289 -23.49 -37.22 -7.92
N VAL D 290 -23.20 -36.35 -8.87
CA VAL D 290 -23.51 -34.93 -8.72
C VAL D 290 -25.00 -34.69 -8.87
N LEU D 291 -25.61 -35.29 -9.89
CA LEU D 291 -27.03 -35.06 -10.16
C LEU D 291 -27.91 -35.55 -9.00
N VAL D 292 -27.63 -36.74 -8.47
CA VAL D 292 -28.45 -37.28 -7.40
C VAL D 292 -28.27 -36.47 -6.13
N PHE D 293 -27.06 -35.99 -5.86
CA PHE D 293 -26.83 -35.17 -4.67
C PHE D 293 -27.57 -33.84 -4.78
N ASP D 294 -27.56 -33.23 -5.98
CA ASP D 294 -28.33 -32.02 -6.18
C ASP D 294 -29.81 -32.27 -6.00
N ALA D 295 -30.29 -33.44 -6.44
CA ALA D 295 -31.69 -33.79 -6.22
C ALA D 295 -32.01 -33.86 -4.73
N PHE D 296 -31.14 -34.48 -3.95
CA PHE D 296 -31.36 -34.54 -2.50
C PHE D 296 -31.37 -33.14 -1.89
N VAL D 297 -30.45 -32.27 -2.31
CA VAL D 297 -30.41 -30.92 -1.78
C VAL D 297 -31.70 -30.17 -2.08
N ILE D 298 -32.18 -30.30 -3.33
CA ILE D 298 -33.44 -29.67 -3.70
C ILE D 298 -34.58 -30.19 -2.85
N VAL D 299 -34.62 -31.50 -2.63
CA VAL D 299 -35.70 -32.11 -1.86
C VAL D 299 -35.72 -31.56 -0.43
N ILE D 300 -34.56 -31.52 0.21
CA ILE D 300 -34.53 -31.07 1.60
C ILE D 300 -34.84 -29.58 1.68
N CYS D 301 -34.42 -28.79 0.70
CA CYS D 301 -34.73 -27.37 0.73
C CYS D 301 -36.22 -27.13 0.55
N LEU D 302 -36.87 -27.91 -0.33
CA LEU D 302 -38.31 -27.82 -0.46
C LEU D 302 -39.01 -28.22 0.82
N ALA D 303 -38.51 -29.26 1.50
CA ALA D 303 -39.11 -29.67 2.78
C ALA D 303 -39.01 -28.55 3.81
N SER D 304 -37.83 -27.91 3.90
CA SER D 304 -37.67 -26.80 4.84
C SER D 304 -38.60 -25.64 4.50
N LEU D 305 -38.75 -25.33 3.21
CA LEU D 305 -39.66 -24.26 2.80
C LEU D 305 -41.10 -24.60 3.18
N ILE D 306 -41.50 -25.86 2.99
CA ILE D 306 -42.85 -26.29 3.35
C ILE D 306 -43.07 -26.10 4.85
N LEU D 307 -42.10 -26.53 5.65
CA LEU D 307 -42.22 -26.39 7.10
C LEU D 307 -42.35 -24.92 7.51
N CYS D 308 -41.53 -24.05 6.91
CA CYS D 308 -41.55 -22.65 7.30
C CYS D 308 -42.85 -21.97 6.89
N THR D 309 -43.34 -22.25 5.68
CA THR D 309 -44.61 -21.68 5.26
C THR D 309 -45.76 -22.17 6.15
N ARG D 310 -45.74 -23.47 6.50
CA ARG D 310 -46.74 -24.00 7.41
C ARG D 310 -46.69 -23.29 8.76
N SER D 311 -45.49 -23.06 9.28
CA SER D 311 -45.37 -22.39 10.57
C SER D 311 -45.87 -20.94 10.49
N ILE D 312 -45.62 -20.26 9.38
CA ILE D 312 -46.12 -18.90 9.20
C ILE D 312 -47.65 -18.91 9.17
N VAL D 313 -48.24 -19.93 8.59
CA VAL D 313 -49.73 -20.01 8.47
C VAL D 313 -50.35 -20.22 9.86
N LEU D 314 -49.95 -21.30 10.54
CA LEU D 314 -50.50 -21.63 11.87
C LEU D 314 -50.40 -20.40 12.79
N ALA D 315 -49.24 -19.76 12.83
CA ALA D 315 -49.01 -18.64 13.77
C ALA D 315 -49.87 -17.42 13.40
N LEU D 316 -49.96 -17.12 12.11
CA LEU D 316 -50.84 -16.00 11.68
C LEU D 316 -52.29 -16.32 12.10
N ARG D 317 -52.73 -17.57 11.97
CA ARG D 317 -54.09 -17.94 12.44
C ARG D 317 -54.21 -17.69 13.94
N LEU D 318 -53.23 -18.18 14.71
CA LEU D 318 -53.25 -17.93 16.18
C LEU D 318 -53.43 -16.43 16.42
N ARG D 319 -52.71 -15.58 15.68
CA ARG D 319 -52.92 -14.12 15.82
C ARG D 319 -54.38 -13.81 15.52
N LYS D 320 -54.94 -14.37 14.44
CA LYS D 320 -56.36 -14.12 14.22
C LYS D 320 -57.18 -14.56 15.43
N ARG D 321 -56.87 -15.73 16.00
CA ARG D 321 -57.53 -16.19 17.21
C ARG D 321 -57.34 -15.20 18.35
N PHE D 322 -56.11 -14.71 18.52
CA PHE D 322 -55.83 -13.73 19.57
C PHE D 322 -56.62 -12.46 19.35
N LEU D 323 -56.74 -12.01 18.10
CA LEU D 323 -57.53 -10.82 17.80
C LEU D 323 -58.99 -11.04 18.15
N ASN D 324 -59.54 -12.21 17.85
CA ASN D 324 -60.93 -12.50 18.14
C ASN D 324 -61.19 -12.79 19.61
N PHE D 325 -60.16 -13.10 20.40
CA PHE D 325 -60.38 -13.60 21.76
C PHE D 325 -60.99 -12.54 22.67
N PHE D 326 -60.40 -11.34 22.70
CA PHE D 326 -60.81 -10.34 23.67
C PHE D 326 -60.53 -8.95 23.12
N LEU D 327 -61.22 -7.96 23.69
CA LEU D 327 -61.01 -6.55 23.36
C LEU D 327 -59.59 -6.14 23.71
N ASP D 338 -48.05 -8.03 24.19
CA ASP D 338 -48.51 -8.62 22.94
C ASP D 338 -48.37 -7.62 21.80
N GLN D 339 -48.14 -8.14 20.59
CA GLN D 339 -47.87 -7.27 19.45
C GLN D 339 -48.48 -7.91 18.21
N TRP D 340 -48.76 -7.07 17.21
CA TRP D 340 -49.38 -7.54 15.97
C TRP D 340 -48.50 -8.54 15.23
N GLU D 341 -47.18 -8.46 15.41
CA GLU D 341 -46.25 -9.26 14.61
C GLU D 341 -46.00 -10.61 15.30
N PHE D 342 -46.88 -11.56 14.99
CA PHE D 342 -46.69 -12.94 15.43
C PHE D 342 -45.66 -13.69 14.60
N ILE D 343 -45.44 -13.26 13.36
CA ILE D 343 -44.54 -13.97 12.46
C ILE D 343 -43.10 -13.82 12.95
N ASN D 344 -42.39 -14.94 13.05
CA ASN D 344 -40.96 -14.92 13.35
C ASN D 344 -40.20 -14.44 12.11
N GLY D 345 -39.39 -13.41 12.27
CA GLY D 345 -38.71 -12.81 11.13
C GLY D 345 -37.73 -13.75 10.45
N TRP D 346 -37.15 -14.70 11.20
CA TRP D 346 -36.16 -15.60 10.63
C TRP D 346 -36.75 -16.50 9.55
N TYR D 347 -38.06 -16.76 9.61
CA TYR D 347 -38.68 -17.60 8.58
C TYR D 347 -38.61 -16.97 7.20
N VAL D 348 -38.70 -15.64 7.11
CA VAL D 348 -38.57 -14.97 5.81
C VAL D 348 -37.18 -15.22 5.22
N LEU D 349 -36.15 -15.06 6.05
CA LEU D 349 -34.78 -15.32 5.61
C LEU D 349 -34.62 -16.77 5.18
N VAL D 350 -35.20 -17.71 5.94
CA VAL D 350 -35.06 -19.12 5.61
C VAL D 350 -35.74 -19.43 4.28
N ILE D 351 -36.94 -18.88 4.07
CA ILE D 351 -37.66 -19.12 2.82
C ILE D 351 -36.88 -18.57 1.64
N ILE D 352 -36.34 -17.36 1.77
CA ILE D 352 -35.55 -16.79 0.68
C ILE D 352 -34.33 -17.66 0.40
N SER D 353 -33.65 -18.09 1.46
CA SER D 353 -32.47 -18.93 1.31
C SER D 353 -32.81 -20.20 0.55
N ASP D 354 -33.91 -20.86 0.93
CA ASP D 354 -34.27 -22.13 0.29
C ASP D 354 -34.69 -21.92 -1.16
N LEU D 355 -35.42 -20.86 -1.47
CA LEU D 355 -35.79 -20.60 -2.86
C LEU D 355 -34.55 -20.38 -3.72
N MET D 356 -33.60 -19.59 -3.22
CA MET D 356 -32.39 -19.33 -3.99
C MET D 356 -31.55 -20.59 -4.14
N THR D 357 -31.49 -21.43 -3.09
CA THR D 357 -30.77 -22.69 -3.21
C THR D 357 -31.41 -23.60 -4.24
N ILE D 358 -32.75 -23.66 -4.26
CA ILE D 358 -33.44 -24.51 -5.22
C ILE D 358 -33.12 -24.08 -6.64
N ILE D 359 -33.28 -22.79 -6.93
CA ILE D 359 -33.08 -22.33 -8.31
C ILE D 359 -31.61 -22.43 -8.70
N GLY D 360 -30.70 -22.17 -7.76
CA GLY D 360 -29.29 -22.31 -8.06
C GLY D 360 -28.88 -23.75 -8.33
N SER D 361 -29.45 -24.70 -7.59
CA SER D 361 -29.16 -26.11 -7.86
C SER D 361 -29.76 -26.54 -9.19
N ILE D 362 -30.92 -26.00 -9.56
CA ILE D 362 -31.49 -26.27 -10.88
C ILE D 362 -30.54 -25.78 -11.96
N LEU D 363 -30.01 -24.57 -11.78
CA LEU D 363 -29.05 -24.04 -12.76
C LEU D 363 -27.78 -24.87 -12.82
N LYS D 364 -27.29 -25.35 -11.67
CA LYS D 364 -26.09 -26.18 -11.67
C LYS D 364 -26.31 -27.49 -12.40
N MET D 365 -27.46 -28.13 -12.18
CA MET D 365 -27.79 -29.35 -12.89
C MET D 365 -27.92 -29.08 -14.39
N GLU D 366 -28.52 -27.94 -14.75
CA GLU D 366 -28.62 -27.57 -16.16
C GLU D 366 -27.24 -27.41 -16.78
N ILE D 367 -26.33 -26.73 -16.07
CA ILE D 367 -24.99 -26.50 -16.59
C ILE D 367 -24.26 -27.82 -16.80
N LYS D 368 -24.32 -28.71 -15.79
CA LYS D 368 -23.62 -29.98 -15.91
C LYS D 368 -24.22 -30.86 -16.99
N ALA D 369 -25.55 -30.88 -17.11
CA ALA D 369 -26.18 -31.73 -18.11
C ALA D 369 -25.80 -31.31 -19.53
N LYS D 370 -25.80 -30.01 -19.80
CA LYS D 370 -25.46 -29.48 -21.11
C LYS D 370 -23.97 -29.14 -21.24
N ASN D 371 -23.17 -29.41 -20.20
CA ASN D 371 -21.71 -29.33 -20.27
C ASN D 371 -21.23 -27.90 -20.56
N LEU D 372 -21.79 -26.94 -19.84
CA LEU D 372 -21.36 -25.55 -19.94
C LEU D 372 -20.22 -25.25 -18.97
N THR D 373 -19.63 -24.06 -19.13
CA THR D 373 -18.64 -23.53 -18.20
C THR D 373 -18.94 -22.09 -17.78
N ASN D 374 -20.16 -21.60 -18.01
CA ASN D 374 -20.54 -20.23 -17.66
C ASN D 374 -21.25 -20.25 -16.30
N TYR D 375 -20.46 -20.11 -15.24
CA TYR D 375 -20.90 -20.34 -13.87
C TYR D 375 -21.38 -19.08 -13.14
N ASP D 376 -21.48 -17.94 -13.81
CA ASP D 376 -21.69 -16.67 -13.10
C ASP D 376 -22.99 -16.69 -12.29
N LEU D 377 -24.13 -16.88 -12.96
CA LEU D 377 -25.41 -16.73 -12.28
C LEU D 377 -25.62 -17.83 -11.24
N CYS D 378 -25.24 -19.07 -11.56
CA CYS D 378 -25.39 -20.16 -10.61
C CYS D 378 -24.53 -19.93 -9.38
N SER D 379 -23.31 -19.44 -9.58
CA SER D 379 -22.45 -19.12 -8.44
C SER D 379 -23.09 -18.05 -7.57
N ILE D 380 -23.71 -17.05 -8.19
CA ILE D 380 -24.34 -15.98 -7.41
C ILE D 380 -25.47 -16.55 -6.56
N PHE D 381 -26.36 -17.35 -7.15
CA PHE D 381 -27.44 -17.90 -6.36
C PHE D 381 -26.94 -18.78 -5.23
N LEU D 382 -26.01 -19.69 -5.53
CA LEU D 382 -25.54 -20.60 -4.49
C LEU D 382 -24.80 -19.86 -3.37
N GLY D 383 -23.96 -18.89 -3.74
CA GLY D 383 -23.22 -18.14 -2.74
C GLY D 383 -24.11 -17.29 -1.85
N THR D 384 -25.07 -16.58 -2.45
CA THR D 384 -25.97 -15.77 -1.63
C THR D 384 -26.86 -16.65 -0.75
N SER D 385 -27.30 -17.79 -1.28
CA SER D 385 -28.07 -18.71 -0.45
C SER D 385 -27.26 -19.21 0.73
N THR D 386 -25.99 -19.56 0.50
CA THR D 386 -25.14 -19.99 1.61
C THR D 386 -24.91 -18.86 2.61
N LEU D 387 -24.72 -17.65 2.12
CA LEU D 387 -24.58 -16.49 3.01
C LEU D 387 -25.79 -16.36 3.93
N LEU D 388 -26.99 -16.40 3.35
CA LEU D 388 -28.19 -16.26 4.17
C LEU D 388 -28.37 -17.46 5.10
N VAL D 389 -27.98 -18.66 4.67
CA VAL D 389 -28.11 -19.83 5.53
C VAL D 389 -27.22 -19.69 6.77
N TRP D 390 -25.97 -19.26 6.57
CA TRP D 390 -25.09 -19.10 7.73
C TRP D 390 -25.46 -17.88 8.56
N VAL D 391 -26.09 -16.87 7.98
CA VAL D 391 -26.65 -15.79 8.79
C VAL D 391 -27.78 -16.32 9.67
N GLY D 392 -28.59 -17.24 9.13
CA GLY D 392 -29.72 -17.78 9.87
C GLY D 392 -29.34 -18.58 11.11
N VAL D 393 -28.07 -18.94 11.27
CA VAL D 393 -27.63 -19.68 12.45
C VAL D 393 -27.76 -18.82 13.71
N ILE D 394 -27.68 -17.50 13.58
CA ILE D 394 -27.78 -16.59 14.72
C ILE D 394 -29.09 -16.81 15.47
N ARG D 395 -30.11 -17.32 14.77
CA ARG D 395 -31.38 -17.65 15.42
C ARG D 395 -31.19 -18.57 16.61
N TYR D 396 -30.22 -19.49 16.54
CA TYR D 396 -30.00 -20.48 17.58
C TYR D 396 -29.05 -20.02 18.67
N LEU D 397 -28.26 -18.97 18.43
CA LEU D 397 -27.44 -18.41 19.49
C LEU D 397 -28.28 -17.58 20.46
N GLY D 398 -29.37 -16.99 19.99
CA GLY D 398 -30.19 -16.15 20.85
C GLY D 398 -30.83 -16.88 22.02
N TYR D 399 -30.91 -18.21 21.95
CA TYR D 399 -31.53 -18.97 23.03
C TYR D 399 -30.66 -19.07 24.27
N PHE D 400 -29.35 -18.91 24.12
CA PHE D 400 -28.40 -19.26 25.17
C PHE D 400 -28.13 -18.14 26.17
N GLN D 401 -28.78 -16.97 26.00
CA GLN D 401 -28.55 -15.79 26.81
C GLN D 401 -27.11 -15.27 26.64
N ALA D 402 -26.90 -14.00 26.95
CA ALA D 402 -25.59 -13.34 26.93
C ALA D 402 -25.10 -13.16 25.51
N TYR D 403 -25.79 -13.78 24.54
CA TYR D 403 -25.74 -13.32 23.15
C TYR D 403 -26.96 -12.46 22.83
N ASN D 404 -28.01 -12.57 23.65
CA ASN D 404 -29.29 -11.96 23.33
C ASN D 404 -29.18 -10.43 23.31
N VAL D 405 -28.46 -9.86 24.26
CA VAL D 405 -28.32 -8.40 24.27
C VAL D 405 -27.54 -7.93 23.05
N LEU D 406 -26.55 -8.70 22.60
CA LEU D 406 -25.79 -8.33 21.41
C LEU D 406 -26.66 -8.41 20.16
N ILE D 407 -27.46 -9.48 20.05
CA ILE D 407 -28.33 -9.62 18.89
C ILE D 407 -29.40 -8.53 18.87
N LEU D 408 -29.97 -8.24 20.04
CA LEU D 408 -30.96 -7.16 20.13
C LEU D 408 -30.36 -5.81 19.81
N THR D 409 -29.10 -5.58 20.19
CA THR D 409 -28.42 -4.33 19.84
C THR D 409 -28.22 -4.24 18.33
N MET D 410 -27.80 -5.35 17.71
CA MET D 410 -27.63 -5.37 16.26
C MET D 410 -28.95 -5.07 15.55
N GLN D 411 -30.03 -5.71 16.01
CA GLN D 411 -31.33 -5.52 15.36
C GLN D 411 -31.86 -4.11 15.58
N ALA D 412 -31.60 -3.53 16.75
CA ALA D 412 -32.13 -2.21 17.08
C ALA D 412 -31.31 -1.06 16.49
N SER D 413 -30.13 -1.35 15.94
CA SER D 413 -29.24 -0.28 15.48
C SER D 413 -29.41 0.06 14.01
N LEU D 414 -29.89 -0.88 13.19
CA LEU D 414 -30.13 -0.58 11.78
C LEU D 414 -31.11 0.58 11.57
N PRO D 415 -32.26 0.65 12.26
CA PRO D 415 -33.20 1.75 11.99
C PRO D 415 -32.64 3.15 12.25
N LYS D 416 -31.41 3.28 12.73
CA LYS D 416 -30.83 4.61 12.94
C LYS D 416 -29.53 4.78 12.17
N VAL D 417 -28.76 3.70 12.02
CA VAL D 417 -27.59 3.75 11.15
C VAL D 417 -28.02 4.00 9.72
N LEU D 418 -29.05 3.30 9.26
CA LEU D 418 -29.51 3.50 7.89
C LEU D 418 -30.14 4.87 7.69
N ARG D 419 -30.76 5.44 8.73
CA ARG D 419 -31.27 6.81 8.62
C ARG D 419 -30.15 7.84 8.62
N PHE D 420 -29.07 7.57 9.36
CA PHE D 420 -27.91 8.45 9.27
C PHE D 420 -27.27 8.39 7.89
N CYS D 421 -27.31 7.22 7.26
CA CYS D 421 -26.68 7.08 5.96
C CYS D 421 -27.28 7.98 4.90
N ALA D 422 -28.55 8.40 5.03
CA ALA D 422 -29.12 9.32 4.05
C ALA D 422 -28.52 10.72 4.16
N CYS D 423 -28.48 11.24 5.39
CA CYS D 423 -27.88 12.55 5.62
C CYS D 423 -26.41 12.56 5.21
N ALA D 424 -25.69 11.47 5.53
CA ALA D 424 -24.30 11.38 5.10
C ALA D 424 -24.19 11.21 3.59
N GLY D 425 -25.13 10.51 2.97
CA GLY D 425 -25.04 10.21 1.55
C GLY D 425 -25.27 11.44 0.69
N MET D 426 -26.09 12.38 1.17
CA MET D 426 -26.26 13.60 0.40
C MET D 426 -24.93 14.35 0.25
N ILE D 427 -24.20 14.47 1.36
CA ILE D 427 -22.88 15.10 1.34
C ILE D 427 -21.92 14.27 0.49
N TYR D 428 -22.00 12.94 0.62
CA TYR D 428 -21.11 12.05 -0.10
C TYR D 428 -21.32 12.18 -1.60
N LEU D 429 -22.58 12.31 -2.04
CA LEU D 429 -22.89 12.53 -3.45
C LEU D 429 -22.37 13.88 -3.93
N GLY D 430 -22.54 14.92 -3.12
CA GLY D 430 -22.00 16.23 -3.49
C GLY D 430 -20.50 16.18 -3.72
N TYR D 431 -19.77 15.58 -2.79
CA TYR D 431 -18.33 15.43 -2.97
C TYR D 431 -17.98 14.52 -4.14
N THR D 432 -18.80 13.50 -4.42
CA THR D 432 -18.52 12.65 -5.57
C THR D 432 -18.59 13.45 -6.87
N PHE D 433 -19.65 14.23 -7.05
CA PHE D 433 -19.76 15.03 -8.26
C PHE D 433 -18.65 16.06 -8.35
N CYS D 434 -18.36 16.76 -7.25
CA CYS D 434 -17.33 17.80 -7.32
C CYS D 434 -15.96 17.21 -7.61
N GLY D 435 -15.62 16.10 -6.95
CA GLY D 435 -14.34 15.47 -7.20
C GLY D 435 -14.22 14.97 -8.63
N TRP D 436 -15.28 14.35 -9.14
CA TRP D 436 -15.21 13.85 -10.52
C TRP D 436 -15.02 14.99 -11.50
N ILE D 437 -15.73 16.10 -11.33
CA ILE D 437 -15.62 17.17 -12.31
C ILE D 437 -14.29 17.91 -12.18
N VAL D 438 -13.75 18.07 -10.98
CA VAL D 438 -12.55 18.89 -10.81
C VAL D 438 -11.27 18.06 -10.92
N LEU D 439 -11.12 17.03 -10.10
CA LEU D 439 -9.88 16.27 -10.05
C LEU D 439 -9.79 15.18 -11.10
N GLY D 440 -10.87 14.93 -11.85
CA GLY D 440 -10.90 13.85 -12.81
C GLY D 440 -9.86 13.91 -13.90
N PRO D 441 -9.66 15.05 -14.58
CA PRO D 441 -8.60 15.13 -15.59
C PRO D 441 -7.20 15.05 -15.03
N TYR D 442 -7.02 15.10 -13.71
CA TYR D 442 -5.70 15.26 -13.12
C TYR D 442 -5.35 14.18 -12.10
N HIS D 443 -6.19 13.17 -11.91
CA HIS D 443 -5.98 12.22 -10.83
C HIS D 443 -6.52 10.87 -11.27
N ASP D 444 -5.71 9.82 -11.12
CA ASP D 444 -6.08 8.52 -11.64
C ASP D 444 -7.30 7.93 -10.92
N LYS D 445 -7.48 8.27 -9.65
CA LYS D 445 -8.58 7.71 -8.88
C LYS D 445 -9.91 8.37 -9.18
N PHE D 446 -9.92 9.56 -9.80
CA PHE D 446 -11.14 10.32 -10.00
C PHE D 446 -11.61 10.31 -11.45
N GLU D 447 -11.24 9.29 -12.23
CA GLU D 447 -11.52 9.31 -13.65
C GLU D 447 -13.02 9.29 -13.95
N ASN D 448 -13.80 8.57 -13.15
CA ASN D 448 -15.23 8.46 -13.40
C ASN D 448 -15.98 8.30 -12.07
N LEU D 449 -17.29 8.55 -12.13
CA LEU D 449 -18.10 8.63 -10.91
C LEU D 449 -18.03 7.36 -10.08
N ASN D 450 -17.96 6.19 -10.70
CA ASN D 450 -17.85 4.95 -9.96
C ASN D 450 -16.55 4.89 -9.17
N THR D 451 -15.43 5.19 -9.83
CA THR D 451 -14.14 5.16 -9.15
C THR D 451 -14.05 6.27 -8.11
N VAL D 452 -14.67 7.42 -8.36
CA VAL D 452 -14.72 8.49 -7.36
C VAL D 452 -15.47 8.01 -6.12
N ALA D 453 -16.60 7.34 -6.32
CA ALA D 453 -17.37 6.82 -5.19
C ALA D 453 -16.54 5.81 -4.39
N GLU D 454 -15.86 4.89 -5.09
CA GLU D 454 -15.06 3.90 -4.39
C GLU D 454 -13.90 4.56 -3.64
N CYS D 455 -13.26 5.55 -4.26
CA CYS D 455 -12.14 6.24 -3.61
C CYS D 455 -12.60 6.98 -2.36
N LEU D 456 -13.72 7.70 -2.46
CA LEU D 456 -14.22 8.41 -1.29
C LEU D 456 -14.64 7.45 -0.19
N PHE D 457 -15.27 6.34 -0.56
CA PHE D 457 -15.65 5.35 0.45
C PHE D 457 -14.42 4.75 1.12
N SER D 458 -13.34 4.55 0.37
CA SER D 458 -12.09 4.11 0.98
C SER D 458 -11.53 5.18 1.93
N LEU D 459 -11.60 6.45 1.53
CA LEU D 459 -11.05 7.53 2.34
C LEU D 459 -11.81 7.67 3.65
N VAL D 460 -13.12 7.48 3.63
CA VAL D 460 -13.90 7.52 4.86
C VAL D 460 -13.38 6.48 5.85
N ASN D 461 -13.00 5.32 5.35
CA ASN D 461 -12.42 4.27 6.18
C ASN D 461 -10.91 4.38 6.34
N GLY D 462 -10.32 5.47 5.85
CA GLY D 462 -8.93 5.77 6.11
C GLY D 462 -7.92 5.06 5.24
N ASP D 463 -8.34 4.39 4.18
CA ASP D 463 -7.43 3.60 3.36
C ASP D 463 -6.71 4.46 2.31
N ASP D 464 -5.43 4.13 2.10
CA ASP D 464 -4.64 4.61 0.96
C ASP D 464 -4.76 6.13 0.80
N MET D 465 -4.46 6.84 1.88
CA MET D 465 -4.72 8.28 1.94
C MET D 465 -3.54 9.12 1.44
N PHE D 466 -2.32 8.78 1.84
CA PHE D 466 -1.17 9.59 1.42
C PHE D 466 -0.99 9.54 -0.10
N ALA D 467 -1.22 8.37 -0.71
CA ALA D 467 -1.15 8.28 -2.15
C ALA D 467 -2.20 9.14 -2.82
N THR D 468 -3.38 9.25 -2.19
CA THR D 468 -4.44 10.08 -2.74
C THR D 468 -4.03 11.55 -2.80
N PHE D 469 -3.29 12.02 -1.79
CA PHE D 469 -2.75 13.37 -1.83
C PHE D 469 -1.66 13.51 -2.89
N ALA D 470 -0.72 12.57 -2.93
CA ALA D 470 0.49 12.72 -3.71
C ALA D 470 0.30 12.42 -5.19
N GLN D 471 -0.81 11.78 -5.57
CA GLN D 471 -0.95 11.25 -6.93
C GLN D 471 -1.33 12.31 -7.95
N ILE D 472 -1.67 13.53 -7.51
CA ILE D 472 -2.06 14.61 -8.41
C ILE D 472 -0.86 15.53 -8.60
N GLN D 473 -0.49 15.75 -9.86
CA GLN D 473 0.65 16.60 -10.17
C GLN D 473 0.31 18.08 -10.01
N GLN D 474 1.34 18.89 -9.80
CA GLN D 474 1.21 20.32 -9.53
C GLN D 474 1.24 21.11 -10.83
N LYS D 475 0.83 20.49 -11.93
CA LYS D 475 0.86 21.16 -13.23
C LYS D 475 0.06 22.45 -13.20
N SER D 476 -1.12 22.43 -12.61
CA SER D 476 -1.95 23.62 -12.44
C SER D 476 -2.07 23.93 -10.95
N ILE D 477 -1.64 25.11 -10.54
CA ILE D 477 -1.63 25.46 -9.12
C ILE D 477 -3.05 25.63 -8.59
N LEU D 478 -3.97 26.15 -9.42
CA LEU D 478 -5.33 26.36 -8.97
C LEU D 478 -6.01 25.03 -8.63
N VAL D 479 -5.88 24.05 -9.52
CA VAL D 479 -6.50 22.75 -9.30
C VAL D 479 -5.84 22.04 -8.13
N TRP D 480 -4.53 22.21 -7.96
CA TRP D 480 -3.83 21.60 -6.84
C TRP D 480 -4.29 22.17 -5.51
N LEU D 481 -4.41 23.50 -5.43
CA LEU D 481 -4.91 24.13 -4.22
C LEU D 481 -6.33 23.67 -3.91
N PHE D 482 -7.17 23.60 -4.95
CA PHE D 482 -8.53 23.07 -4.73
C PHE D 482 -8.49 21.63 -4.27
N SER D 483 -7.55 20.84 -4.79
CA SER D 483 -7.43 19.45 -4.37
C SER D 483 -7.08 19.33 -2.90
N ARG D 484 -6.18 20.17 -2.41
CA ARG D 484 -5.87 20.18 -0.99
C ARG D 484 -7.07 20.61 -0.15
N LEU D 485 -7.75 21.68 -0.57
CA LEU D 485 -8.96 22.09 0.14
C LEU D 485 -9.98 20.96 0.20
N TYR D 486 -10.24 20.34 -0.95
CA TYR D 486 -11.21 19.26 -1.07
C TYR D 486 -10.85 18.09 -0.17
N LEU D 487 -9.60 17.62 -0.24
CA LEU D 487 -9.22 16.42 0.49
C LEU D 487 -9.21 16.67 1.99
N TYR D 488 -8.64 17.79 2.44
CA TYR D 488 -8.68 18.07 3.88
C TYR D 488 -10.11 18.22 4.39
N SER D 489 -10.96 18.94 3.66
CA SER D 489 -12.33 19.12 4.11
C SER D 489 -13.06 17.79 4.20
N PHE D 490 -12.99 16.98 3.15
CA PHE D 490 -13.68 15.70 3.14
C PHE D 490 -13.18 14.79 4.25
N ILE D 491 -11.87 14.62 4.36
CA ILE D 491 -11.33 13.67 5.33
C ILE D 491 -11.66 14.12 6.74
N SER D 492 -11.50 15.41 7.03
CA SER D 492 -11.86 15.88 8.37
C SER D 492 -13.33 15.62 8.65
N LEU D 493 -14.22 16.04 7.75
CA LEU D 493 -15.65 15.97 8.00
C LEU D 493 -16.12 14.55 8.21
N PHE D 494 -15.61 13.60 7.41
CA PHE D 494 -16.12 12.24 7.52
C PHE D 494 -15.41 11.43 8.60
N ILE D 495 -14.08 11.55 8.74
CA ILE D 495 -13.40 10.73 9.73
C ILE D 495 -13.63 11.26 11.14
N TYR D 496 -13.42 12.55 11.38
CA TYR D 496 -13.45 13.01 12.76
C TYR D 496 -14.86 13.31 13.28
N MET D 497 -15.86 13.42 12.41
CA MET D 497 -17.21 13.67 12.91
C MET D 497 -18.22 12.59 12.53
N ILE D 498 -18.37 12.35 11.23
CA ILE D 498 -19.42 11.46 10.75
C ILE D 498 -19.13 10.02 11.16
N LEU D 499 -17.88 9.58 10.96
CA LEU D 499 -17.52 8.22 11.32
C LEU D 499 -17.69 7.97 12.81
N SER D 500 -17.37 8.97 13.63
CA SER D 500 -17.55 8.84 15.07
C SER D 500 -19.02 8.88 15.49
N LEU D 501 -19.90 9.45 14.64
CA LEU D 501 -21.30 9.40 15.02
C LEU D 501 -21.87 7.99 14.98
N PHE D 502 -21.32 7.11 14.13
CA PHE D 502 -21.68 5.70 14.20
C PHE D 502 -21.28 5.11 15.56
N ILE D 503 -20.09 5.45 16.06
CA ILE D 503 -19.69 4.96 17.37
C ILE D 503 -20.67 5.45 18.44
N ALA D 504 -21.04 6.73 18.36
CA ALA D 504 -22.00 7.28 19.32
C ALA D 504 -23.32 6.53 19.28
N LEU D 505 -23.87 6.36 18.07
CA LEU D 505 -25.17 5.70 17.92
C LEU D 505 -25.13 4.27 18.42
N ILE D 506 -24.10 3.52 18.03
CA ILE D 506 -24.02 2.11 18.41
C ILE D 506 -23.84 1.97 19.92
N THR D 507 -22.97 2.80 20.51
CA THR D 507 -22.74 2.72 21.95
C THR D 507 -24.01 3.04 22.73
N ASP D 508 -24.72 4.09 22.32
CA ASP D 508 -25.95 4.44 23.04
C ASP D 508 -27.07 3.45 22.80
N SER D 509 -27.15 2.83 21.62
CA SER D 509 -28.14 1.78 21.41
C SER D 509 -27.84 0.57 22.30
N TYR D 510 -26.55 0.31 22.52
CA TYR D 510 -26.12 -0.78 23.43
C TYR D 510 -26.71 -0.53 24.81
N ASP D 511 -26.48 0.65 25.39
CA ASP D 511 -26.91 0.92 26.78
C ASP D 511 -28.43 0.81 26.92
N THR D 512 -29.23 1.29 25.98
CA THR D 512 -30.71 1.10 26.13
C THR D 512 -31.04 -0.37 26.33
N ILE D 513 -30.57 -1.24 25.43
CA ILE D 513 -30.88 -2.70 25.50
C ILE D 513 -30.32 -3.25 26.81
N LYS D 514 -29.09 -2.89 27.16
CA LYS D 514 -28.49 -3.35 28.43
C LYS D 514 -29.38 -2.87 29.58
N LYS D 515 -29.80 -1.60 29.55
CA LYS D 515 -30.58 -1.18 30.71
C LYS D 515 -32.01 -1.73 30.67
N PHE D 516 -32.56 -1.93 29.47
CA PHE D 516 -33.84 -2.61 29.35
C PHE D 516 -33.75 -4.05 29.85
N GLN D 517 -32.68 -4.76 29.48
CA GLN D 517 -32.56 -6.17 29.87
C GLN D 517 -32.41 -6.30 31.39
N GLN D 518 -31.67 -5.37 32.01
CA GLN D 518 -31.46 -5.44 33.45
C GLN D 518 -32.70 -4.98 34.22
N ASN D 519 -33.41 -3.98 33.71
CA ASN D 519 -34.62 -3.51 34.38
C ASN D 519 -35.79 -4.46 34.17
N GLY D 520 -35.90 -5.06 32.99
CA GLY D 520 -36.99 -5.97 32.68
C GLY D 520 -38.29 -5.26 32.43
#